data_8SXN
#
_entry.id   8SXN
#
_cell.length_a   1.00
_cell.length_b   1.00
_cell.length_c   1.00
_cell.angle_alpha   90.00
_cell.angle_beta   90.00
_cell.angle_gamma   90.00
#
_symmetry.space_group_name_H-M   'P 1'
#
loop_
_entity.id
_entity.type
_entity.pdbx_description
1 polymer 'Serine/threonine-protein kinase Nek7'
2 polymer 'NACHT, LRR and PYD domains-containing protein 3'
3 non-polymer 1-[4-(2-oxidanylpropan-2-yl)furan-2-yl]sulfonyl-3-(1,2,3,5-tetrahydro-s-indacen-4-yl)urea
4 non-polymer "ADENOSINE-5'-TRIPHOSPHATE"
#
loop_
_entity_poly.entity_id
_entity_poly.type
_entity_poly.pdbx_seq_one_letter_code
_entity_poly.pdbx_strand_id
1 'polypeptide(L)'
;MDEQSQGMQGPPVPQFQPQKALRPDMGYNTLANFRIEKKIGRGQFSEVYRAACLLDGVPVALMMVQIFDLMDAKARADCI
KEIDLLKQLNHPNVIKYYASFIEDNELNIVLELADAGDLSRMIKHFKKQKRLIPERTVWKYFVQLCSALEHMHSRRVMHR
DIKPANVFITATGVVKLGDLGLGRFFSSKTTAAHSLVGTPYYMSPERIHENGYNFKSDIWSLGCLLYEMAALQSPFYGDK
MNLYSLCKKIEQCDYPPLPSDHYSEELRQLVNMCINPDPEKRPDVTYVYDVAKRMHACTASS
;
A,B
2 'polypeptide(L)'
;AEYCFNKKDYRKKYRKYVRSRFQCIEDRNARLGESVSLNKRYTRLRLIKEHRSQQEREQELLAIGKTKTCESPVSPIKME
LLFDPDDEHSEPVHTVVFQGAAGIGKTILARKMMLDWASGTLYQDRFDYLFYIHCREVSLVTQRSLGDLIMSCCPDPNPP
IHKIVRKPSRILFLMDGFDELQGAFDEHIGPLCTDWQKAERGDILLSSLIRKKLLPEASLLITTRPVALEKLQHLLDHPR
HVEILGFSEAKRKEYFFKYFSDEAQARAAFSLIQENEVLFTMCFIPLVCWIVCTGLKQQMESGKSLAQTSKTTTAVYVFF
LSSLLQPRGGSQEHGLCAHLWGLCSLAADGIWNQKILFEESDLRNHGLQKADVSAFLRMNLFQKEVDCEKFYSFIHMTFQ
EFFAAMYYLLEEEKEGRTNVPGSRLKLPSRDVTVLLENYGKFEKGYLIFVVRFLFGLVNQERTSYLEKKLSCKISQQIRL
ELLKWIEVKAKAKKLQIQPSQLELFYCLYEMQEEDFVQRAMDYFPKIEINLSTRMDHMVSSFCIENCHRVESLSLGFLHN
MPKEEEEEEKEGRHLDMVQCVLPSSSHAACSHGLVNSHLTSSFCRGLFSVLSTSQSLTELDLSDNSLGDPGMRVLCETLQ
HPGCNIRRLWLGRCGLSHECCFDISLVLSSNQKLVELDLSDNALGDFGIRLLCVGLKHLLCNLKKLWLVSCCLTSACCQD
LASVLSTSHSLTRLYVGENALGDSGVAILCEKAKNPQCNLQKLGLVNSGLTSVCCSALSSVLSTNQNLTHLYLRGNTLGD
KGIKLLCEGLLHPDCKLQVLELDNCNLTSHCCWDLSTLLTSSQSLRKLSLGNNDLGDLGVMMFCEVLKQQSCLLQNLGLS
EMYFNYETKSALETLQEEKPELTVVFEPSW
;
C,D
#
loop_
_chem_comp.id
_chem_comp.type
_chem_comp.name
_chem_comp.formula
7YN non-polymer 1-[4-(2-oxidanylpropan-2-yl)furan-2-yl]sulfonyl-3-(1,2,3,5-tetrahydro-s-indacen-4-yl)urea 'C20 H22 N2 O5 S'
ATP non-polymer ADENOSINE-5'-TRIPHOSPHATE 'C10 H16 N5 O13 P3'
#
# COMPACT_ATOMS: atom_id res chain seq x y z
N GLN A 19 -1.80 25.63 29.61
CA GLN A 19 -2.70 25.37 28.49
C GLN A 19 -4.14 25.66 28.86
N LYS A 20 -4.77 26.56 28.13
CA LYS A 20 -6.16 26.91 28.36
C LYS A 20 -7.07 25.80 27.86
N ALA A 21 -8.20 25.65 28.54
CA ALA A 21 -9.19 24.63 28.19
C ALA A 21 -9.75 24.89 26.81
N LEU A 22 -10.12 23.82 26.12
CA LEU A 22 -10.68 23.93 24.78
C LEU A 22 -12.03 24.60 24.83
N ARG A 23 -12.30 25.46 23.84
CA ARG A 23 -13.56 26.17 23.73
C ARG A 23 -14.09 26.17 22.31
N PRO A 24 -14.67 25.05 21.85
CA PRO A 24 -15.16 24.82 20.50
C PRO A 24 -16.19 25.86 20.09
N ASP A 25 -16.87 26.44 21.08
CA ASP A 25 -17.93 27.40 20.83
C ASP A 25 -17.40 28.74 20.32
N MET A 26 -16.10 28.96 20.49
CA MET A 26 -15.48 30.18 20.01
C MET A 26 -14.70 29.93 18.72
N GLY A 27 -14.86 28.74 18.16
CA GLY A 27 -14.23 28.41 16.89
C GLY A 27 -12.72 28.57 16.95
N TYR A 28 -12.20 29.35 16.01
CA TYR A 28 -10.77 29.58 15.91
C TYR A 28 -10.42 31.01 16.33
N ASN A 29 -11.27 31.59 17.17
CA ASN A 29 -11.08 32.97 17.62
C ASN A 29 -10.34 33.09 18.95
N THR A 30 -9.66 32.02 19.33
CA THR A 30 -8.83 32.04 20.53
C THR A 30 -7.67 31.06 20.41
N LEU A 31 -6.57 31.37 21.07
CA LEU A 31 -5.41 30.49 21.05
C LEU A 31 -5.61 29.31 21.97
N ALA A 32 -6.66 29.36 22.77
CA ALA A 32 -6.98 28.27 23.68
C ALA A 32 -7.27 27.01 22.88
N ASN A 33 -7.65 27.18 21.63
CA ASN A 33 -8.02 26.07 20.77
C ASN A 33 -6.87 25.59 19.90
N PHE A 34 -5.66 26.08 20.15
CA PHE A 34 -4.49 25.67 19.39
C PHE A 34 -3.33 25.30 20.30
N ARG A 35 -2.50 24.37 19.86
CA ARG A 35 -1.32 23.99 20.62
C ARG A 35 -0.04 24.25 19.84
N ILE A 36 0.74 25.22 20.30
CA ILE A 36 1.99 25.54 19.63
C ILE A 36 3.04 24.51 19.96
N GLU A 37 3.67 23.97 18.93
CA GLU A 37 4.69 22.95 19.12
C GLU A 37 6.07 23.57 19.02
N LYS A 38 6.19 24.58 18.16
CA LYS A 38 7.46 25.28 18.00
C LYS A 38 7.30 26.53 17.15
N LYS A 39 8.31 27.40 17.19
CA LYS A 39 8.38 28.52 16.27
C LYS A 39 8.88 28.03 14.92
N ILE A 40 8.30 28.55 13.84
CA ILE A 40 8.69 28.11 12.51
C ILE A 40 9.29 29.24 11.66
N GLY A 41 9.09 30.49 12.09
CA GLY A 41 9.66 31.62 11.35
C GLY A 41 9.50 32.92 12.14
N ARG A 42 10.12 33.98 11.63
CA ARG A 42 10.06 35.26 12.28
C ARG A 42 10.05 36.42 11.30
N GLY A 43 9.17 37.39 11.54
CA GLY A 43 9.14 38.61 10.77
C GLY A 43 9.65 39.75 11.62
N GLN A 44 9.46 40.98 11.17
CA GLN A 44 9.92 42.12 11.96
C GLN A 44 8.78 42.73 12.76
N PHE A 45 7.56 42.51 12.27
CA PHE A 45 6.36 43.00 12.93
C PHE A 45 5.54 41.84 13.50
N SER A 46 6.05 40.63 13.29
CA SER A 46 5.32 39.43 13.66
C SER A 46 6.23 38.21 13.84
N GLU A 47 5.69 37.18 14.46
CA GLU A 47 6.36 35.88 14.60
C GLU A 47 5.46 34.79 14.03
N VAL A 48 6.06 33.72 13.54
CA VAL A 48 5.27 32.65 12.96
C VAL A 48 5.50 31.34 13.70
N TYR A 49 4.41 30.75 14.19
CA TYR A 49 4.50 29.52 14.95
C TYR A 49 3.81 28.34 14.29
N ARG A 50 4.34 27.16 14.53
CA ARG A 50 3.72 25.92 14.06
C ARG A 50 2.88 25.34 15.18
N ALA A 51 1.60 25.14 14.92
CA ALA A 51 0.68 24.68 15.94
C ALA A 51 -0.36 23.74 15.36
N ALA A 52 -0.94 22.90 16.21
CA ALA A 52 -2.05 22.07 15.77
C ALA A 52 -3.33 22.56 16.39
N CYS A 53 -4.42 22.49 15.65
CA CYS A 53 -5.72 22.86 16.20
C CYS A 53 -6.22 21.76 17.13
N LEU A 54 -6.61 22.17 18.33
CA LEU A 54 -7.06 21.23 19.35
C LEU A 54 -8.49 20.79 19.14
N LEU A 55 -9.19 21.44 18.23
CA LEU A 55 -10.58 21.13 17.98
C LEU A 55 -10.75 20.08 16.90
N ASP A 56 -9.81 20.02 15.96
CA ASP A 56 -9.95 19.13 14.82
C ASP A 56 -8.66 18.44 14.38
N GLY A 57 -7.55 18.70 15.07
CA GLY A 57 -6.29 18.00 14.80
C GLY A 57 -5.54 18.53 13.59
N VAL A 58 -6.06 19.56 12.95
CA VAL A 58 -5.44 20.10 11.74
C VAL A 58 -4.22 20.97 12.06
N PRO A 59 -3.05 20.67 11.48
CA PRO A 59 -1.84 21.48 11.56
C PRO A 59 -2.08 22.84 10.92
N VAL A 60 -1.74 23.90 11.64
CA VAL A 60 -1.91 25.26 11.13
C VAL A 60 -0.67 26.12 11.35
N ALA A 61 -0.63 27.22 10.62
CA ALA A 61 0.41 28.22 10.81
C ALA A 61 -0.19 29.39 11.57
N LEU A 62 0.42 29.72 12.69
CA LEU A 62 -0.08 30.83 13.49
C LEU A 62 0.80 32.05 13.32
N MET A 63 0.21 33.14 12.84
CA MET A 63 0.95 34.36 12.67
C MET A 63 0.61 35.32 13.81
N MET A 64 1.61 35.59 14.65
CA MET A 64 1.42 36.47 15.79
C MET A 64 1.94 37.85 15.49
N VAL A 65 1.05 38.81 15.46
CA VAL A 65 1.41 40.17 15.11
C VAL A 65 1.37 41.07 16.32
N GLN A 66 2.45 41.79 16.57
CA GLN A 66 2.47 42.70 17.69
C GLN A 66 2.43 44.13 17.18
N ILE A 67 1.25 44.70 17.21
CA ILE A 67 1.05 46.03 16.66
C ILE A 67 0.74 47.03 17.76
N PHE A 68 0.58 46.54 18.99
CA PHE A 68 0.15 47.42 20.08
C PHE A 68 1.24 48.38 20.49
N ASP A 69 2.49 48.03 20.23
CA ASP A 69 3.60 48.91 20.55
C ASP A 69 3.90 49.86 19.39
N LEU A 70 3.13 49.74 18.31
CA LEU A 70 3.35 50.53 17.12
C LEU A 70 2.14 51.39 16.78
N MET A 71 0.95 50.85 17.00
CA MET A 71 -0.29 51.52 16.66
C MET A 71 -1.25 51.54 17.83
N ASP A 72 -2.00 52.62 17.96
CA ASP A 72 -3.05 52.69 18.96
C ASP A 72 -4.35 52.14 18.37
N ALA A 73 -5.45 52.25 19.11
CA ALA A 73 -6.72 51.69 18.66
C ALA A 73 -7.17 52.30 17.33
N LYS A 74 -6.82 53.56 17.10
CA LYS A 74 -7.22 54.26 15.87
C LYS A 74 -6.35 53.82 14.70
N ALA A 75 -5.04 53.90 14.86
CA ALA A 75 -4.10 53.55 13.80
C ALA A 75 -4.25 52.08 13.43
N ARG A 76 -4.54 51.25 14.41
CA ARG A 76 -4.71 49.81 14.21
C ARG A 76 -5.79 49.50 13.19
N ALA A 77 -6.77 50.40 13.06
CA ALA A 77 -7.91 50.18 12.18
C ALA A 77 -7.46 50.01 10.73
N ASP A 78 -6.31 50.57 10.40
CA ASP A 78 -5.78 50.52 9.05
C ASP A 78 -5.42 49.09 8.65
N CYS A 79 -5.31 48.22 9.64
CA CYS A 79 -4.89 46.85 9.40
C CYS A 79 -6.08 45.92 9.17
N ILE A 80 -7.29 46.43 9.39
CA ILE A 80 -8.48 45.60 9.29
C ILE A 80 -8.79 45.27 7.84
N LYS A 81 -8.73 46.28 6.99
CA LYS A 81 -9.07 46.08 5.59
C LYS A 81 -8.21 45.00 4.97
N GLU A 82 -6.93 44.97 5.33
CA GLU A 82 -6.02 44.02 4.72
C GLU A 82 -6.40 42.59 5.06
N ILE A 83 -6.73 42.32 6.33
CA ILE A 83 -7.08 40.95 6.67
C ILE A 83 -8.48 40.58 6.16
N ASP A 84 -9.42 41.51 6.23
CA ASP A 84 -10.75 41.22 5.76
C ASP A 84 -10.74 40.87 4.28
N LEU A 85 -9.88 41.52 3.52
CA LEU A 85 -9.75 41.25 2.10
C LEU A 85 -9.06 39.90 1.84
N LEU A 86 -7.98 39.63 2.57
CA LEU A 86 -7.24 38.39 2.38
C LEU A 86 -8.08 37.16 2.71
N LYS A 87 -8.95 37.29 3.70
CA LYS A 87 -9.83 36.20 4.10
C LYS A 87 -10.82 35.79 3.02
N GLN A 88 -10.95 36.60 1.97
CA GLN A 88 -11.91 36.31 0.92
C GLN A 88 -11.32 35.42 -0.17
N LEU A 89 -10.03 35.13 -0.07
CA LEU A 89 -9.36 34.31 -1.07
C LEU A 89 -9.68 32.84 -0.89
N ASN A 90 -9.78 32.11 -2.01
CA ASN A 90 -10.08 30.68 -1.97
C ASN A 90 -9.56 29.98 -3.21
N HIS A 91 -8.39 29.35 -3.10
CA HIS A 91 -7.74 28.75 -4.25
C HIS A 91 -6.74 27.70 -3.80
N PRO A 92 -6.62 26.56 -4.50
CA PRO A 92 -5.72 25.47 -4.20
C PRO A 92 -4.24 25.86 -4.20
N ASN A 93 -3.89 26.96 -4.87
CA ASN A 93 -2.49 27.37 -4.91
C ASN A 93 -2.24 28.59 -4.01
N VAL A 94 -3.18 28.86 -3.11
CA VAL A 94 -3.07 29.99 -2.18
C VAL A 94 -3.23 29.50 -0.73
N ILE A 95 -2.38 30.00 0.17
CA ILE A 95 -2.50 29.62 1.58
C ILE A 95 -3.81 30.16 2.13
N LYS A 96 -4.64 29.27 2.68
CA LYS A 96 -5.95 29.67 3.19
C LYS A 96 -5.93 30.39 4.52
N TYR A 97 -6.81 31.37 4.65
CA TYR A 97 -7.03 32.09 5.90
C TYR A 97 -8.23 31.48 6.59
N TYR A 98 -8.08 31.14 7.86
CA TYR A 98 -9.17 30.53 8.59
C TYR A 98 -9.82 31.47 9.58
N ALA A 99 -9.00 32.24 10.27
CA ALA A 99 -9.54 33.12 11.30
C ALA A 99 -8.56 34.20 11.69
N SER A 100 -9.08 35.25 12.31
CA SER A 100 -8.26 36.28 12.91
C SER A 100 -8.96 36.82 14.14
N PHE A 101 -8.18 37.11 15.17
CA PHE A 101 -8.73 37.62 16.42
C PHE A 101 -7.70 38.36 17.25
N ILE A 102 -8.18 39.14 18.22
CA ILE A 102 -7.28 39.82 19.14
C ILE A 102 -7.55 39.41 20.58
N GLU A 103 -6.49 38.98 21.26
CA GLU A 103 -6.57 38.63 22.67
C GLU A 103 -5.21 38.85 23.30
N ASP A 104 -5.18 39.12 24.61
CA ASP A 104 -3.92 39.33 25.32
C ASP A 104 -3.05 40.38 24.62
N ASN A 105 -3.69 41.43 24.11
CA ASN A 105 -3.01 42.51 23.42
C ASN A 105 -2.12 42.00 22.29
N GLU A 106 -2.60 41.01 21.54
CA GLU A 106 -1.87 40.48 20.41
C GLU A 106 -2.82 40.10 19.28
N LEU A 107 -2.37 40.28 18.05
CA LEU A 107 -3.17 39.93 16.89
C LEU A 107 -2.81 38.53 16.41
N ASN A 108 -3.81 37.66 16.35
CA ASN A 108 -3.58 36.27 16.00
C ASN A 108 -4.29 35.86 14.73
N ILE A 109 -3.52 35.44 13.73
CA ILE A 109 -4.09 35.01 12.46
C ILE A 109 -3.81 33.53 12.18
N VAL A 110 -4.87 32.79 11.87
CA VAL A 110 -4.77 31.36 11.62
C VAL A 110 -4.73 31.08 10.12
N LEU A 111 -3.61 30.50 9.68
CA LEU A 111 -3.36 30.22 8.26
C LEU A 111 -3.13 28.75 8.00
N GLU A 112 -3.40 28.31 6.78
CA GLU A 112 -3.06 26.97 6.34
C GLU A 112 -1.55 26.74 6.44
N LEU A 113 -1.16 25.59 6.99
CA LEU A 113 0.25 25.25 7.15
C LEU A 113 0.80 24.57 5.90
N ALA A 114 2.01 24.95 5.51
CA ALA A 114 2.69 24.33 4.37
C ALA A 114 4.17 24.15 4.68
N ASP A 115 4.47 23.27 5.62
CA ASP A 115 5.84 23.09 6.11
C ASP A 115 6.57 21.95 5.41
N ALA A 116 5.95 21.39 4.38
CA ALA A 116 6.56 20.30 3.62
C ALA A 116 7.86 20.74 2.98
N GLY A 117 7.92 22.00 2.55
CA GLY A 117 9.10 22.57 1.92
C GLY A 117 8.73 23.80 1.12
N ASP A 118 9.72 24.42 0.49
CA ASP A 118 9.49 25.63 -0.27
C ASP A 118 10.41 25.74 -1.47
N LEU A 119 10.24 26.82 -2.23
CA LEU A 119 11.04 27.04 -3.42
C LEU A 119 12.49 27.33 -3.07
N SER A 120 12.71 28.00 -1.94
CA SER A 120 14.07 28.34 -1.53
C SER A 120 14.88 27.08 -1.33
N ARG A 121 14.29 26.11 -0.64
CA ARG A 121 14.95 24.83 -0.41
C ARG A 121 15.26 24.14 -1.72
N MET A 122 14.30 24.16 -2.64
CA MET A 122 14.49 23.55 -3.96
C MET A 122 15.69 24.15 -4.67
N ILE A 123 15.79 25.48 -4.64
CA ILE A 123 16.89 26.15 -5.30
C ILE A 123 18.22 25.77 -4.65
N LYS A 124 18.27 25.74 -3.32
CA LYS A 124 19.49 25.36 -2.64
C LYS A 124 19.92 23.94 -3.03
N HIS A 125 18.94 23.05 -3.16
CA HIS A 125 19.18 21.68 -3.56
C HIS A 125 19.86 21.61 -4.92
N PHE A 126 19.33 22.34 -5.89
CA PHE A 126 19.92 22.34 -7.22
C PHE A 126 21.31 22.93 -7.22
N LYS A 127 21.54 23.95 -6.41
CA LYS A 127 22.87 24.52 -6.33
C LYS A 127 23.88 23.48 -5.85
N LYS A 128 23.52 22.72 -4.82
CA LYS A 128 24.41 21.69 -4.28
C LYS A 128 24.76 20.65 -5.32
N GLN A 129 23.80 20.33 -6.19
CA GLN A 129 24.04 19.34 -7.23
C GLN A 129 24.78 19.92 -8.43
N LYS A 130 25.02 21.22 -8.41
CA LYS A 130 25.65 21.88 -9.53
C LYS A 130 24.90 21.57 -10.81
N ARG A 131 23.58 21.61 -10.72
CA ARG A 131 22.73 21.30 -11.87
C ARG A 131 21.65 22.35 -12.03
N LEU A 132 21.33 22.69 -13.28
CA LEU A 132 20.27 23.65 -13.54
C LEU A 132 18.93 22.96 -13.55
N ILE A 133 17.88 23.69 -13.20
CA ILE A 133 16.53 23.13 -13.21
C ILE A 133 16.04 23.00 -14.65
N PRO A 134 15.72 21.79 -15.11
CA PRO A 134 15.18 21.50 -16.41
C PRO A 134 14.05 22.43 -16.71
N GLU A 135 13.93 22.94 -17.92
CA GLU A 135 12.84 23.86 -18.23
C GLU A 135 11.50 23.22 -17.93
N ARG A 136 11.37 21.92 -18.19
CA ARG A 136 10.11 21.23 -17.94
C ARG A 136 9.78 21.20 -16.45
N THR A 137 10.79 21.43 -15.63
CA THR A 137 10.59 21.45 -14.19
C THR A 137 10.42 22.88 -13.69
N VAL A 138 10.86 23.84 -14.50
CA VAL A 138 10.65 25.23 -14.14
C VAL A 138 9.19 25.59 -14.33
N TRP A 139 8.64 25.22 -15.48
CA TRP A 139 7.25 25.53 -15.76
C TRP A 139 6.32 24.80 -14.81
N LYS A 140 6.72 23.60 -14.40
CA LYS A 140 5.92 22.78 -13.52
C LYS A 140 5.46 23.54 -12.28
N TYR A 141 6.34 24.34 -11.71
CA TYR A 141 6.00 25.09 -10.51
C TYR A 141 5.60 26.51 -10.85
N PHE A 142 6.22 27.08 -11.87
CA PHE A 142 5.97 28.46 -12.24
C PHE A 142 4.52 28.69 -12.63
N VAL A 143 3.97 27.77 -13.41
CA VAL A 143 2.59 27.91 -13.87
C VAL A 143 1.62 27.90 -12.70
N GLN A 144 1.94 27.15 -11.64
CA GLN A 144 1.06 27.08 -10.49
C GLN A 144 1.05 28.40 -9.74
N LEU A 145 2.23 29.01 -9.65
CA LEU A 145 2.33 30.30 -8.99
C LEU A 145 1.53 31.33 -9.74
N CYS A 146 1.59 31.28 -11.06
CA CYS A 146 0.86 32.21 -11.89
C CYS A 146 -0.64 32.07 -11.68
N SER A 147 -1.10 30.83 -11.54
CA SER A 147 -2.53 30.59 -11.30
C SER A 147 -2.96 31.26 -10.00
N ALA A 148 -2.15 31.11 -8.97
CA ALA A 148 -2.47 31.70 -7.68
C ALA A 148 -2.56 33.21 -7.78
N LEU A 149 -1.65 33.81 -8.54
CA LEU A 149 -1.65 35.25 -8.68
C LEU A 149 -2.83 35.73 -9.50
N GLU A 150 -3.22 34.97 -10.52
CA GLU A 150 -4.39 35.35 -11.31
C GLU A 150 -5.60 35.43 -10.40
N HIS A 151 -5.73 34.45 -9.53
CA HIS A 151 -6.84 34.40 -8.57
C HIS A 151 -6.89 35.66 -7.73
N MET A 152 -5.74 36.03 -7.19
CA MET A 152 -5.66 37.21 -6.35
C MET A 152 -5.97 38.49 -7.13
N HIS A 153 -5.36 38.64 -8.30
CA HIS A 153 -5.52 39.88 -9.04
C HIS A 153 -6.93 40.08 -9.56
N SER A 154 -7.63 39.00 -9.89
CA SER A 154 -8.99 39.12 -10.40
C SER A 154 -9.92 39.67 -9.32
N ARG A 155 -9.45 39.65 -8.08
CA ARG A 155 -10.20 40.14 -6.94
C ARG A 155 -9.56 41.43 -6.42
N ARG A 156 -8.66 41.98 -7.22
CA ARG A 156 -7.92 43.19 -6.90
C ARG A 156 -7.10 43.07 -5.63
N VAL A 157 -6.52 41.90 -5.42
CA VAL A 157 -5.67 41.69 -4.27
C VAL A 157 -4.21 41.62 -4.70
N MET A 158 -3.39 42.52 -4.18
CA MET A 158 -1.97 42.51 -4.50
C MET A 158 -1.21 41.69 -3.47
N HIS A 159 -0.16 41.01 -3.90
CA HIS A 159 0.62 40.22 -2.96
C HIS A 159 1.66 41.09 -2.26
N ARG A 160 2.46 41.81 -3.04
CA ARG A 160 3.50 42.72 -2.55
C ARG A 160 4.77 42.08 -1.98
N ASP A 161 4.88 40.75 -1.98
CA ASP A 161 6.11 40.13 -1.50
C ASP A 161 6.39 38.77 -2.15
N ILE A 162 6.47 38.77 -3.47
CA ILE A 162 6.65 37.50 -4.16
C ILE A 162 8.13 37.16 -4.30
N LYS A 163 8.51 36.05 -3.70
CA LYS A 163 9.88 35.56 -3.70
C LYS A 163 9.83 34.16 -3.09
N PRO A 164 10.85 33.31 -3.30
CA PRO A 164 10.90 31.92 -2.89
C PRO A 164 10.53 31.72 -1.42
N ALA A 165 10.82 32.71 -0.59
CA ALA A 165 10.51 32.60 0.83
C ALA A 165 9.02 32.35 1.08
N ASN A 166 8.16 32.93 0.25
CA ASN A 166 6.72 32.79 0.45
C ASN A 166 6.11 31.76 -0.48
N VAL A 167 6.95 31.01 -1.19
CA VAL A 167 6.44 30.02 -2.12
C VAL A 167 6.63 28.62 -1.57
N PHE A 168 5.53 28.01 -1.13
CA PHE A 168 5.62 26.74 -0.44
C PHE A 168 5.26 25.60 -1.37
N ILE A 169 5.93 24.47 -1.21
CA ILE A 169 5.68 23.34 -2.07
C ILE A 169 5.32 22.11 -1.23
N THR A 170 4.20 21.48 -1.58
CA THR A 170 3.73 20.32 -0.83
C THR A 170 4.51 19.07 -1.23
N ALA A 171 4.31 17.99 -0.50
CA ALA A 171 4.97 16.73 -0.78
C ALA A 171 4.60 16.21 -2.18
N THR A 172 3.44 16.63 -2.66
CA THR A 172 2.93 16.20 -3.95
C THR A 172 3.35 17.16 -5.07
N GLY A 173 4.14 18.18 -4.71
CA GLY A 173 4.63 19.14 -5.70
C GLY A 173 3.65 20.26 -6.00
N VAL A 174 2.73 20.53 -5.08
CA VAL A 174 1.76 21.58 -5.29
C VAL A 174 2.25 22.89 -4.69
N VAL A 175 2.17 23.95 -5.47
CA VAL A 175 2.64 25.25 -5.03
C VAL A 175 1.55 26.03 -4.31
N LYS A 176 1.89 26.57 -3.17
CA LYS A 176 0.97 27.43 -2.44
C LYS A 176 1.64 28.73 -2.07
N LEU A 177 1.03 29.84 -2.45
CA LEU A 177 1.62 31.14 -2.17
C LEU A 177 1.15 31.69 -0.83
N GLY A 178 2.11 31.91 0.06
CA GLY A 178 1.82 32.44 1.39
C GLY A 178 2.05 33.93 1.40
N ASP A 179 1.85 34.57 2.55
CA ASP A 179 2.02 36.00 2.66
C ASP A 179 2.82 36.39 3.89
N LEU A 180 3.51 35.44 4.49
CA LEU A 180 4.14 35.73 5.77
C LEU A 180 5.01 36.97 5.69
N GLY A 181 5.94 36.98 4.73
CA GLY A 181 6.79 38.13 4.54
C GLY A 181 7.34 38.62 5.87
N LEU A 182 7.34 39.93 6.06
CA LEU A 182 7.80 40.54 7.30
C LEU A 182 6.68 41.37 7.93
N GLY A 183 5.44 41.03 7.64
CA GLY A 183 4.30 41.81 8.16
C GLY A 183 4.13 43.14 7.40
N ARG A 184 4.41 43.11 6.09
CA ARG A 184 4.35 44.28 5.22
C ARG A 184 2.98 44.95 5.21
N PHE A 185 1.95 44.20 5.54
CA PHE A 185 0.60 44.73 5.56
C PHE A 185 0.43 45.70 6.71
N PHE A 186 1.28 45.56 7.71
CA PHE A 186 1.24 46.39 8.90
C PHE A 186 2.26 47.51 8.77
N SER A 187 3.39 47.18 8.16
CA SER A 187 4.46 48.15 7.95
C SER A 187 4.20 48.96 6.69
N SER A 188 3.10 49.69 6.69
CA SER A 188 2.69 50.47 5.53
C SER A 188 3.04 51.94 5.68
N LYS A 189 3.18 52.40 6.91
CA LYS A 189 3.45 53.81 7.17
C LYS A 189 4.84 54.02 7.80
N THR A 190 5.65 52.98 7.78
CA THR A 190 6.98 53.04 8.39
C THR A 190 8.05 52.65 7.38
N THR A 191 7.99 53.25 6.20
CA THR A 191 8.87 52.88 5.10
C THR A 191 10.31 53.28 5.37
N ALA A 192 10.51 54.16 6.33
CA ALA A 192 11.86 54.58 6.72
C ALA A 192 12.67 53.37 7.17
N ALA A 193 12.00 52.35 7.68
CA ALA A 193 12.66 51.16 8.20
C ALA A 193 12.98 50.16 7.09
N HIS A 194 12.49 50.40 5.89
CA HIS A 194 12.57 49.41 4.82
C HIS A 194 13.95 49.33 4.18
N SER A 195 14.89 50.13 4.66
CA SER A 195 16.27 50.00 4.22
C SER A 195 16.86 48.77 4.89
N LEU A 196 16.23 48.34 5.99
CA LEU A 196 16.65 47.17 6.73
C LEU A 196 15.56 46.07 6.68
N VAL A 197 14.30 46.48 6.59
CA VAL A 197 13.18 45.54 6.57
C VAL A 197 12.67 45.31 5.15
N GLY A 198 13.01 44.15 4.59
CA GLY A 198 12.60 43.82 3.24
C GLY A 198 13.77 43.31 2.42
N THR A 199 13.46 42.77 1.24
CA THR A 199 14.47 42.23 0.34
C THR A 199 14.35 42.84 -1.05
N PRO A 200 14.97 44.00 -1.28
CA PRO A 200 14.82 44.85 -2.45
C PRO A 200 15.55 44.30 -3.66
N TYR A 201 15.28 43.03 -3.97
CA TYR A 201 15.81 42.35 -5.13
C TYR A 201 14.63 41.97 -5.99
N TYR A 202 13.46 42.00 -5.38
CA TYR A 202 12.22 41.63 -6.03
C TYR A 202 11.36 42.87 -6.20
N MET A 203 11.92 44.03 -5.86
CA MET A 203 11.20 45.28 -5.92
C MET A 203 11.45 46.02 -7.22
N SER A 204 10.37 46.53 -7.80
CA SER A 204 10.44 47.34 -9.00
C SER A 204 10.98 48.72 -8.61
N PRO A 205 11.52 49.50 -9.56
CA PRO A 205 11.95 50.87 -9.39
C PRO A 205 10.91 51.72 -8.70
N GLU A 206 9.64 51.47 -8.98
CA GLU A 206 8.55 52.23 -8.39
C GLU A 206 8.42 51.96 -6.90
N ARG A 207 8.72 50.73 -6.50
CA ARG A 207 8.65 50.39 -5.09
C ARG A 207 9.83 50.97 -4.36
N ILE A 208 10.97 50.97 -5.04
CA ILE A 208 12.20 51.53 -4.50
C ILE A 208 12.04 53.02 -4.27
N HIS A 209 11.38 53.68 -5.22
CA HIS A 209 11.13 55.12 -5.15
C HIS A 209 9.93 55.44 -4.28
N GLU A 210 9.29 54.40 -3.74
CA GLU A 210 8.09 54.55 -2.92
C GLU A 210 7.02 55.38 -3.62
N ASN A 211 6.77 55.08 -4.90
CA ASN A 211 5.75 55.78 -5.65
C ASN A 211 4.41 55.07 -5.58
N GLY A 212 4.38 53.98 -4.81
CA GLY A 212 3.18 53.16 -4.67
C GLY A 212 3.38 51.81 -5.32
N TYR A 213 2.73 50.78 -4.79
CA TYR A 213 2.87 49.44 -5.33
C TYR A 213 1.65 49.08 -6.17
N ASN A 214 1.84 48.91 -7.47
CA ASN A 214 0.74 48.58 -8.35
C ASN A 214 0.72 47.07 -8.62
N PHE A 215 -0.25 46.62 -9.38
CA PHE A 215 -0.36 45.20 -9.69
C PHE A 215 0.78 44.74 -10.58
N LYS A 216 1.23 45.63 -11.45
CA LYS A 216 2.32 45.31 -12.36
C LYS A 216 3.63 45.12 -11.61
N SER A 217 3.66 45.50 -10.34
CA SER A 217 4.86 45.33 -9.54
C SER A 217 4.96 43.88 -9.07
N ASP A 218 3.82 43.19 -8.93
CA ASP A 218 3.85 41.77 -8.64
C ASP A 218 4.44 41.06 -9.85
N ILE A 219 4.14 41.58 -11.03
CA ILE A 219 4.66 40.99 -12.26
C ILE A 219 6.17 41.12 -12.30
N TRP A 220 6.68 42.28 -11.93
CA TRP A 220 8.12 42.47 -11.85
C TRP A 220 8.74 41.39 -10.97
N SER A 221 8.21 41.24 -9.77
CA SER A 221 8.76 40.28 -8.82
C SER A 221 8.59 38.84 -9.29
N LEU A 222 7.51 38.58 -10.02
CA LEU A 222 7.29 37.25 -10.58
C LEU A 222 8.35 36.94 -11.62
N GLY A 223 8.66 37.92 -12.46
CA GLY A 223 9.70 37.78 -13.47
C GLY A 223 11.04 37.52 -12.81
N CYS A 224 11.29 38.23 -11.72
CA CYS A 224 12.54 38.06 -10.97
C CYS A 224 12.64 36.63 -10.48
N LEU A 225 11.56 36.12 -9.91
CA LEU A 225 11.54 34.75 -9.42
C LEU A 225 11.84 33.77 -10.54
N LEU A 226 11.22 33.95 -11.70
CA LEU A 226 11.45 33.04 -12.81
C LEU A 226 12.91 33.03 -13.21
N TYR A 227 13.49 34.21 -13.31
CA TYR A 227 14.90 34.32 -13.64
C TYR A 227 15.73 33.58 -12.61
N GLU A 228 15.45 33.84 -11.34
CA GLU A 228 16.22 33.23 -10.27
C GLU A 228 16.20 31.73 -10.35
N MET A 229 15.03 31.15 -10.61
CA MET A 229 14.97 29.70 -10.74
C MET A 229 15.86 29.21 -11.86
N ALA A 230 15.76 29.85 -13.01
CA ALA A 230 16.54 29.45 -14.18
C ALA A 230 18.03 29.61 -13.95
N ALA A 231 18.41 30.69 -13.28
CA ALA A 231 19.81 31.03 -13.05
C ALA A 231 20.33 30.51 -11.71
N LEU A 232 19.44 30.13 -10.82
CA LEU A 232 19.77 29.80 -9.45
C LEU A 232 20.44 30.98 -8.75
N GLN A 233 19.92 32.18 -9.04
CA GLN A 233 20.44 33.43 -8.47
C GLN A 233 19.63 34.64 -8.93
N SER A 234 19.45 35.62 -8.06
CA SER A 234 18.74 36.83 -8.38
C SER A 234 19.46 37.65 -9.46
N PRO A 235 18.72 38.24 -10.40
CA PRO A 235 19.23 39.01 -11.52
C PRO A 235 19.98 40.25 -11.06
N PHE A 236 19.73 40.70 -9.84
CA PHE A 236 20.39 41.90 -9.37
C PHE A 236 21.31 41.61 -8.19
N TYR A 237 21.73 40.36 -8.09
CA TYR A 237 22.67 39.92 -7.06
C TYR A 237 24.09 40.35 -7.37
N GLY A 238 24.86 40.68 -6.34
CA GLY A 238 26.28 40.96 -6.52
C GLY A 238 27.03 40.86 -5.21
N ASP A 239 28.36 40.82 -5.30
CA ASP A 239 29.22 40.67 -4.14
C ASP A 239 29.52 42.00 -3.48
N LYS A 240 29.12 42.13 -2.22
CA LYS A 240 29.31 43.37 -1.46
C LYS A 240 28.67 44.55 -2.18
N MET A 241 27.48 44.29 -2.72
CA MET A 241 26.71 45.32 -3.40
C MET A 241 25.80 46.03 -2.41
N ASN A 242 25.96 47.34 -2.29
CA ASN A 242 25.16 48.11 -1.36
C ASN A 242 23.83 48.50 -1.98
N LEU A 243 23.00 49.19 -1.22
CA LEU A 243 21.69 49.58 -1.70
C LEU A 243 21.80 50.56 -2.87
N TYR A 244 22.80 51.43 -2.81
CA TYR A 244 22.98 52.41 -3.87
C TYR A 244 23.23 51.76 -5.22
N SER A 245 24.20 50.87 -5.28
CA SER A 245 24.55 50.19 -6.51
C SER A 245 23.45 49.26 -6.95
N LEU A 246 22.80 48.62 -5.98
CA LEU A 246 21.71 47.71 -6.27
C LEU A 246 20.58 48.46 -6.94
N CYS A 247 20.24 49.63 -6.40
CA CYS A 247 19.19 50.44 -6.98
C CYS A 247 19.55 50.86 -8.39
N LYS A 248 20.80 51.21 -8.62
CA LYS A 248 21.22 51.63 -9.95
C LYS A 248 21.08 50.51 -10.96
N LYS A 249 21.46 49.29 -10.57
CA LYS A 249 21.35 48.16 -11.47
C LYS A 249 19.89 47.88 -11.80
N ILE A 250 19.03 48.03 -10.80
CA ILE A 250 17.61 47.81 -11.00
C ILE A 250 16.99 48.89 -11.88
N GLU A 251 17.32 50.14 -11.62
CA GLU A 251 16.79 51.26 -12.41
C GLU A 251 17.20 51.13 -13.87
N GLN A 252 18.41 50.61 -14.10
CA GLN A 252 18.93 50.45 -15.45
C GLN A 252 18.56 49.08 -16.03
N CYS A 253 17.82 48.28 -15.26
CA CYS A 253 17.45 46.94 -15.68
C CYS A 253 18.64 46.17 -16.22
N ASP A 254 19.74 46.24 -15.49
CA ASP A 254 20.99 45.63 -15.89
C ASP A 254 21.24 44.31 -15.18
N TYR A 255 21.10 43.20 -15.91
CA TYR A 255 21.34 41.88 -15.34
C TYR A 255 21.76 40.91 -16.44
N PRO A 256 22.56 39.87 -16.13
CA PRO A 256 23.02 38.83 -17.04
C PRO A 256 21.87 38.07 -17.68
N PRO A 257 22.01 37.67 -18.95
CA PRO A 257 21.07 36.87 -19.73
C PRO A 257 21.06 35.43 -19.28
N LEU A 258 19.98 34.72 -19.58
CA LEU A 258 19.95 33.28 -19.34
C LEU A 258 20.60 32.56 -20.52
N PRO A 259 21.26 31.40 -20.30
CA PRO A 259 21.90 30.58 -21.32
C PRO A 259 20.93 30.16 -22.42
N SER A 260 21.36 30.40 -23.67
CA SER A 260 20.54 30.13 -24.83
C SER A 260 20.33 28.66 -25.11
N ASP A 261 21.25 27.81 -24.66
CA ASP A 261 21.11 26.38 -24.90
C ASP A 261 20.52 25.63 -23.72
N HIS A 262 20.06 26.35 -22.70
CA HIS A 262 19.45 25.69 -21.56
C HIS A 262 17.99 26.03 -21.43
N TYR A 263 17.63 27.26 -21.78
CA TYR A 263 16.25 27.67 -21.67
C TYR A 263 15.75 28.14 -23.01
N SER A 264 14.46 27.98 -23.23
CA SER A 264 13.83 28.38 -24.46
C SER A 264 13.78 29.88 -24.61
N GLU A 265 13.63 30.32 -25.84
CA GLU A 265 13.49 31.73 -26.13
C GLU A 265 12.27 32.30 -25.46
N GLU A 266 11.18 31.54 -25.45
CA GLU A 266 9.95 32.04 -24.88
C GLU A 266 10.10 32.36 -23.40
N LEU A 267 10.89 31.55 -22.69
CA LEU A 267 11.09 31.77 -21.27
C LEU A 267 11.82 33.08 -21.07
N ARG A 268 12.87 33.29 -21.85
CA ARG A 268 13.64 34.51 -21.75
C ARG A 268 12.80 35.73 -22.08
N GLN A 269 11.94 35.60 -23.08
CA GLN A 269 11.09 36.71 -23.45
C GLN A 269 10.11 37.04 -22.34
N LEU A 270 9.64 36.03 -21.64
CA LEU A 270 8.70 36.26 -20.57
C LEU A 270 9.37 37.03 -19.45
N VAL A 271 10.61 36.67 -19.17
CA VAL A 271 11.37 37.39 -18.15
C VAL A 271 11.62 38.82 -18.57
N ASN A 272 12.00 39.02 -19.83
CA ASN A 272 12.30 40.35 -20.33
C ASN A 272 11.08 41.25 -20.27
N MET A 273 9.91 40.69 -20.54
CA MET A 273 8.68 41.46 -20.51
C MET A 273 8.29 41.82 -19.08
N CYS A 274 8.51 40.90 -18.15
CA CYS A 274 8.18 41.14 -16.75
C CYS A 274 9.13 42.14 -16.12
N ILE A 275 10.42 41.98 -16.37
CA ILE A 275 11.39 42.90 -15.83
C ILE A 275 11.58 44.05 -16.77
N ASN A 276 10.68 45.02 -16.66
CA ASN A 276 10.69 46.17 -17.53
C ASN A 276 10.74 47.43 -16.68
N PRO A 277 11.82 48.22 -16.76
CA PRO A 277 12.08 49.39 -15.94
C PRO A 277 11.01 50.45 -16.17
N ASP A 278 10.29 50.32 -17.29
CA ASP A 278 9.18 51.20 -17.58
C ASP A 278 7.92 50.59 -17.02
N PRO A 279 7.34 51.19 -15.98
CA PRO A 279 6.29 50.63 -15.15
C PRO A 279 5.00 50.37 -15.92
N GLU A 280 4.84 51.02 -17.06
CA GLU A 280 3.61 50.88 -17.83
C GLU A 280 3.70 49.83 -18.92
N LYS A 281 4.88 49.24 -19.09
CA LYS A 281 5.07 48.31 -20.21
C LYS A 281 5.12 46.85 -19.78
N ARG A 282 4.83 46.59 -18.52
CA ARG A 282 4.78 45.20 -18.06
C ARG A 282 3.47 44.56 -18.52
N PRO A 283 3.47 43.24 -18.74
CA PRO A 283 2.32 42.41 -19.01
C PRO A 283 1.52 42.24 -17.74
N ASP A 284 0.24 41.91 -17.88
CA ASP A 284 -0.56 41.63 -16.70
C ASP A 284 -0.40 40.16 -16.31
N VAL A 285 -1.10 39.75 -15.27
CA VAL A 285 -0.95 38.39 -14.76
C VAL A 285 -1.61 37.38 -15.69
N THR A 286 -2.72 37.77 -16.30
CA THR A 286 -3.44 36.86 -17.17
C THR A 286 -2.56 36.47 -18.33
N TYR A 287 -1.91 37.46 -18.93
CA TYR A 287 -1.02 37.22 -20.04
C TYR A 287 0.06 36.24 -19.66
N VAL A 288 0.73 36.51 -18.54
CA VAL A 288 1.82 35.66 -18.09
C VAL A 288 1.34 34.27 -17.82
N TYR A 289 0.18 34.17 -17.17
CA TYR A 289 -0.36 32.87 -16.84
C TYR A 289 -0.68 32.07 -18.09
N ASP A 290 -1.31 32.71 -19.07
CA ASP A 290 -1.62 32.00 -20.30
C ASP A 290 -0.37 31.51 -20.99
N VAL A 291 0.68 32.31 -20.95
CA VAL A 291 1.93 31.88 -21.56
C VAL A 291 2.48 30.69 -20.79
N ALA A 292 2.49 30.78 -19.47
CA ALA A 292 3.02 29.68 -18.67
C ALA A 292 2.25 28.40 -18.94
N LYS A 293 0.94 28.51 -19.13
CA LYS A 293 0.13 27.33 -19.42
C LYS A 293 0.50 26.72 -20.76
N ARG A 294 0.67 27.55 -21.78
CA ARG A 294 0.96 27.06 -23.12
C ARG A 294 2.35 26.44 -23.19
N MET A 295 3.29 27.01 -22.45
CA MET A 295 4.63 26.45 -22.40
C MET A 295 4.59 25.13 -21.65
N HIS A 296 3.96 25.16 -20.49
CA HIS A 296 3.86 23.97 -19.66
C HIS A 296 3.21 22.85 -20.43
N ALA A 297 2.15 23.17 -21.15
CA ALA A 297 1.37 22.18 -21.88
C ALA A 297 2.21 21.41 -22.89
N CYS A 298 3.37 21.95 -23.28
CA CYS A 298 4.20 21.28 -24.26
C CYS A 298 5.31 20.49 -23.59
N THR A 299 5.57 20.79 -22.33
CA THR A 299 6.59 20.11 -21.55
C THR A 299 6.01 19.50 -20.28
N ALA A 300 4.69 19.33 -20.25
CA ALA A 300 4.02 18.82 -19.07
C ALA A 300 4.03 17.32 -19.03
N SER A 301 4.86 16.77 -18.16
CA SER A 301 4.95 15.33 -18.03
C SER A 301 3.66 14.80 -17.45
N SER A 302 3.27 13.61 -17.85
CA SER A 302 2.08 12.98 -17.25
C SER A 302 2.45 12.11 -16.06
N GLN B 19 -30.91 -9.38 -21.75
CA GLN B 19 -30.79 -8.76 -20.44
C GLN B 19 -31.92 -7.78 -20.18
N LYS B 20 -32.69 -8.05 -19.12
CA LYS B 20 -33.78 -7.16 -18.74
C LYS B 20 -33.22 -5.88 -18.12
N ALA B 21 -33.90 -4.77 -18.37
CA ALA B 21 -33.48 -3.48 -17.85
C ALA B 21 -33.52 -3.44 -16.34
N LEU B 22 -32.56 -2.74 -15.75
CA LEU B 22 -32.51 -2.57 -14.31
C LEU B 22 -33.75 -1.87 -13.79
N ARG B 23 -34.33 -2.44 -12.74
CA ARG B 23 -35.53 -1.91 -12.11
C ARG B 23 -35.36 -1.78 -10.61
N PRO B 24 -34.67 -0.73 -10.13
CA PRO B 24 -34.30 -0.50 -8.75
C PRO B 24 -35.51 -0.47 -7.82
N ASP B 25 -36.67 -0.15 -8.37
CA ASP B 25 -37.89 -0.03 -7.57
C ASP B 25 -38.40 -1.38 -7.10
N MET B 26 -37.92 -2.46 -7.72
CA MET B 26 -38.30 -3.79 -7.30
C MET B 26 -37.23 -4.43 -6.45
N GLY B 27 -36.20 -3.66 -6.11
CA GLY B 27 -35.14 -4.15 -5.23
C GLY B 27 -34.48 -5.39 -5.78
N TYR B 28 -34.44 -6.42 -4.95
CA TYR B 28 -33.82 -7.70 -5.29
C TYR B 28 -34.89 -8.76 -5.53
N ASN B 29 -36.10 -8.32 -5.86
CA ASN B 29 -37.21 -9.24 -6.08
C ASN B 29 -37.39 -9.59 -7.56
N THR B 30 -36.35 -9.37 -8.35
CA THR B 30 -36.35 -9.71 -9.77
C THR B 30 -34.95 -10.07 -10.24
N LEU B 31 -34.85 -10.97 -11.22
CA LEU B 31 -33.55 -11.32 -11.77
C LEU B 31 -33.06 -10.25 -12.72
N ALA B 32 -33.95 -9.32 -13.06
CA ALA B 32 -33.61 -8.22 -13.96
C ALA B 32 -32.53 -7.35 -13.35
N ASN B 33 -32.39 -7.41 -12.04
CA ASN B 33 -31.45 -6.56 -11.35
C ASN B 33 -30.14 -7.27 -11.04
N PHE B 34 -29.94 -8.44 -11.64
CA PHE B 34 -28.71 -9.21 -11.45
C PHE B 34 -28.13 -9.67 -12.79
N ARG B 35 -26.82 -9.80 -12.84
CA ARG B 35 -26.16 -10.33 -14.03
C ARG B 35 -25.37 -11.59 -13.75
N ILE B 36 -25.84 -12.70 -14.30
CA ILE B 36 -25.17 -13.98 -14.09
C ILE B 36 -23.94 -14.08 -14.96
N GLU B 37 -22.82 -14.42 -14.34
CA GLU B 37 -21.57 -14.55 -15.06
C GLU B 37 -21.31 -16.01 -15.41
N LYS B 38 -21.66 -16.89 -14.48
CA LYS B 38 -21.45 -18.32 -14.68
C LYS B 38 -22.16 -19.15 -13.62
N LYS B 39 -22.27 -20.44 -13.88
CA LYS B 39 -22.73 -21.38 -12.86
C LYS B 39 -21.57 -21.66 -11.91
N ILE B 40 -21.86 -21.71 -10.61
CA ILE B 40 -20.81 -21.95 -9.64
C ILE B 40 -20.99 -23.26 -8.88
N GLY B 41 -22.18 -23.84 -8.96
CA GLY B 41 -22.45 -25.11 -8.32
C GLY B 41 -23.80 -25.68 -8.73
N ARG B 42 -24.06 -26.92 -8.34
CA ARG B 42 -25.31 -27.56 -8.67
C ARG B 42 -25.81 -28.41 -7.52
N GLY B 43 -27.12 -28.37 -7.28
CA GLY B 43 -27.75 -29.22 -6.28
C GLY B 43 -28.60 -30.27 -6.98
N GLN B 44 -29.46 -30.95 -6.23
CA GLN B 44 -30.32 -31.96 -6.84
C GLN B 44 -31.58 -31.34 -7.40
N PHE B 45 -32.14 -30.39 -6.66
CA PHE B 45 -33.39 -29.74 -7.03
C PHE B 45 -33.14 -28.28 -7.37
N SER B 46 -31.87 -27.91 -7.43
CA SER B 46 -31.50 -26.51 -7.59
C SER B 46 -30.16 -26.34 -8.28
N GLU B 47 -29.92 -25.13 -8.74
CA GLU B 47 -28.64 -24.74 -9.33
C GLU B 47 -28.13 -23.48 -8.67
N VAL B 48 -26.81 -23.33 -8.60
CA VAL B 48 -26.25 -22.15 -7.95
C VAL B 48 -25.41 -21.37 -8.94
N TYR B 49 -25.74 -20.09 -9.10
CA TYR B 49 -25.04 -19.25 -10.05
C TYR B 49 -24.28 -18.10 -9.40
N ARG B 50 -23.18 -17.73 -10.03
CA ARG B 50 -22.42 -16.57 -9.60
C ARG B 50 -22.88 -15.37 -10.41
N ALA B 51 -23.32 -14.32 -9.72
CA ALA B 51 -23.87 -13.16 -10.39
C ALA B 51 -23.49 -11.89 -9.66
N ALA B 52 -23.46 -10.79 -10.38
CA ALA B 52 -23.26 -9.50 -9.73
C ALA B 52 -24.57 -8.75 -9.74
N CYS B 53 -24.89 -8.11 -8.64
CA CYS B 53 -26.09 -7.31 -8.60
C CYS B 53 -25.90 -6.05 -9.41
N LEU B 54 -26.80 -5.80 -10.33
CA LEU B 54 -26.70 -4.64 -11.21
C LEU B 54 -27.16 -3.39 -10.48
N LEU B 55 -27.92 -3.58 -9.42
CA LEU B 55 -28.45 -2.49 -8.65
C LEU B 55 -27.33 -1.75 -7.90
N ASP B 56 -26.43 -2.52 -7.27
CA ASP B 56 -25.37 -1.89 -6.49
C ASP B 56 -23.95 -2.42 -6.77
N GLY B 57 -23.81 -3.34 -7.72
CA GLY B 57 -22.50 -3.85 -8.10
C GLY B 57 -21.95 -4.94 -7.16
N VAL B 58 -22.74 -5.34 -6.17
CA VAL B 58 -22.30 -6.33 -5.20
C VAL B 58 -22.40 -7.76 -5.75
N PRO B 59 -21.31 -8.54 -5.72
CA PRO B 59 -21.28 -9.96 -6.05
C PRO B 59 -22.21 -10.74 -5.13
N VAL B 60 -23.06 -11.56 -5.71
CA VAL B 60 -24.00 -12.38 -4.95
C VAL B 60 -24.04 -13.82 -5.43
N ALA B 61 -24.57 -14.68 -4.57
CA ALA B 61 -24.82 -16.06 -4.93
C ALA B 61 -26.30 -16.22 -5.22
N LEU B 62 -26.61 -16.69 -6.41
CA LEU B 62 -28.00 -16.89 -6.78
C LEU B 62 -28.38 -18.35 -6.75
N MET B 63 -29.33 -18.68 -5.88
CA MET B 63 -29.79 -20.05 -5.76
C MET B 63 -31.11 -20.21 -6.49
N MET B 64 -31.09 -20.99 -7.56
CA MET B 64 -32.27 -21.22 -8.36
C MET B 64 -32.87 -22.58 -8.04
N VAL B 65 -34.10 -22.56 -7.52
CA VAL B 65 -34.73 -23.81 -7.15
C VAL B 65 -35.93 -24.08 -8.03
N GLN B 66 -35.96 -25.25 -8.62
CA GLN B 66 -37.08 -25.59 -9.48
C GLN B 66 -37.98 -26.58 -8.77
N ILE B 67 -39.05 -26.06 -8.19
CA ILE B 67 -39.92 -26.87 -7.39
C ILE B 67 -41.24 -27.11 -8.10
N PHE B 68 -41.42 -26.48 -9.24
CA PHE B 68 -42.70 -26.52 -9.92
C PHE B 68 -42.93 -27.87 -10.58
N ASP B 69 -41.86 -28.64 -10.73
CA ASP B 69 -41.94 -29.97 -11.30
C ASP B 69 -42.09 -31.01 -10.21
N LEU B 70 -42.10 -30.56 -8.96
CA LEU B 70 -42.19 -31.46 -7.81
C LEU B 70 -43.43 -31.14 -6.96
N MET B 71 -43.70 -29.87 -6.77
CA MET B 71 -44.76 -29.39 -5.90
C MET B 71 -45.70 -28.47 -6.64
N ASP B 72 -46.98 -28.55 -6.30
CA ASP B 72 -47.96 -27.61 -6.82
C ASP B 72 -48.03 -26.39 -5.90
N ALA B 73 -48.98 -25.50 -6.16
CA ALA B 73 -49.08 -24.27 -5.38
C ALA B 73 -49.31 -24.54 -3.90
N LYS B 74 -50.00 -25.64 -3.59
CA LYS B 74 -50.31 -25.99 -2.21
C LYS B 74 -49.10 -26.60 -1.51
N ALA B 75 -48.50 -27.61 -2.12
CA ALA B 75 -47.34 -28.29 -1.53
C ALA B 75 -46.18 -27.32 -1.38
N ARG B 76 -46.05 -26.39 -2.32
CA ARG B 76 -44.99 -25.39 -2.32
C ARG B 76 -45.00 -24.56 -1.06
N ALA B 77 -46.18 -24.40 -0.45
CA ALA B 77 -46.34 -23.55 0.72
C ALA B 77 -45.46 -24.02 1.87
N ASP B 78 -45.14 -25.31 1.89
CA ASP B 78 -44.35 -25.89 2.96
C ASP B 78 -42.93 -25.36 2.94
N CYS B 79 -42.53 -24.74 1.84
CA CYS B 79 -41.18 -24.26 1.67
C CYS B 79 -41.04 -22.81 2.12
N ILE B 80 -42.18 -22.18 2.43
CA ILE B 80 -42.17 -20.77 2.81
C ILE B 80 -41.58 -20.60 4.20
N LYS B 81 -41.98 -21.44 5.12
CA LYS B 81 -41.52 -21.32 6.48
C LYS B 81 -40.00 -21.40 6.56
N GLU B 82 -39.42 -22.26 5.73
CA GLU B 82 -37.98 -22.47 5.78
C GLU B 82 -37.25 -21.21 5.35
N ILE B 83 -37.70 -20.56 4.28
CA ILE B 83 -36.99 -19.37 3.85
C ILE B 83 -37.29 -18.18 4.76
N ASP B 84 -38.52 -18.06 5.22
CA ASP B 84 -38.85 -16.94 6.09
C ASP B 84 -38.06 -17.01 7.36
N LEU B 85 -37.80 -18.22 7.84
CA LEU B 85 -37.01 -18.41 9.04
C LEU B 85 -35.53 -18.11 8.79
N LEU B 86 -34.99 -18.60 7.69
CA LEU B 86 -33.58 -18.40 7.36
C LEU B 86 -33.24 -16.93 7.16
N LYS B 87 -34.19 -16.18 6.61
CA LYS B 87 -34.00 -14.75 6.37
C LYS B 87 -33.85 -13.95 7.66
N GLN B 88 -34.14 -14.57 8.80
CA GLN B 88 -34.07 -13.85 10.08
C GLN B 88 -32.68 -13.92 10.69
N LEU B 89 -31.78 -14.68 10.07
CA LEU B 89 -30.43 -14.83 10.60
C LEU B 89 -29.56 -13.62 10.29
N ASN B 90 -28.67 -13.29 11.20
CA ASN B 90 -27.76 -12.16 11.02
C ASN B 90 -26.50 -12.33 11.86
N HIS B 91 -25.43 -12.79 11.22
CA HIS B 91 -24.19 -13.11 11.94
C HIS B 91 -23.01 -13.11 10.97
N PRO B 92 -21.85 -12.62 11.37
CA PRO B 92 -20.63 -12.53 10.57
C PRO B 92 -20.12 -13.88 10.08
N ASN B 93 -20.52 -14.97 10.72
CA ASN B 93 -20.07 -16.28 10.30
C ASN B 93 -21.18 -17.08 9.62
N VAL B 94 -22.23 -16.39 9.19
CA VAL B 94 -23.36 -17.02 8.51
C VAL B 94 -23.62 -16.33 7.18
N ILE B 95 -23.85 -17.12 6.13
CA ILE B 95 -24.17 -16.53 4.83
C ILE B 95 -25.51 -15.82 4.91
N LYS B 96 -25.51 -14.53 4.56
CA LYS B 96 -26.72 -13.74 4.67
C LYS B 96 -27.72 -13.95 3.55
N TYR B 97 -28.99 -13.79 3.88
CA TYR B 97 -30.06 -13.85 2.92
C TYR B 97 -30.49 -12.44 2.59
N TYR B 98 -30.51 -12.09 1.32
CA TYR B 98 -30.84 -10.73 0.94
C TYR B 98 -32.27 -10.62 0.45
N ALA B 99 -32.69 -11.61 -0.33
CA ALA B 99 -34.03 -11.56 -0.91
C ALA B 99 -34.47 -12.93 -1.42
N SER B 100 -35.77 -13.07 -1.59
CA SER B 100 -36.33 -14.24 -2.25
C SER B 100 -37.58 -13.84 -3.00
N PHE B 101 -37.77 -14.41 -4.18
CA PHE B 101 -38.93 -14.11 -5.00
C PHE B 101 -39.26 -15.22 -5.99
N ILE B 102 -40.46 -15.17 -6.54
CA ILE B 102 -40.87 -16.14 -7.54
C ILE B 102 -41.23 -15.47 -8.85
N GLU B 103 -40.61 -15.94 -9.92
CA GLU B 103 -40.93 -15.44 -11.25
C GLU B 103 -40.58 -16.50 -12.29
N ASP B 104 -41.27 -16.46 -13.43
CA ASP B 104 -41.00 -17.39 -14.52
C ASP B 104 -40.98 -18.86 -14.05
N ASN B 105 -41.92 -19.19 -13.17
CA ASN B 105 -42.03 -20.54 -12.62
C ASN B 105 -40.72 -21.07 -12.04
N GLU B 106 -40.02 -20.22 -11.32
CA GLU B 106 -38.78 -20.61 -10.64
C GLU B 106 -38.62 -19.83 -9.34
N LEU B 107 -38.02 -20.48 -8.34
CA LEU B 107 -37.79 -19.81 -7.06
C LEU B 107 -36.38 -19.22 -7.05
N ASN B 108 -36.29 -17.93 -6.82
CA ASN B 108 -35.00 -17.25 -6.85
C ASN B 108 -34.61 -16.70 -5.50
N ILE B 109 -33.51 -17.20 -4.94
CA ILE B 109 -33.03 -16.75 -3.65
C ILE B 109 -31.67 -16.07 -3.77
N VAL B 110 -31.57 -14.87 -3.22
CA VAL B 110 -30.35 -14.09 -3.30
C VAL B 110 -29.57 -14.16 -1.99
N LEU B 111 -28.36 -14.72 -2.08
CA LEU B 111 -27.51 -14.96 -0.91
C LEU B 111 -26.18 -14.24 -1.00
N GLU B 112 -25.59 -14.00 0.17
CA GLU B 112 -24.22 -13.49 0.23
C GLU B 112 -23.25 -14.46 -0.44
N LEU B 113 -22.36 -13.93 -1.27
CA LEU B 113 -21.39 -14.75 -2.00
C LEU B 113 -20.12 -14.98 -1.18
N ALA B 114 -19.61 -16.21 -1.22
CA ALA B 114 -18.35 -16.56 -0.55
C ALA B 114 -17.53 -17.50 -1.42
N ASP B 115 -17.04 -16.98 -2.54
CA ASP B 115 -16.35 -17.80 -3.53
C ASP B 115 -14.83 -17.77 -3.39
N ALA B 116 -14.36 -17.14 -2.31
CA ALA B 116 -12.93 -17.05 -2.05
C ALA B 116 -12.32 -18.43 -1.86
N GLY B 117 -13.08 -19.33 -1.25
CA GLY B 117 -12.60 -20.68 -0.99
C GLY B 117 -13.49 -21.34 0.06
N ASP B 118 -13.15 -22.57 0.42
CA ASP B 118 -13.94 -23.31 1.38
C ASP B 118 -13.10 -24.36 2.12
N LEU B 119 -13.73 -25.04 3.06
CA LEU B 119 -13.06 -26.05 3.86
C LEU B 119 -12.66 -27.27 3.05
N SER B 120 -13.42 -27.60 2.00
CA SER B 120 -13.13 -28.78 1.21
C SER B 120 -11.80 -28.59 0.50
N ARG B 121 -11.60 -27.39 -0.04
CA ARG B 121 -10.36 -27.06 -0.69
C ARG B 121 -9.20 -27.15 0.29
N MET B 122 -9.43 -26.68 1.51
CA MET B 122 -8.39 -26.72 2.54
C MET B 122 -7.96 -28.15 2.83
N ILE B 123 -8.92 -29.05 2.94
CA ILE B 123 -8.58 -30.43 3.22
C ILE B 123 -7.74 -31.02 2.10
N LYS B 124 -8.15 -30.77 0.86
CA LYS B 124 -7.41 -31.31 -0.27
C LYS B 124 -5.99 -30.76 -0.31
N HIS B 125 -5.85 -29.47 0.02
CA HIS B 125 -4.55 -28.83 0.06
C HIS B 125 -3.63 -29.54 1.04
N PHE B 126 -4.12 -29.76 2.26
CA PHE B 126 -3.31 -30.43 3.26
C PHE B 126 -2.98 -31.85 2.87
N LYS B 127 -3.92 -32.55 2.25
CA LYS B 127 -3.65 -33.91 1.83
C LYS B 127 -2.53 -33.95 0.80
N LYS B 128 -2.54 -33.01 -0.15
CA LYS B 128 -1.49 -32.96 -1.17
C LYS B 128 -0.12 -32.74 -0.55
N GLN B 129 -0.07 -31.96 0.54
CA GLN B 129 1.19 -31.69 1.21
C GLN B 129 1.60 -32.82 2.13
N LYS B 130 0.74 -33.83 2.27
CA LYS B 130 1.00 -34.92 3.18
C LYS B 130 1.30 -34.39 4.56
N ARG B 131 0.53 -33.40 4.98
CA ARG B 131 0.72 -32.79 6.28
C ARG B 131 -0.60 -32.66 7.01
N LEU B 132 -0.58 -32.89 8.31
CA LEU B 132 -1.79 -32.74 9.11
C LEU B 132 -1.99 -31.30 9.49
N ILE B 133 -3.25 -30.91 9.68
CA ILE B 133 -3.55 -29.56 10.10
C ILE B 133 -3.21 -29.43 11.57
N PRO B 134 -2.31 -28.51 11.96
CA PRO B 134 -1.87 -28.33 13.32
C PRO B 134 -3.06 -27.88 14.15
N GLU B 135 -3.11 -28.32 15.39
CA GLU B 135 -4.26 -28.05 16.23
C GLU B 135 -4.60 -26.58 16.32
N ARG B 136 -3.60 -25.72 16.35
CA ARG B 136 -3.84 -24.28 16.45
C ARG B 136 -4.54 -23.75 15.21
N THR B 137 -4.51 -24.51 14.12
CA THR B 137 -5.15 -24.12 12.88
C THR B 137 -6.50 -24.80 12.76
N VAL B 138 -6.70 -25.86 13.51
CA VAL B 138 -8.00 -26.52 13.52
C VAL B 138 -8.98 -25.65 14.29
N TRP B 139 -8.59 -25.24 15.49
CA TRP B 139 -9.48 -24.44 16.31
C TRP B 139 -9.76 -23.10 15.65
N LYS B 140 -8.79 -22.59 14.90
CA LYS B 140 -8.93 -21.32 14.22
C LYS B 140 -10.19 -21.23 13.40
N TYR B 141 -10.57 -22.32 12.75
CA TYR B 141 -11.75 -22.30 11.91
C TYR B 141 -12.94 -22.95 12.62
N PHE B 142 -12.65 -23.96 13.43
CA PHE B 142 -13.69 -24.71 14.09
C PHE B 142 -14.51 -23.84 15.03
N VAL B 143 -13.84 -22.98 15.79
CA VAL B 143 -14.54 -22.13 16.73
C VAL B 143 -15.49 -21.17 16.01
N GLN B 144 -15.11 -20.74 14.81
CA GLN B 144 -15.96 -19.82 14.06
C GLN B 144 -17.23 -20.52 13.60
N LEU B 145 -17.08 -21.75 13.17
CA LEU B 145 -18.22 -22.53 12.75
C LEU B 145 -19.17 -22.73 13.93
N CYS B 146 -18.60 -23.00 15.09
CA CYS B 146 -19.41 -23.20 16.28
C CYS B 146 -20.19 -21.94 16.64
N SER B 147 -19.57 -20.77 16.46
CA SER B 147 -20.24 -19.51 16.73
C SER B 147 -21.47 -19.36 15.84
N ALA B 148 -21.28 -19.68 14.56
CA ALA B 148 -22.35 -19.57 13.60
C ALA B 148 -23.52 -20.49 13.98
N LEU B 149 -23.20 -21.70 14.42
CA LEU B 149 -24.23 -22.64 14.78
C LEU B 149 -24.95 -22.22 16.05
N GLU B 150 -24.20 -21.65 17.00
CA GLU B 150 -24.84 -21.17 18.22
C GLU B 150 -25.88 -20.12 17.87
N HIS B 151 -25.52 -19.22 16.96
CA HIS B 151 -26.43 -18.17 16.51
C HIS B 151 -27.72 -18.77 15.98
N MET B 152 -27.59 -19.77 15.12
CA MET B 152 -28.74 -20.42 14.54
C MET B 152 -29.59 -21.15 15.58
N HIS B 153 -28.96 -21.92 16.44
CA HIS B 153 -29.70 -22.73 17.39
C HIS B 153 -30.43 -21.90 18.43
N SER B 154 -29.87 -20.76 18.80
CA SER B 154 -30.50 -19.90 19.79
C SER B 154 -31.81 -19.33 19.25
N ARG B 155 -32.01 -19.44 17.94
CA ARG B 155 -33.21 -18.98 17.27
C ARG B 155 -34.01 -20.17 16.77
N ARG B 156 -33.63 -21.34 17.26
CA ARG B 156 -34.26 -22.61 16.90
C ARG B 156 -34.20 -22.90 15.41
N VAL B 157 -33.06 -22.57 14.80
CA VAL B 157 -32.87 -22.85 13.40
C VAL B 157 -31.86 -23.98 13.24
N MET B 158 -32.27 -25.07 12.61
CA MET B 158 -31.37 -26.18 12.38
C MET B 158 -30.71 -26.04 11.02
N HIS B 159 -29.47 -26.49 10.91
CA HIS B 159 -28.79 -26.42 9.62
C HIS B 159 -29.12 -27.62 8.75
N ARG B 160 -28.96 -28.82 9.32
CA ARG B 160 -29.28 -30.09 8.65
C ARG B 160 -28.31 -30.54 7.54
N ASP B 161 -27.24 -29.80 7.27
CA ASP B 161 -26.26 -30.25 6.27
C ASP B 161 -24.86 -29.74 6.54
N ILE B 162 -24.32 -30.05 7.71
CA ILE B 162 -23.02 -29.52 8.06
C ILE B 162 -21.91 -30.45 7.59
N LYS B 163 -21.09 -29.92 6.70
CA LYS B 163 -19.97 -30.63 6.10
C LYS B 163 -19.18 -29.59 5.29
N PRO B 164 -17.91 -29.86 4.95
CA PRO B 164 -16.99 -28.93 4.30
C PRO B 164 -17.60 -28.25 3.08
N ALA B 165 -18.49 -28.95 2.39
CA ALA B 165 -19.12 -28.39 1.19
C ALA B 165 -19.82 -27.07 1.47
N ASN B 166 -20.40 -26.92 2.67
CA ASN B 166 -21.14 -25.71 2.99
C ASN B 166 -20.36 -24.77 3.90
N VAL B 167 -19.08 -25.06 4.11
CA VAL B 167 -18.28 -24.23 4.99
C VAL B 167 -17.32 -23.39 4.17
N PHE B 168 -17.61 -22.10 4.05
CA PHE B 168 -16.87 -21.23 3.17
C PHE B 168 -15.86 -20.43 3.94
N ILE B 169 -14.71 -20.17 3.33
CA ILE B 169 -13.66 -19.42 3.99
C ILE B 169 -13.25 -18.22 3.15
N THR B 170 -13.26 -17.04 3.76
CA THR B 170 -12.91 -15.82 3.06
C THR B 170 -11.40 -15.69 2.91
N ALA B 171 -10.96 -14.73 2.10
CA ALA B 171 -9.54 -14.49 1.89
C ALA B 171 -8.84 -14.13 3.20
N THR B 172 -9.62 -13.62 4.16
CA THR B 172 -9.09 -13.20 5.45
C THR B 172 -9.18 -14.32 6.48
N GLY B 173 -9.64 -15.50 6.06
CA GLY B 173 -9.71 -16.65 6.94
C GLY B 173 -10.98 -16.68 7.79
N VAL B 174 -12.03 -15.99 7.34
CA VAL B 174 -13.28 -15.96 8.09
C VAL B 174 -14.21 -17.04 7.59
N VAL B 175 -14.76 -17.80 8.52
CA VAL B 175 -15.66 -18.90 8.18
C VAL B 175 -17.09 -18.42 8.06
N LYS B 176 -17.74 -18.81 6.97
CA LYS B 176 -19.14 -18.49 6.77
C LYS B 176 -19.92 -19.74 6.40
N LEU B 177 -20.94 -20.04 7.19
CA LEU B 177 -21.70 -21.26 6.95
C LEU B 177 -22.86 -21.02 6.00
N GLY B 178 -22.83 -21.73 4.87
CA GLY B 178 -23.86 -21.60 3.85
C GLY B 178 -24.86 -22.71 4.01
N ASP B 179 -25.86 -22.75 3.13
CA ASP B 179 -26.89 -23.77 3.20
C ASP B 179 -27.19 -24.39 1.86
N LEU B 180 -26.31 -24.21 0.88
CA LEU B 180 -26.63 -24.63 -0.47
C LEU B 180 -27.07 -26.10 -0.49
N GLY B 181 -26.23 -26.96 0.07
CA GLY B 181 -26.57 -28.37 0.15
C GLY B 181 -27.09 -28.87 -1.19
N LEU B 182 -28.15 -29.68 -1.12
CA LEU B 182 -28.79 -30.21 -2.32
C LEU B 182 -30.26 -29.81 -2.37
N GLY B 183 -30.62 -28.70 -1.73
CA GLY B 183 -32.02 -28.29 -1.66
C GLY B 183 -32.82 -29.12 -0.65
N ARG B 184 -32.16 -29.49 0.45
CA ARG B 184 -32.74 -30.34 1.50
C ARG B 184 -33.97 -29.74 2.16
N PHE B 185 -34.12 -28.43 2.06
CA PHE B 185 -35.25 -27.75 2.66
C PHE B 185 -36.50 -28.00 1.83
N PHE B 186 -36.30 -28.44 0.60
CA PHE B 186 -37.39 -28.70 -0.32
C PHE B 186 -37.64 -30.20 -0.39
N SER B 187 -36.55 -30.96 -0.42
CA SER B 187 -36.63 -32.41 -0.47
C SER B 187 -36.83 -32.97 0.93
N SER B 188 -37.96 -32.62 1.53
CA SER B 188 -38.27 -33.06 2.89
C SER B 188 -39.25 -34.23 2.89
N LYS B 189 -40.00 -34.37 1.80
CA LYS B 189 -41.01 -35.41 1.68
C LYS B 189 -40.61 -36.41 0.60
N THR B 190 -39.38 -36.28 0.12
CA THR B 190 -38.85 -37.13 -0.94
C THR B 190 -37.63 -37.89 -0.47
N THR B 191 -37.70 -38.42 0.75
CA THR B 191 -36.57 -39.08 1.38
C THR B 191 -36.22 -40.39 0.69
N ALA B 192 -37.14 -40.91 -0.11
CA ALA B 192 -36.90 -42.13 -0.86
C ALA B 192 -35.70 -41.95 -1.79
N ALA B 193 -35.46 -40.70 -2.21
CA ALA B 193 -34.38 -40.41 -3.15
C ALA B 193 -33.05 -40.22 -2.43
N HIS B 194 -33.05 -40.19 -1.10
CA HIS B 194 -31.87 -39.82 -0.35
C HIS B 194 -30.83 -40.93 -0.27
N SER B 195 -31.11 -42.08 -0.89
CA SER B 195 -30.11 -43.11 -1.00
C SER B 195 -29.08 -42.69 -2.05
N LEU B 196 -29.51 -41.76 -2.92
CA LEU B 196 -28.66 -41.19 -3.96
C LEU B 196 -28.40 -39.71 -3.70
N VAL B 197 -29.36 -39.04 -3.08
CA VAL B 197 -29.28 -37.60 -2.83
C VAL B 197 -28.89 -37.29 -1.39
N GLY B 198 -27.63 -36.90 -1.19
CA GLY B 198 -27.13 -36.62 0.15
C GLY B 198 -25.82 -37.33 0.40
N THR B 199 -25.17 -36.98 1.50
CA THR B 199 -23.89 -37.57 1.86
C THR B 199 -23.93 -38.13 3.28
N PRO B 200 -24.39 -39.38 3.45
CA PRO B 200 -24.73 -40.01 4.70
C PRO B 200 -23.50 -40.46 5.47
N TYR B 201 -22.57 -39.54 5.64
CA TYR B 201 -21.36 -39.74 6.41
C TYR B 201 -21.40 -38.80 7.58
N TYR B 202 -22.24 -37.78 7.43
CA TYR B 202 -22.39 -36.74 8.44
C TYR B 202 -23.75 -36.89 9.10
N MET B 203 -24.44 -37.98 8.78
CA MET B 203 -25.77 -38.22 9.31
C MET B 203 -25.73 -39.11 10.54
N SER B 204 -26.48 -38.72 11.56
CA SER B 204 -26.62 -39.50 12.77
C SER B 204 -27.53 -40.69 12.47
N PRO B 205 -27.50 -41.75 13.28
CA PRO B 205 -28.38 -42.91 13.19
C PRO B 205 -29.84 -42.50 13.08
N GLU B 206 -30.21 -41.42 13.77
CA GLU B 206 -31.57 -40.94 13.73
C GLU B 206 -31.96 -40.43 12.35
N ARG B 207 -31.02 -39.82 11.66
CA ARG B 207 -31.30 -39.31 10.32
C ARG B 207 -31.33 -40.46 9.34
N ILE B 208 -30.46 -41.44 9.56
CA ILE B 208 -30.38 -42.61 8.71
C ILE B 208 -31.68 -43.41 8.82
N HIS B 209 -32.21 -43.50 10.04
CA HIS B 209 -33.44 -44.21 10.31
C HIS B 209 -34.67 -43.36 10.00
N GLU B 210 -34.44 -42.12 9.58
CA GLU B 210 -35.52 -41.17 9.34
C GLU B 210 -36.47 -41.04 10.53
N ASN B 211 -35.89 -40.91 11.72
CA ASN B 211 -36.68 -40.77 12.94
C ASN B 211 -36.88 -39.31 13.30
N GLY B 212 -36.46 -38.42 12.41
CA GLY B 212 -36.57 -36.98 12.62
C GLY B 212 -35.20 -36.36 12.88
N TYR B 213 -35.02 -35.12 12.47
CA TYR B 213 -33.74 -34.45 12.66
C TYR B 213 -33.83 -33.46 13.80
N ASN B 214 -33.15 -33.75 14.89
CA ASN B 214 -33.16 -32.86 16.04
C ASN B 214 -31.95 -31.95 16.01
N PHE B 215 -31.84 -31.05 16.98
CA PHE B 215 -30.72 -30.13 17.03
C PHE B 215 -29.42 -30.88 17.33
N LYS B 216 -29.54 -31.95 18.09
CA LYS B 216 -28.38 -32.74 18.47
C LYS B 216 -27.79 -33.46 17.25
N SER B 217 -28.52 -33.48 16.15
CA SER B 217 -28.03 -34.13 14.95
C SER B 217 -27.05 -33.21 14.22
N ASP B 218 -27.17 -31.90 14.42
CA ASP B 218 -26.18 -30.97 13.90
C ASP B 218 -24.89 -31.19 14.68
N ILE B 219 -25.04 -31.52 15.94
CA ILE B 219 -23.87 -31.76 16.78
C ILE B 219 -23.14 -33.01 16.30
N TRP B 220 -23.89 -34.06 15.98
CA TRP B 220 -23.28 -35.26 15.41
C TRP B 220 -22.43 -34.92 14.21
N SER B 221 -23.01 -34.19 13.26
CA SER B 221 -22.33 -33.85 12.03
C SER B 221 -21.16 -32.90 12.29
N LEU B 222 -21.29 -32.05 13.29
CA LEU B 222 -20.22 -31.14 13.65
C LEU B 222 -19.02 -31.92 14.17
N GLY B 223 -19.31 -32.94 14.97
CA GLY B 223 -18.26 -33.80 15.49
C GLY B 223 -17.54 -34.50 14.37
N CYS B 224 -18.31 -34.96 13.38
CA CYS B 224 -17.72 -35.62 12.22
C CYS B 224 -16.80 -34.67 11.48
N LEU B 225 -17.22 -33.42 11.34
CA LEU B 225 -16.40 -32.43 10.66
C LEU B 225 -15.09 -32.21 11.40
N LEU B 226 -15.15 -32.10 12.71
CA LEU B 226 -13.93 -31.88 13.48
C LEU B 226 -12.97 -33.04 13.31
N TYR B 227 -13.51 -34.25 13.37
CA TYR B 227 -12.70 -35.44 13.16
C TYR B 227 -12.05 -35.39 11.80
N GLU B 228 -12.86 -35.09 10.78
CA GLU B 228 -12.36 -35.06 9.42
C GLU B 228 -11.22 -34.09 9.25
N MET B 229 -11.32 -32.91 9.84
CA MET B 229 -10.22 -31.96 9.74
C MET B 229 -8.96 -32.53 10.34
N ALA B 230 -9.08 -33.14 11.52
CA ALA B 230 -7.92 -33.69 12.20
C ALA B 230 -7.33 -34.89 11.45
N ALA B 231 -8.19 -35.70 10.87
CA ALA B 231 -7.77 -36.91 10.17
C ALA B 231 -7.59 -36.72 8.66
N LEU B 232 -8.10 -35.60 8.14
CA LEU B 232 -8.16 -35.37 6.70
C LEU B 232 -8.96 -36.46 6.00
N GLN B 233 -10.04 -36.90 6.65
CA GLN B 233 -10.92 -37.95 6.14
C GLN B 233 -12.10 -38.21 7.09
N SER B 234 -13.25 -38.52 6.51
CA SER B 234 -14.45 -38.82 7.27
C SER B 234 -14.28 -40.06 8.16
N PRO B 235 -14.81 -40.04 9.38
CA PRO B 235 -14.71 -41.11 10.36
C PRO B 235 -15.38 -42.39 9.90
N PHE B 236 -16.28 -42.30 8.94
CA PHE B 236 -16.97 -43.49 8.49
C PHE B 236 -16.67 -43.79 7.03
N TYR B 237 -15.53 -43.29 6.56
CA TYR B 237 -15.07 -43.55 5.20
C TYR B 237 -14.49 -44.94 5.06
N GLY B 238 -14.68 -45.55 3.89
CA GLY B 238 -14.02 -46.82 3.61
C GLY B 238 -14.02 -47.11 2.10
N ASP B 239 -13.23 -48.10 1.72
CA ASP B 239 -13.09 -48.47 0.31
C ASP B 239 -14.16 -49.43 -0.15
N LYS B 240 -14.93 -48.99 -1.16
CA LYS B 240 -16.04 -49.79 -1.69
C LYS B 240 -17.02 -50.16 -0.59
N MET B 241 -17.28 -49.19 0.28
CA MET B 241 -18.22 -49.36 1.38
C MET B 241 -19.61 -48.92 0.94
N ASN B 242 -20.54 -49.86 0.92
CA ASN B 242 -21.89 -49.56 0.50
C ASN B 242 -22.72 -49.01 1.65
N LEU B 243 -23.97 -48.66 1.37
CA LEU B 243 -24.82 -48.04 2.37
C LEU B 243 -25.08 -48.97 3.54
N TYR B 244 -25.19 -50.27 3.27
CA TYR B 244 -25.39 -51.24 4.33
C TYR B 244 -24.24 -51.24 5.31
N SER B 245 -23.03 -51.38 4.80
CA SER B 245 -21.87 -51.43 5.66
C SER B 245 -21.66 -50.10 6.35
N LEU B 246 -21.94 -49.01 5.64
CA LEU B 246 -21.75 -47.67 6.16
C LEU B 246 -22.67 -47.44 7.34
N CYS B 247 -23.94 -47.83 7.22
CA CYS B 247 -24.87 -47.59 8.31
C CYS B 247 -24.51 -48.44 9.51
N LYS B 248 -23.91 -49.60 9.30
CA LYS B 248 -23.55 -50.45 10.42
C LYS B 248 -22.40 -49.84 11.20
N LYS B 249 -21.41 -49.28 10.50
CA LYS B 249 -20.29 -48.66 11.16
C LYS B 249 -20.76 -47.46 11.96
N ILE B 250 -21.73 -46.74 11.42
CA ILE B 250 -22.29 -45.58 12.09
C ILE B 250 -23.12 -45.97 13.32
N GLU B 251 -23.97 -46.98 13.18
CA GLU B 251 -24.79 -47.43 14.30
C GLU B 251 -23.91 -47.92 15.45
N GLN B 252 -22.79 -48.53 15.12
CA GLN B 252 -21.85 -49.03 16.12
C GLN B 252 -20.86 -47.98 16.54
N CYS B 253 -20.97 -46.77 15.96
CA CYS B 253 -20.07 -45.68 16.25
C CYS B 253 -18.62 -46.14 16.19
N ASP B 254 -18.30 -46.87 15.14
CA ASP B 254 -16.99 -47.48 14.98
C ASP B 254 -16.11 -46.72 14.00
N TYR B 255 -15.11 -46.01 14.50
CA TYR B 255 -14.18 -45.27 13.64
C TYR B 255 -12.81 -45.17 14.33
N PRO B 256 -11.72 -45.07 13.56
CA PRO B 256 -10.35 -44.95 14.05
C PRO B 256 -10.16 -43.73 14.94
N PRO B 257 -9.33 -43.82 15.98
CA PRO B 257 -8.98 -42.75 16.89
C PRO B 257 -8.03 -41.77 16.23
N LEU B 258 -7.98 -40.55 16.75
CA LEU B 258 -7.00 -39.57 16.29
C LEU B 258 -5.67 -39.81 17.03
N PRO B 259 -4.52 -39.55 16.37
CA PRO B 259 -3.17 -39.71 16.92
C PRO B 259 -2.99 -38.95 18.24
N SER B 260 -2.48 -39.66 19.25
CA SER B 260 -2.32 -39.09 20.58
C SER B 260 -1.24 -38.04 20.70
N ASP B 261 -0.27 -38.06 19.78
CA ASP B 261 0.80 -37.09 19.84
C ASP B 261 0.62 -35.95 18.85
N HIS B 262 -0.51 -35.93 18.14
CA HIS B 262 -0.73 -34.85 17.18
C HIS B 262 -1.84 -33.95 17.64
N TYR B 263 -2.86 -34.52 18.26
CA TYR B 263 -3.97 -33.71 18.74
C TYR B 263 -4.12 -33.87 20.23
N SER B 264 -4.65 -32.83 20.87
CA SER B 264 -4.85 -32.82 22.30
C SER B 264 -5.95 -33.77 22.72
N GLU B 265 -5.89 -34.15 23.99
CA GLU B 265 -6.93 -34.99 24.56
C GLU B 265 -8.27 -34.29 24.53
N GLU B 266 -8.27 -33.00 24.78
CA GLU B 266 -9.52 -32.27 24.81
C GLU B 266 -10.23 -32.31 23.46
N LEU B 267 -9.46 -32.26 22.38
CA LEU B 267 -10.06 -32.29 21.06
C LEU B 267 -10.72 -33.63 20.85
N ARG B 268 -10.02 -34.70 21.21
CA ARG B 268 -10.56 -36.03 21.04
C ARG B 268 -11.81 -36.23 21.89
N GLN B 269 -11.80 -35.69 23.10
CA GLN B 269 -12.95 -35.83 23.96
C GLN B 269 -14.15 -35.10 23.38
N LEU B 270 -13.91 -33.95 22.76
CA LEU B 270 -15.00 -33.20 22.17
C LEU B 270 -15.61 -33.98 21.03
N VAL B 271 -14.75 -34.62 20.24
CA VAL B 271 -15.21 -35.45 19.14
C VAL B 271 -16.01 -36.62 19.66
N ASN B 272 -15.51 -37.27 20.71
CA ASN B 272 -16.19 -38.44 21.27
C ASN B 272 -17.57 -38.09 21.80
N MET B 273 -17.69 -36.92 22.41
CA MET B 273 -18.97 -36.47 22.94
C MET B 273 -19.95 -36.17 21.83
N CYS B 274 -19.46 -35.58 20.74
CA CYS B 274 -20.31 -35.20 19.63
C CYS B 274 -20.72 -36.42 18.79
N ILE B 275 -19.77 -37.27 18.47
CA ILE B 275 -20.11 -38.44 17.69
C ILE B 275 -20.56 -39.53 18.64
N ASN B 276 -21.78 -39.40 19.10
CA ASN B 276 -22.36 -40.33 20.05
C ASN B 276 -23.74 -40.76 19.56
N PRO B 277 -23.93 -42.05 19.28
CA PRO B 277 -25.11 -42.63 18.67
C PRO B 277 -26.34 -42.46 19.54
N ASP B 278 -26.13 -42.16 20.81
CA ASP B 278 -27.21 -41.93 21.74
C ASP B 278 -27.49 -40.43 21.84
N PRO B 279 -28.61 -39.95 21.29
CA PRO B 279 -28.93 -38.55 21.12
C PRO B 279 -29.12 -37.82 22.44
N GLU B 280 -29.29 -38.58 23.51
CA GLU B 280 -29.49 -37.98 24.82
C GLU B 280 -28.16 -37.74 25.52
N LYS B 281 -27.08 -38.18 24.88
CA LYS B 281 -25.75 -38.04 25.46
C LYS B 281 -24.95 -36.94 24.76
N ARG B 282 -25.38 -36.56 23.57
CA ARG B 282 -24.65 -35.56 22.81
C ARG B 282 -24.82 -34.19 23.48
N PRO B 283 -23.77 -33.37 23.52
CA PRO B 283 -23.74 -32.02 24.05
C PRO B 283 -24.50 -31.08 23.15
N ASP B 284 -24.91 -29.95 23.68
CA ASP B 284 -25.55 -28.96 22.82
C ASP B 284 -24.50 -28.08 22.16
N VAL B 285 -24.93 -27.11 21.39
CA VAL B 285 -24.00 -26.27 20.66
C VAL B 285 -23.28 -25.31 21.57
N THR B 286 -23.96 -24.83 22.60
CA THR B 286 -23.37 -23.87 23.50
C THR B 286 -22.17 -24.49 24.19
N TYR B 287 -22.33 -25.70 24.65
CA TYR B 287 -21.25 -26.42 25.31
C TYR B 287 -20.06 -26.51 24.38
N VAL B 288 -20.30 -26.97 23.16
CA VAL B 288 -19.22 -27.17 22.21
C VAL B 288 -18.53 -25.86 21.91
N TYR B 289 -19.32 -24.81 21.71
CA TYR B 289 -18.77 -23.51 21.39
C TYR B 289 -17.89 -23.01 22.53
N ASP B 290 -18.36 -23.12 23.77
CA ASP B 290 -17.54 -22.67 24.88
C ASP B 290 -16.24 -23.43 24.96
N VAL B 291 -16.28 -24.73 24.69
CA VAL B 291 -15.05 -25.49 24.70
C VAL B 291 -14.13 -25.00 23.60
N ALA B 292 -14.67 -24.82 22.41
CA ALA B 292 -13.85 -24.38 21.28
C ALA B 292 -13.20 -23.04 21.60
N LYS B 293 -13.93 -22.16 22.29
CA LYS B 293 -13.37 -20.86 22.65
C LYS B 293 -12.22 -21.00 23.64
N ARG B 294 -12.38 -21.87 24.62
CA ARG B 294 -11.36 -22.03 25.66
C ARG B 294 -10.12 -22.70 25.11
N MET B 295 -10.31 -23.63 24.19
CA MET B 295 -9.18 -24.27 23.54
C MET B 295 -8.47 -23.26 22.66
N HIS B 296 -9.25 -22.57 21.84
CA HIS B 296 -8.72 -21.57 20.92
C HIS B 296 -7.98 -20.50 21.68
N ALA B 297 -8.54 -20.09 22.81
CA ALA B 297 -7.95 -19.02 23.62
C ALA B 297 -6.53 -19.37 24.10
N CYS B 298 -6.18 -20.66 24.07
CA CYS B 298 -4.87 -21.08 24.52
C CYS B 298 -3.94 -21.32 23.33
N THR B 299 -4.52 -21.58 22.17
CA THR B 299 -3.76 -21.81 20.96
C THR B 299 -4.27 -20.95 19.83
N ALA B 300 -4.13 -19.64 19.97
CA ALA B 300 -4.59 -18.72 18.94
C ALA B 300 -3.58 -17.62 18.73
N SER B 301 -3.06 -17.55 17.54
CA SER B 301 -2.07 -16.56 17.18
C SER B 301 -2.71 -15.19 17.10
N SER B 302 -1.93 -14.16 17.45
CA SER B 302 -2.39 -12.78 17.29
C SER B 302 -1.99 -12.23 15.92
N LYS C 7 -45.45 33.03 -40.39
CA LYS C 7 -45.50 32.16 -39.23
C LYS C 7 -44.50 31.03 -39.34
N LYS C 8 -43.35 31.34 -39.92
CA LYS C 8 -42.29 30.35 -40.10
C LYS C 8 -41.01 30.83 -39.43
N ASP C 9 -40.26 29.91 -38.84
CA ASP C 9 -39.00 30.27 -38.24
C ASP C 9 -37.86 30.12 -39.23
N TYR C 10 -36.65 30.40 -38.79
CA TYR C 10 -35.49 30.30 -39.65
C TYR C 10 -34.58 29.16 -39.24
N ARG C 11 -34.67 28.76 -37.97
CA ARG C 11 -33.80 27.73 -37.43
C ARG C 11 -33.93 26.43 -38.19
N LYS C 12 -35.16 26.10 -38.57
CA LYS C 12 -35.41 24.86 -39.28
C LYS C 12 -34.82 24.91 -40.68
N LYS C 13 -34.99 26.05 -41.34
CA LYS C 13 -34.50 26.23 -42.69
C LYS C 13 -32.99 26.07 -42.73
N TYR C 14 -32.34 26.62 -41.72
CA TYR C 14 -30.90 26.55 -41.65
C TYR C 14 -30.42 25.14 -41.34
N ARG C 15 -31.04 24.47 -40.38
CA ARG C 15 -30.61 23.14 -40.03
C ARG C 15 -30.68 22.22 -41.24
N LYS C 16 -31.74 22.36 -42.03
CA LYS C 16 -31.88 21.56 -43.24
C LYS C 16 -30.74 21.85 -44.20
N TYR C 17 -30.45 23.13 -44.39
CA TYR C 17 -29.36 23.54 -45.26
C TYR C 17 -28.04 22.93 -44.82
N VAL C 18 -27.78 22.99 -43.52
CA VAL C 18 -26.54 22.46 -42.98
C VAL C 18 -26.45 20.96 -43.20
N ARG C 19 -27.54 20.25 -42.95
CA ARG C 19 -27.53 18.82 -43.17
C ARG C 19 -27.26 18.53 -44.63
N SER C 20 -27.84 19.34 -45.51
CA SER C 20 -27.69 19.18 -46.95
C SER C 20 -26.26 19.42 -47.43
N ARG C 21 -25.63 20.48 -46.94
CA ARG C 21 -24.31 20.82 -47.44
C ARG C 21 -23.22 19.88 -46.91
N PHE C 22 -23.42 19.33 -45.72
CA PHE C 22 -22.40 18.47 -45.12
C PHE C 22 -22.70 16.98 -45.22
N GLN C 23 -23.23 16.55 -46.36
CA GLN C 23 -23.53 15.14 -46.55
C GLN C 23 -22.29 14.35 -46.96
N CYS C 24 -21.25 15.05 -47.37
CA CYS C 24 -20.03 14.40 -47.81
C CYS C 24 -18.79 15.03 -47.20
N ILE C 25 -17.82 14.19 -46.89
CA ILE C 25 -16.54 14.59 -46.34
C ILE C 25 -15.73 15.40 -47.34
N GLU C 26 -15.76 15.00 -48.61
CA GLU C 26 -15.01 15.68 -49.65
C GLU C 26 -15.47 17.12 -49.87
N ASP C 27 -16.72 17.41 -49.47
CA ASP C 27 -17.30 18.75 -49.60
C ASP C 27 -17.34 19.24 -51.03
N ARG C 28 -17.65 18.33 -51.96
CA ARG C 28 -17.72 18.71 -53.36
C ARG C 28 -18.28 17.60 -54.23
N ASN C 29 -18.46 17.89 -55.51
CA ASN C 29 -18.81 16.90 -56.51
C ASN C 29 -17.53 16.34 -57.12
N ALA C 30 -17.66 15.47 -58.12
CA ALA C 30 -16.51 14.83 -58.77
C ALA C 30 -15.69 14.07 -57.74
N ARG C 31 -16.39 13.41 -56.82
CA ARG C 31 -15.74 12.66 -55.76
C ARG C 31 -15.27 11.30 -56.23
N LEU C 32 -14.14 11.29 -56.94
CA LEU C 32 -13.56 10.05 -57.45
C LEU C 32 -14.61 9.23 -58.22
N GLY C 33 -15.17 9.81 -59.27
CA GLY C 33 -16.21 9.13 -60.03
C GLY C 33 -17.61 9.43 -59.49
N GLU C 34 -17.76 10.57 -58.83
CA GLU C 34 -19.03 11.00 -58.26
C GLU C 34 -19.56 10.01 -57.23
N SER C 35 -18.66 9.43 -56.44
CA SER C 35 -19.05 8.50 -55.39
C SER C 35 -19.56 9.29 -54.20
N VAL C 36 -20.14 8.61 -53.23
CA VAL C 36 -20.60 9.27 -52.02
C VAL C 36 -19.52 9.14 -50.96
N SER C 37 -19.16 10.25 -50.31
CA SER C 37 -18.11 10.20 -49.32
C SER C 37 -18.53 9.36 -48.13
N LEU C 38 -19.80 9.45 -47.79
CA LEU C 38 -20.38 8.70 -46.68
C LEU C 38 -19.84 9.22 -45.37
N ASN C 39 -20.64 10.02 -44.68
CA ASN C 39 -20.19 10.60 -43.42
C ASN C 39 -19.97 9.53 -42.35
N LYS C 40 -20.52 8.35 -42.57
CA LYS C 40 -20.29 7.23 -41.67
C LYS C 40 -18.84 6.76 -41.76
N ARG C 41 -18.14 7.22 -42.81
CA ARG C 41 -16.72 6.96 -43.02
C ARG C 41 -15.90 7.56 -41.90
N TYR C 42 -16.45 8.59 -41.27
CA TYR C 42 -15.76 9.28 -40.19
C TYR C 42 -15.31 8.33 -39.11
N THR C 43 -14.03 8.39 -38.79
CA THR C 43 -13.45 7.57 -37.75
C THR C 43 -13.15 8.45 -36.54
N ARG C 44 -13.54 8.00 -35.37
CA ARG C 44 -13.38 8.80 -34.17
C ARG C 44 -11.90 9.11 -33.89
N LEU C 45 -11.63 10.40 -33.66
CA LEU C 45 -10.30 10.84 -33.31
C LEU C 45 -10.18 10.94 -31.80
N ARG C 46 -9.00 10.67 -31.28
CA ARG C 46 -8.80 10.80 -29.85
C ARG C 46 -8.73 12.27 -29.44
N LEU C 47 -9.52 12.64 -28.44
CA LEU C 47 -9.54 14.00 -27.95
C LEU C 47 -9.10 14.04 -26.50
N ILE C 48 -8.07 14.81 -26.21
CA ILE C 48 -7.55 14.89 -24.86
C ILE C 48 -7.60 16.31 -24.30
N LYS C 49 -8.30 16.47 -23.18
CA LYS C 49 -8.40 17.76 -22.52
C LYS C 49 -7.04 18.19 -21.99
N GLU C 50 -6.66 19.43 -22.26
CA GLU C 50 -5.39 19.96 -21.80
C GLU C 50 -5.00 19.35 -20.45
N SER C 75 -9.35 10.40 -18.63
CA SER C 75 -10.58 10.19 -19.38
C SER C 75 -10.62 11.04 -20.65
N PRO C 76 -11.18 10.52 -21.74
CA PRO C 76 -11.35 11.18 -23.02
C PRO C 76 -12.40 12.27 -22.91
N ILE C 77 -12.32 13.26 -23.80
CA ILE C 77 -13.33 14.30 -23.82
C ILE C 77 -14.20 14.16 -25.06
N LYS C 78 -15.50 14.34 -24.87
CA LYS C 78 -16.46 14.19 -25.94
C LYS C 78 -16.61 15.49 -26.72
N MET C 79 -17.17 15.40 -27.93
CA MET C 79 -17.48 16.58 -28.72
C MET C 79 -18.56 17.39 -28.01
N GLU C 80 -19.36 16.70 -27.22
CA GLU C 80 -20.42 17.29 -26.43
C GLU C 80 -19.85 17.76 -25.09
N LEU C 81 -20.50 18.78 -24.49
CA LEU C 81 -20.16 19.28 -23.17
C LEU C 81 -18.86 20.08 -23.17
N LEU C 82 -18.40 20.49 -24.35
CA LEU C 82 -17.16 21.25 -24.48
C LEU C 82 -17.25 22.63 -23.84
N PHE C 83 -18.44 23.21 -23.84
CA PHE C 83 -18.60 24.56 -23.34
C PHE C 83 -19.14 24.57 -21.92
N ASP C 84 -19.29 23.39 -21.34
CA ASP C 84 -19.87 23.29 -20.01
C ASP C 84 -19.00 23.99 -18.97
N PRO C 85 -19.60 24.52 -17.90
CA PRO C 85 -18.95 25.08 -16.75
C PRO C 85 -17.98 24.10 -16.11
N ASP C 86 -16.91 24.63 -15.53
CA ASP C 86 -15.89 23.80 -14.90
C ASP C 86 -16.32 23.29 -13.51
N ASP C 87 -15.36 22.68 -12.80
CA ASP C 87 -15.63 21.94 -11.57
C ASP C 87 -16.05 22.78 -10.37
N GLU C 88 -15.60 24.03 -10.28
CA GLU C 88 -15.92 24.84 -9.12
C GLU C 88 -16.23 26.28 -9.52
N HIS C 89 -17.24 26.84 -8.88
CA HIS C 89 -17.80 28.16 -9.19
C HIS C 89 -18.50 28.15 -10.54
N SER C 90 -18.61 26.96 -11.14
CA SER C 90 -19.33 26.77 -12.40
C SER C 90 -18.95 27.81 -13.43
N GLU C 91 -17.66 27.99 -13.67
CA GLU C 91 -17.23 29.00 -14.64
C GLU C 91 -17.49 28.50 -16.07
N PRO C 92 -18.35 29.17 -16.85
CA PRO C 92 -18.81 28.80 -18.18
C PRO C 92 -17.69 28.99 -19.19
N VAL C 93 -17.75 28.26 -20.30
CA VAL C 93 -16.75 28.41 -21.34
C VAL C 93 -17.35 28.94 -22.62
N HIS C 94 -16.84 30.07 -23.08
CA HIS C 94 -17.32 30.65 -24.33
C HIS C 94 -16.46 30.21 -25.48
N THR C 95 -15.17 30.06 -25.22
CA THR C 95 -14.23 29.75 -26.29
C THR C 95 -13.51 28.44 -26.06
N VAL C 96 -13.56 27.59 -27.06
CA VAL C 96 -12.87 26.32 -27.04
C VAL C 96 -11.90 26.25 -28.19
N VAL C 97 -10.65 25.98 -27.89
CA VAL C 97 -9.64 25.94 -28.92
C VAL C 97 -9.07 24.55 -29.06
N PHE C 98 -9.15 24.03 -30.27
CA PHE C 98 -8.59 22.75 -30.59
C PHE C 98 -7.29 22.93 -31.30
N GLN C 99 -6.34 22.06 -30.99
CA GLN C 99 -5.06 22.14 -31.67
C GLN C 99 -4.63 20.78 -32.14
N GLY C 100 -3.86 20.77 -33.22
CA GLY C 100 -3.29 19.53 -33.70
C GLY C 100 -2.53 19.70 -35.01
N ALA C 101 -1.75 18.69 -35.33
CA ALA C 101 -0.94 18.68 -36.53
C ALA C 101 -1.82 18.66 -37.77
N ALA C 102 -1.32 19.24 -38.85
CA ALA C 102 -1.99 19.17 -40.13
C ALA C 102 -2.15 17.73 -40.54
N GLY C 103 -3.30 17.39 -41.08
CA GLY C 103 -3.57 16.03 -41.50
C GLY C 103 -4.30 15.22 -40.42
N ILE C 104 -4.38 15.78 -39.21
CA ILE C 104 -5.06 15.12 -38.10
C ILE C 104 -6.57 15.09 -38.27
N GLY C 105 -7.13 16.10 -38.90
CA GLY C 105 -8.57 16.12 -39.11
C GLY C 105 -9.26 17.24 -38.35
N LYS C 106 -8.58 18.36 -38.20
CA LYS C 106 -9.18 19.47 -37.51
C LYS C 106 -10.47 19.92 -38.18
N THR C 107 -10.47 19.97 -39.50
CA THR C 107 -11.67 20.43 -40.21
C THR C 107 -12.73 19.34 -40.28
N ILE C 108 -12.33 18.08 -40.35
CA ILE C 108 -13.34 17.04 -40.46
C ILE C 108 -14.12 16.97 -39.17
N LEU C 109 -13.44 17.23 -38.05
CA LEU C 109 -14.10 17.22 -36.76
C LEU C 109 -15.15 18.33 -36.72
N ALA C 110 -14.77 19.51 -37.19
CA ALA C 110 -15.72 20.63 -37.22
C ALA C 110 -16.90 20.32 -38.13
N ARG C 111 -16.63 19.68 -39.26
CA ARG C 111 -17.70 19.35 -40.19
C ARG C 111 -18.65 18.34 -39.57
N LYS C 112 -18.09 17.36 -38.88
CA LYS C 112 -18.90 16.36 -38.21
C LYS C 112 -19.77 17.04 -37.18
N MET C 113 -19.18 17.99 -36.47
CA MET C 113 -19.90 18.72 -35.44
C MET C 113 -21.07 19.48 -36.03
N MET C 114 -20.84 20.12 -37.17
CA MET C 114 -21.91 20.88 -37.83
C MET C 114 -23.06 19.98 -38.20
N LEU C 115 -22.76 18.78 -38.66
CA LEU C 115 -23.81 17.87 -39.06
C LEU C 115 -24.55 17.30 -37.87
N ASP C 116 -23.83 16.86 -36.85
CA ASP C 116 -24.48 16.26 -35.69
C ASP C 116 -25.44 17.25 -35.04
N TRP C 117 -25.06 18.51 -35.04
CA TRP C 117 -25.94 19.55 -34.55
C TRP C 117 -27.15 19.71 -35.44
N ALA C 118 -26.92 19.82 -36.75
CA ALA C 118 -28.01 20.03 -37.70
C ALA C 118 -28.99 18.85 -37.66
N SER C 119 -28.47 17.66 -37.35
CA SER C 119 -29.28 16.45 -37.22
C SER C 119 -30.05 16.43 -35.90
N GLY C 120 -29.75 17.39 -35.02
CA GLY C 120 -30.42 17.51 -33.74
C GLY C 120 -29.89 16.54 -32.68
N THR C 121 -28.62 16.13 -32.81
CA THR C 121 -28.07 15.18 -31.85
C THR C 121 -27.00 15.82 -30.96
N LEU C 122 -26.36 16.87 -31.46
CA LEU C 122 -25.26 17.49 -30.71
C LEU C 122 -25.49 18.98 -30.46
N TYR C 123 -25.55 19.35 -29.19
CA TYR C 123 -25.80 20.74 -28.76
C TYR C 123 -27.07 21.30 -29.38
N GLN C 124 -28.06 20.45 -29.60
CA GLN C 124 -29.29 20.86 -30.25
C GLN C 124 -30.15 21.70 -29.31
N ASP C 125 -29.85 21.61 -28.02
CA ASP C 125 -30.56 22.36 -27.00
C ASP C 125 -29.79 23.63 -26.65
N ARG C 126 -28.47 23.58 -26.85
CA ARG C 126 -27.60 24.66 -26.42
C ARG C 126 -27.54 25.83 -27.41
N PHE C 127 -27.51 25.54 -28.70
CA PHE C 127 -27.42 26.62 -29.68
C PHE C 127 -28.52 26.56 -30.73
N ASP C 128 -28.99 27.72 -31.15
CA ASP C 128 -29.98 27.81 -32.20
C ASP C 128 -29.34 27.87 -33.58
N TYR C 129 -28.16 28.47 -33.66
CA TYR C 129 -27.44 28.51 -34.93
C TYR C 129 -25.96 28.27 -34.75
N LEU C 130 -25.37 27.55 -35.70
CA LEU C 130 -23.93 27.39 -35.78
C LEU C 130 -23.44 27.99 -37.08
N PHE C 131 -22.36 28.76 -37.02
CA PHE C 131 -21.85 29.34 -38.25
C PHE C 131 -20.44 28.86 -38.53
N TYR C 132 -20.32 28.08 -39.59
CA TYR C 132 -19.05 27.50 -39.97
C TYR C 132 -18.37 28.33 -41.04
N ILE C 133 -17.19 28.84 -40.71
CA ILE C 133 -16.47 29.71 -41.61
C ILE C 133 -15.05 29.20 -41.86
N HIS C 134 -14.67 29.06 -43.14
CA HIS C 134 -13.32 28.64 -43.47
C HIS C 134 -12.35 29.80 -43.37
N CYS C 135 -11.23 29.60 -42.69
CA CYS C 135 -10.24 30.65 -42.59
C CYS C 135 -9.63 31.03 -43.94
N ARG C 136 -9.52 30.05 -44.83
CA ARG C 136 -8.91 30.30 -46.12
C ARG C 136 -9.82 31.12 -47.03
N GLU C 137 -11.08 31.26 -46.66
CA GLU C 137 -12.05 31.96 -47.49
C GLU C 137 -12.30 33.39 -47.04
N VAL C 138 -11.62 33.81 -45.98
CA VAL C 138 -11.88 35.13 -45.46
C VAL C 138 -10.68 36.06 -45.62
N SER C 139 -10.94 37.23 -46.16
CA SER C 139 -9.93 38.25 -46.37
C SER C 139 -9.50 38.90 -45.07
N LEU C 140 -8.21 39.18 -44.95
CA LEU C 140 -7.70 39.97 -43.84
C LEU C 140 -7.30 41.36 -44.30
N VAL C 141 -7.57 41.67 -45.56
CA VAL C 141 -7.14 42.95 -46.12
C VAL C 141 -8.30 43.81 -46.59
N THR C 142 -9.42 43.20 -46.94
CA THR C 142 -10.58 43.95 -47.38
C THR C 142 -11.47 44.30 -46.19
N GLN C 143 -12.42 45.21 -46.41
CA GLN C 143 -13.35 45.59 -45.35
C GLN C 143 -14.75 45.04 -45.61
N ARG C 144 -15.43 44.65 -44.54
CA ARG C 144 -16.80 44.17 -44.62
C ARG C 144 -17.49 44.16 -43.27
N SER C 145 -18.83 44.15 -43.28
CA SER C 145 -19.63 43.97 -42.08
C SER C 145 -19.58 42.51 -41.70
N LEU C 146 -20.15 42.14 -40.56
CA LEU C 146 -20.14 40.73 -40.19
C LEU C 146 -21.19 39.99 -41.00
N GLY C 147 -20.95 39.89 -42.30
CA GLY C 147 -21.85 39.26 -43.23
C GLY C 147 -21.52 37.79 -43.36
N ASP C 148 -20.50 37.37 -42.62
CA ASP C 148 -20.04 35.99 -42.66
C ASP C 148 -21.16 35.08 -42.19
N LEU C 149 -21.99 35.60 -41.30
CA LEU C 149 -23.13 34.86 -40.77
C LEU C 149 -24.21 34.76 -41.82
N ILE C 150 -24.12 35.58 -42.86
CA ILE C 150 -25.06 35.57 -43.96
C ILE C 150 -24.50 34.69 -45.07
N MET C 151 -23.21 34.83 -45.34
CA MET C 151 -22.60 34.05 -46.40
C MET C 151 -22.67 32.57 -46.07
N SER C 152 -22.58 32.26 -44.78
CA SER C 152 -22.63 30.88 -44.31
C SER C 152 -24.05 30.40 -44.00
N CYS C 153 -25.05 31.25 -44.23
CA CYS C 153 -26.43 30.87 -43.93
C CYS C 153 -27.06 30.17 -45.12
N CYS C 154 -28.32 29.78 -44.98
CA CYS C 154 -29.02 29.11 -46.06
C CYS C 154 -29.06 30.07 -47.25
N PRO C 155 -29.51 29.64 -48.44
CA PRO C 155 -29.51 30.41 -49.67
C PRO C 155 -30.21 31.75 -49.56
N ASP C 156 -31.11 31.89 -48.59
CA ASP C 156 -31.85 33.13 -48.41
C ASP C 156 -30.87 34.30 -48.19
N PRO C 157 -30.77 35.24 -49.13
CA PRO C 157 -29.84 36.34 -49.13
C PRO C 157 -30.17 37.38 -48.08
N ASN C 158 -31.37 37.28 -47.50
CA ASN C 158 -31.82 38.27 -46.53
C ASN C 158 -32.41 37.61 -45.27
N PRO C 159 -31.58 36.92 -44.48
CA PRO C 159 -31.94 36.18 -43.29
C PRO C 159 -32.32 37.17 -42.20
N PRO C 160 -32.97 36.71 -41.13
CA PRO C 160 -33.37 37.48 -39.97
C PRO C 160 -32.16 37.74 -39.07
N ILE C 161 -31.17 38.37 -39.66
CA ILE C 161 -29.90 38.66 -39.02
C ILE C 161 -30.07 39.64 -37.86
N HIS C 162 -31.11 40.45 -37.92
CA HIS C 162 -31.38 41.45 -36.91
C HIS C 162 -32.33 40.94 -35.83
N LYS C 163 -32.71 39.67 -35.93
CA LYS C 163 -33.71 39.14 -35.01
C LYS C 163 -33.07 38.20 -33.99
N ILE C 164 -33.55 36.97 -33.92
CA ILE C 164 -33.01 36.00 -32.98
C ILE C 164 -31.56 35.66 -33.31
N VAL C 165 -31.23 35.69 -34.59
CA VAL C 165 -29.89 35.38 -35.05
C VAL C 165 -28.89 36.37 -34.47
N ARG C 166 -29.37 37.54 -34.08
CA ARG C 166 -28.55 38.60 -33.53
C ARG C 166 -28.21 38.36 -32.06
N LYS C 167 -28.98 37.51 -31.40
CA LYS C 167 -28.89 37.32 -29.95
C LYS C 167 -27.68 36.46 -29.54
N PRO C 168 -26.68 37.04 -28.84
CA PRO C 168 -25.47 36.38 -28.39
C PRO C 168 -25.83 35.27 -27.42
N SER C 169 -24.97 34.27 -27.34
CA SER C 169 -25.09 33.11 -26.46
C SER C 169 -26.02 32.04 -27.03
N ARG C 170 -26.81 32.40 -28.04
CA ARG C 170 -27.68 31.44 -28.68
C ARG C 170 -27.00 30.90 -29.92
N ILE C 171 -25.82 31.42 -30.17
CA ILE C 171 -25.06 31.09 -31.36
C ILE C 171 -23.63 30.67 -31.04
N LEU C 172 -23.10 29.78 -31.88
CA LEU C 172 -21.71 29.34 -31.82
C LEU C 172 -21.02 29.44 -33.16
N PHE C 173 -19.87 30.08 -33.20
CA PHE C 173 -19.12 30.22 -34.43
C PHE C 173 -18.03 29.17 -34.48
N LEU C 174 -17.79 28.63 -35.67
CA LEU C 174 -16.74 27.66 -35.86
C LEU C 174 -15.74 28.19 -36.86
N MET C 175 -14.53 28.46 -36.40
CA MET C 175 -13.50 29.05 -37.24
C MET C 175 -12.30 28.12 -37.33
N ASP C 176 -12.28 27.27 -38.35
CA ASP C 176 -11.22 26.29 -38.45
C ASP C 176 -10.11 26.72 -39.41
N GLY C 177 -8.89 26.34 -39.05
CA GLY C 177 -7.73 26.63 -39.88
C GLY C 177 -7.18 28.01 -39.58
N PHE C 178 -7.09 28.38 -38.31
CA PHE C 178 -6.54 29.69 -37.96
C PHE C 178 -5.21 29.91 -38.66
N ASP C 179 -4.39 28.87 -38.70
CA ASP C 179 -3.09 28.92 -39.35
C ASP C 179 -3.19 29.06 -40.87
N GLU C 180 -4.36 28.80 -41.42
CA GLU C 180 -4.57 28.87 -42.85
C GLU C 180 -5.00 30.26 -43.28
N LEU C 181 -5.11 31.18 -42.32
CA LEU C 181 -5.48 32.54 -42.65
C LEU C 181 -4.42 33.14 -43.56
N GLN C 182 -4.87 33.76 -44.65
CA GLN C 182 -3.94 34.33 -45.60
C GLN C 182 -3.74 35.82 -45.40
N GLY C 183 -2.47 36.22 -45.32
CA GLY C 183 -2.12 37.62 -45.17
C GLY C 183 -1.62 37.90 -43.76
N ALA C 184 -1.01 39.06 -43.59
CA ALA C 184 -0.49 39.43 -42.28
C ALA C 184 -1.62 39.64 -41.30
N PHE C 185 -1.37 39.28 -40.05
CA PHE C 185 -2.35 39.41 -38.99
C PHE C 185 -1.68 39.92 -37.73
N ASP C 186 -2.26 40.92 -37.09
CA ASP C 186 -1.70 41.48 -35.86
C ASP C 186 -2.65 41.25 -34.69
N GLU C 187 -2.10 41.28 -33.49
CA GLU C 187 -2.90 41.15 -32.28
C GLU C 187 -3.09 42.50 -31.62
N HIS C 188 -2.14 43.40 -31.86
CA HIS C 188 -2.15 44.71 -31.20
C HIS C 188 -3.04 45.69 -31.96
N ILE C 189 -4.33 45.44 -31.92
CA ILE C 189 -5.28 46.27 -32.63
C ILE C 189 -6.07 47.17 -31.69
N GLY C 190 -5.86 48.47 -31.86
CA GLY C 190 -6.55 49.46 -31.04
C GLY C 190 -8.05 49.50 -31.37
N PRO C 191 -8.41 49.80 -32.63
CA PRO C 191 -9.76 49.88 -33.14
C PRO C 191 -10.36 48.49 -33.29
N LEU C 192 -10.63 47.85 -32.17
CA LEU C 192 -11.14 46.47 -32.19
C LEU C 192 -12.49 46.39 -32.89
N CYS C 193 -13.30 47.44 -32.76
CA CYS C 193 -14.59 47.53 -33.47
C CYS C 193 -15.63 46.48 -33.07
N THR C 194 -16.63 46.94 -32.32
CA THR C 194 -17.80 46.14 -31.99
C THR C 194 -18.93 46.59 -32.91
N ASP C 195 -20.11 46.01 -32.75
CA ASP C 195 -21.28 46.36 -33.56
C ASP C 195 -21.20 45.74 -34.94
N TRP C 196 -21.72 44.52 -35.06
CA TRP C 196 -21.63 43.70 -36.26
C TRP C 196 -22.14 44.38 -37.52
N GLN C 197 -22.98 45.40 -37.35
CA GLN C 197 -23.56 46.12 -38.48
C GLN C 197 -22.52 46.98 -39.18
N LYS C 198 -21.42 47.28 -38.50
CA LYS C 198 -20.38 48.13 -39.04
C LYS C 198 -19.36 47.35 -39.85
N ALA C 199 -19.02 47.86 -41.03
CA ALA C 199 -18.01 47.23 -41.86
C ALA C 199 -16.62 47.68 -41.49
N GLU C 200 -15.70 46.73 -41.40
CA GLU C 200 -14.32 47.06 -41.08
C GLU C 200 -13.38 46.02 -41.69
N ARG C 201 -12.08 46.23 -41.56
CA ARG C 201 -11.10 45.32 -42.13
C ARG C 201 -11.22 43.94 -41.52
N GLY C 202 -10.98 42.93 -42.35
CA GLY C 202 -11.12 41.54 -41.94
C GLY C 202 -10.29 41.13 -40.74
N ASP C 203 -9.10 41.71 -40.56
CA ASP C 203 -8.25 41.33 -39.44
C ASP C 203 -8.83 41.86 -38.15
N ILE C 204 -9.31 43.08 -38.21
CA ILE C 204 -9.95 43.71 -37.07
C ILE C 204 -11.21 42.95 -36.74
N LEU C 205 -11.98 42.61 -37.76
CA LEU C 205 -13.22 41.89 -37.56
C LEU C 205 -12.94 40.55 -36.90
N LEU C 206 -11.94 39.83 -37.40
CA LEU C 206 -11.60 38.55 -36.84
C LEU C 206 -11.12 38.67 -35.40
N SER C 207 -10.27 39.64 -35.13
CA SER C 207 -9.76 39.82 -33.78
C SER C 207 -10.89 40.13 -32.81
N SER C 208 -11.81 40.98 -33.24
CA SER C 208 -12.93 41.38 -32.40
C SER C 208 -13.77 40.16 -32.06
N LEU C 209 -13.95 39.26 -33.01
CA LEU C 209 -14.67 38.04 -32.74
C LEU C 209 -13.91 37.15 -31.76
N ILE C 210 -12.60 37.02 -31.98
CA ILE C 210 -11.79 36.13 -31.15
C ILE C 210 -11.73 36.62 -29.71
N ARG C 211 -11.60 37.92 -29.53
CA ARG C 211 -11.52 38.51 -28.20
C ARG C 211 -12.89 38.61 -27.53
N LYS C 212 -13.93 38.17 -28.23
CA LYS C 212 -15.29 38.23 -27.73
C LYS C 212 -15.73 39.67 -27.46
N LYS C 213 -15.33 40.60 -28.32
CA LYS C 213 -15.75 41.98 -28.18
C LYS C 213 -16.95 42.21 -29.06
N LEU C 214 -16.98 41.49 -30.17
CA LEU C 214 -18.08 41.56 -31.10
C LEU C 214 -19.04 40.43 -30.81
N LEU C 215 -20.31 40.78 -30.57
CA LEU C 215 -21.29 39.79 -30.18
C LEU C 215 -20.80 38.98 -28.97
N PRO C 216 -20.50 39.66 -27.86
CA PRO C 216 -19.95 39.10 -26.65
C PRO C 216 -20.94 38.12 -26.08
N GLU C 217 -20.44 37.14 -25.34
CA GLU C 217 -21.22 36.07 -24.74
C GLU C 217 -21.63 35.02 -25.77
N ALA C 218 -21.29 35.25 -27.04
CA ALA C 218 -21.44 34.21 -28.05
C ALA C 218 -20.32 33.20 -27.87
N SER C 219 -20.55 31.97 -28.30
CA SER C 219 -19.52 30.95 -28.16
C SER C 219 -18.67 30.87 -29.42
N LEU C 220 -17.42 30.47 -29.27
CA LEU C 220 -16.51 30.34 -30.40
C LEU C 220 -15.59 29.13 -30.32
N LEU C 221 -15.57 28.35 -31.39
CA LEU C 221 -14.69 27.20 -31.49
C LEU C 221 -13.64 27.43 -32.56
N ILE C 222 -12.38 27.28 -32.18
CA ILE C 222 -11.27 27.50 -33.10
C ILE C 222 -10.43 26.24 -33.26
N THR C 223 -10.03 25.93 -34.48
CA THR C 223 -9.10 24.82 -34.66
C THR C 223 -7.82 25.33 -35.33
N THR C 224 -6.67 24.99 -34.75
CA THR C 224 -5.42 25.51 -35.27
C THR C 224 -4.21 24.57 -35.14
N ARG C 225 -3.24 24.74 -36.02
CA ARG C 225 -1.95 24.08 -35.87
C ARG C 225 -1.23 24.73 -34.69
N PRO C 226 -0.56 23.94 -33.84
CA PRO C 226 0.17 24.39 -32.67
C PRO C 226 1.08 25.58 -32.97
N VAL C 227 1.65 25.62 -34.15
CA VAL C 227 2.55 26.70 -34.51
C VAL C 227 1.88 28.08 -34.45
N ALA C 228 0.60 28.13 -34.78
CA ALA C 228 -0.07 29.41 -34.86
C ALA C 228 -0.56 29.86 -33.50
N LEU C 229 -0.33 29.06 -32.47
CA LEU C 229 -0.73 29.45 -31.14
C LEU C 229 0.03 30.71 -30.74
N GLU C 230 1.22 30.88 -31.33
CA GLU C 230 2.05 32.04 -31.03
C GLU C 230 1.27 33.33 -31.20
N LYS C 231 0.41 33.37 -32.21
CA LYS C 231 -0.33 34.59 -32.52
C LYS C 231 -1.80 34.48 -32.17
N LEU C 232 -2.16 33.43 -31.45
CA LEU C 232 -3.55 33.23 -31.08
C LEU C 232 -3.77 33.39 -29.59
N GLN C 233 -2.83 32.87 -28.78
CA GLN C 233 -3.01 32.84 -27.34
C GLN C 233 -3.26 34.21 -26.75
N HIS C 234 -2.74 35.23 -27.42
CA HIS C 234 -2.85 36.61 -26.95
C HIS C 234 -4.28 37.12 -27.03
N LEU C 235 -5.10 36.44 -27.84
CA LEU C 235 -6.45 36.90 -28.11
C LEU C 235 -7.53 36.13 -27.37
N LEU C 236 -7.15 35.13 -26.57
CA LEU C 236 -8.16 34.21 -26.06
C LEU C 236 -8.76 34.54 -24.69
N ASP C 237 -8.04 35.29 -23.86
CA ASP C 237 -8.49 35.64 -22.51
C ASP C 237 -8.65 34.43 -21.58
N HIS C 238 -9.69 33.64 -21.79
CA HIS C 238 -9.95 32.49 -20.93
C HIS C 238 -10.47 31.27 -21.69
N PRO C 239 -9.66 30.68 -22.58
CA PRO C 239 -9.98 29.56 -23.44
C PRO C 239 -9.96 28.23 -22.72
N ARG C 240 -10.68 27.28 -23.28
CA ARG C 240 -10.55 25.87 -22.93
C ARG C 240 -9.80 25.17 -24.05
N HIS C 241 -8.81 24.35 -23.72
CA HIS C 241 -8.01 23.73 -24.76
C HIS C 241 -8.14 22.21 -24.82
N VAL C 242 -8.27 21.70 -26.05
CA VAL C 242 -8.32 20.28 -26.33
C VAL C 242 -7.38 19.91 -27.46
N GLU C 243 -6.57 18.87 -27.26
CA GLU C 243 -5.66 18.42 -28.31
C GLU C 243 -6.33 17.33 -29.14
N ILE C 244 -6.17 17.43 -30.46
CA ILE C 244 -6.72 16.40 -31.32
C ILE C 244 -5.61 15.47 -31.75
N LEU C 245 -5.76 14.20 -31.44
CA LEU C 245 -4.75 13.21 -31.74
C LEU C 245 -5.16 12.40 -32.95
N GLY C 246 -4.21 11.64 -33.49
CA GLY C 246 -4.50 10.83 -34.67
C GLY C 246 -5.13 9.50 -34.29
N PHE C 247 -5.08 8.57 -35.22
CA PHE C 247 -5.71 7.27 -35.08
C PHE C 247 -4.88 6.31 -34.22
N SER C 248 -5.57 5.46 -33.49
CA SER C 248 -4.94 4.37 -32.77
C SER C 248 -4.74 3.22 -33.74
N GLU C 249 -4.03 2.17 -33.31
CA GLU C 249 -3.80 1.03 -34.20
C GLU C 249 -5.12 0.46 -34.68
N ALA C 250 -6.07 0.35 -33.76
CA ALA C 250 -7.37 -0.21 -34.07
C ALA C 250 -8.10 0.67 -35.07
N LYS C 251 -7.99 1.98 -34.90
CA LYS C 251 -8.70 2.89 -35.78
C LYS C 251 -8.05 2.92 -37.15
N ARG C 252 -6.72 2.74 -37.20
CA ARG C 252 -6.06 2.70 -38.48
C ARG C 252 -6.57 1.51 -39.28
N LYS C 253 -6.74 0.37 -38.61
CA LYS C 253 -7.28 -0.80 -39.27
C LYS C 253 -8.70 -0.52 -39.77
N GLU C 254 -9.51 0.12 -38.94
CA GLU C 254 -10.88 0.40 -39.34
C GLU C 254 -10.90 1.27 -40.57
N TYR C 255 -10.01 2.25 -40.63
CA TYR C 255 -9.99 3.12 -41.79
C TYR C 255 -9.78 2.32 -43.06
N PHE C 256 -8.82 1.40 -43.06
CA PHE C 256 -8.54 0.61 -44.25
C PHE C 256 -9.75 -0.20 -44.68
N PHE C 257 -10.41 -0.82 -43.72
CA PHE C 257 -11.57 -1.67 -44.01
C PHE C 257 -12.82 -0.87 -44.32
N LYS C 258 -12.88 0.37 -43.87
CA LYS C 258 -14.02 1.21 -44.20
C LYS C 258 -13.77 1.91 -45.53
N TYR C 259 -12.50 2.19 -45.83
CA TYR C 259 -12.12 2.81 -47.09
C TYR C 259 -12.32 1.85 -48.25
N PHE C 260 -11.83 0.63 -48.09
CA PHE C 260 -11.96 -0.39 -49.12
C PHE C 260 -13.17 -1.27 -48.85
N SER C 261 -14.24 -1.05 -49.59
CA SER C 261 -15.50 -1.76 -49.38
C SER C 261 -15.37 -3.25 -49.66
N ASP C 262 -14.40 -3.60 -50.49
CA ASP C 262 -14.10 -4.99 -50.78
C ASP C 262 -13.09 -5.49 -49.77
N GLU C 263 -13.52 -6.36 -48.86
CA GLU C 263 -12.65 -6.80 -47.78
C GLU C 263 -11.39 -7.45 -48.31
N ALA C 264 -11.46 -8.06 -49.50
CA ALA C 264 -10.28 -8.69 -50.07
C ALA C 264 -9.21 -7.64 -50.31
N GLN C 265 -9.65 -6.45 -50.72
CA GLN C 265 -8.75 -5.35 -50.99
C GLN C 265 -8.28 -4.74 -49.69
N ALA C 266 -9.19 -4.65 -48.74
CA ALA C 266 -8.86 -4.09 -47.44
C ALA C 266 -7.79 -4.92 -46.77
N ARG C 267 -7.92 -6.24 -46.90
CA ARG C 267 -6.95 -7.14 -46.32
C ARG C 267 -5.60 -6.98 -47.00
N ALA C 268 -5.59 -6.87 -48.32
CA ALA C 268 -4.33 -6.68 -49.02
C ALA C 268 -3.68 -5.38 -48.56
N ALA C 269 -4.48 -4.32 -48.51
CA ALA C 269 -3.98 -3.02 -48.12
C ALA C 269 -3.46 -3.04 -46.69
N PHE C 270 -4.18 -3.73 -45.82
CA PHE C 270 -3.80 -3.78 -44.43
C PHE C 270 -2.53 -4.61 -44.25
N SER C 271 -2.43 -5.72 -44.95
CA SER C 271 -1.23 -6.51 -44.85
C SER C 271 -0.02 -5.71 -45.30
N LEU C 272 -0.19 -4.94 -46.37
CA LEU C 272 0.90 -4.14 -46.90
C LEU C 272 1.35 -3.06 -45.92
N ILE C 273 0.41 -2.40 -45.26
CA ILE C 273 0.80 -1.37 -44.31
C ILE C 273 1.47 -1.99 -43.09
N GLN C 274 1.02 -3.18 -42.70
CA GLN C 274 1.63 -3.85 -41.56
C GLN C 274 3.07 -4.22 -41.83
N GLU C 275 3.36 -4.61 -43.07
CA GLU C 275 4.72 -4.94 -43.45
C GLU C 275 5.60 -3.70 -43.39
N ASN C 276 5.08 -2.58 -43.88
CA ASN C 276 5.81 -1.33 -43.84
C ASN C 276 5.53 -0.61 -42.53
N GLU C 277 6.21 -1.06 -41.49
CA GLU C 277 5.99 -0.56 -40.14
C GLU C 277 6.16 0.94 -40.02
N VAL C 278 7.14 1.48 -40.73
CA VAL C 278 7.40 2.91 -40.64
C VAL C 278 6.23 3.72 -41.19
N LEU C 279 5.72 3.29 -42.33
CA LEU C 279 4.58 3.97 -42.92
C LEU C 279 3.36 3.80 -42.04
N PHE C 280 3.23 2.62 -41.42
CA PHE C 280 2.11 2.38 -40.52
C PHE C 280 2.12 3.41 -39.41
N THR C 281 3.30 3.64 -38.84
CA THR C 281 3.42 4.64 -37.79
C THR C 281 2.98 6.01 -38.30
N MET C 282 3.43 6.41 -39.49
CA MET C 282 3.06 7.71 -40.04
C MET C 282 1.55 7.80 -40.29
N CYS C 283 0.91 6.67 -40.57
CA CYS C 283 -0.51 6.65 -40.86
C CYS C 283 -1.37 7.01 -39.66
N PHE C 284 -0.77 7.30 -38.52
CA PHE C 284 -1.54 7.78 -37.38
C PHE C 284 -2.24 9.08 -37.79
N ILE C 285 -1.69 9.75 -38.78
CA ILE C 285 -2.28 10.95 -39.33
C ILE C 285 -3.21 10.55 -40.46
N PRO C 286 -4.52 10.77 -40.35
CA PRO C 286 -5.55 10.42 -41.29
C PRO C 286 -5.21 10.81 -42.71
N LEU C 287 -4.59 11.97 -42.88
CA LEU C 287 -4.21 12.37 -44.22
C LEU C 287 -3.24 11.36 -44.81
N VAL C 288 -2.33 10.86 -44.00
CA VAL C 288 -1.33 9.94 -44.49
C VAL C 288 -1.96 8.63 -44.90
N CYS C 289 -2.87 8.12 -44.06
CA CYS C 289 -3.48 6.85 -44.42
C CYS C 289 -4.38 7.02 -45.62
N TRP C 290 -4.96 8.21 -45.78
CA TRP C 290 -5.76 8.50 -46.96
C TRP C 290 -4.92 8.47 -48.21
N ILE C 291 -3.76 9.11 -48.15
CA ILE C 291 -2.87 9.15 -49.30
C ILE C 291 -2.46 7.74 -49.68
N VAL C 292 -2.12 6.94 -48.68
CA VAL C 292 -1.71 5.57 -48.93
C VAL C 292 -2.84 4.75 -49.53
N CYS C 293 -4.03 4.88 -48.95
CA CYS C 293 -5.18 4.13 -49.42
C CYS C 293 -5.54 4.55 -50.84
N THR C 294 -5.47 5.84 -51.11
CA THR C 294 -5.77 6.37 -52.43
C THR C 294 -4.80 5.82 -53.45
N GLY C 295 -3.52 5.81 -53.10
CA GLY C 295 -2.49 5.27 -53.96
C GLY C 295 -2.75 3.80 -54.24
N LEU C 296 -3.03 3.04 -53.19
CA LEU C 296 -3.29 1.61 -53.33
C LEU C 296 -4.51 1.37 -54.18
N LYS C 297 -5.56 2.16 -53.97
CA LYS C 297 -6.77 2.00 -54.74
C LYS C 297 -6.46 2.11 -56.21
N GLN C 298 -5.67 3.11 -56.58
CA GLN C 298 -5.28 3.27 -57.97
C GLN C 298 -4.47 2.07 -58.45
N GLN C 299 -3.55 1.60 -57.62
CA GLN C 299 -2.73 0.47 -57.99
C GLN C 299 -3.60 -0.76 -58.21
N MET C 300 -4.63 -0.92 -57.39
CA MET C 300 -5.56 -2.04 -57.54
C MET C 300 -6.30 -1.94 -58.87
N GLU C 301 -6.82 -0.75 -59.15
CA GLU C 301 -7.59 -0.51 -60.37
C GLU C 301 -6.75 -0.75 -61.62
N SER C 302 -5.47 -0.40 -61.54
CA SER C 302 -4.55 -0.54 -62.66
C SER C 302 -3.94 -1.93 -62.78
N GLY C 303 -4.28 -2.84 -61.85
CA GLY C 303 -3.74 -4.20 -61.89
C GLY C 303 -2.27 -4.29 -61.49
N LYS C 304 -1.86 -3.42 -60.57
CA LYS C 304 -0.46 -3.39 -60.14
C LYS C 304 -0.25 -4.28 -58.92
N SER C 305 1.02 -4.54 -58.59
CA SER C 305 1.41 -5.40 -57.48
C SER C 305 1.13 -4.79 -56.10
N LEU C 306 0.80 -3.49 -56.08
CA LEU C 306 0.50 -2.74 -54.86
C LEU C 306 1.73 -2.53 -53.99
N ALA C 307 2.90 -2.45 -54.60
CA ALA C 307 4.11 -2.23 -53.81
C ALA C 307 4.08 -0.86 -53.16
N GLN C 308 4.58 -0.79 -51.93
CA GLN C 308 4.67 0.45 -51.18
C GLN C 308 5.90 0.43 -50.28
N THR C 309 6.93 1.14 -50.70
CA THR C 309 8.23 1.11 -50.04
C THR C 309 8.62 2.43 -49.39
N SER C 310 7.66 3.33 -49.26
CA SER C 310 7.94 4.64 -48.66
C SER C 310 8.40 4.50 -47.21
N LYS C 311 9.35 5.33 -46.81
CA LYS C 311 9.82 5.35 -45.43
C LYS C 311 9.57 6.71 -44.77
N THR C 312 9.62 7.77 -45.57
CA THR C 312 9.52 9.12 -45.05
C THR C 312 8.28 9.82 -45.57
N THR C 313 7.96 10.97 -45.00
CA THR C 313 6.79 11.72 -45.44
C THR C 313 6.96 12.14 -46.87
N THR C 314 8.16 12.58 -47.22
CA THR C 314 8.44 13.00 -48.58
C THR C 314 8.24 11.83 -49.51
N ALA C 315 8.75 10.66 -49.13
CA ALA C 315 8.62 9.49 -49.99
C ALA C 315 7.17 9.22 -50.29
N VAL C 316 6.31 9.43 -49.31
CA VAL C 316 4.89 9.20 -49.51
C VAL C 316 4.31 10.17 -50.52
N TYR C 317 4.65 11.44 -50.38
CA TYR C 317 4.14 12.44 -51.31
C TYR C 317 4.70 12.24 -52.71
N VAL C 318 5.95 11.87 -52.81
CA VAL C 318 6.55 11.62 -54.12
C VAL C 318 5.89 10.41 -54.75
N PHE C 319 5.69 9.37 -53.96
CA PHE C 319 5.02 8.16 -54.41
C PHE C 319 3.65 8.50 -54.97
N PHE C 320 2.88 9.24 -54.20
CA PHE C 320 1.54 9.62 -54.61
C PHE C 320 1.56 10.38 -55.92
N LEU C 321 2.36 11.43 -55.99
CA LEU C 321 2.40 12.24 -57.19
C LEU C 321 2.85 11.43 -58.38
N SER C 322 3.86 10.58 -58.18
CA SER C 322 4.36 9.74 -59.23
C SER C 322 3.27 8.83 -59.75
N SER C 323 2.59 8.15 -58.84
CA SER C 323 1.55 7.22 -59.25
C SER C 323 0.43 7.92 -60.00
N LEU C 324 0.05 9.11 -59.53
CA LEU C 324 -1.06 9.82 -60.15
C LEU C 324 -0.68 10.48 -61.47
N LEU C 325 0.50 11.11 -61.54
CA LEU C 325 0.85 11.90 -62.71
C LEU C 325 1.73 11.18 -63.73
N GLN C 326 2.60 10.27 -63.29
CA GLN C 326 3.51 9.64 -64.23
C GLN C 326 2.84 8.91 -65.39
N PRO C 327 1.71 8.21 -65.19
CA PRO C 327 0.98 7.52 -66.24
C PRO C 327 0.60 8.46 -67.37
N LEU C 336 4.02 15.76 -69.24
CA LEU C 336 3.64 15.68 -67.84
C LEU C 336 4.42 16.70 -67.03
N CYS C 337 5.73 16.72 -67.25
CA CYS C 337 6.60 17.66 -66.57
C CYS C 337 6.31 19.08 -67.04
N ALA C 338 5.69 19.16 -68.22
CA ALA C 338 5.28 20.43 -68.80
C ALA C 338 4.30 21.14 -67.90
N HIS C 339 3.50 20.36 -67.18
CA HIS C 339 2.48 20.92 -66.33
C HIS C 339 2.95 20.91 -64.89
N LEU C 340 3.82 19.96 -64.56
CA LEU C 340 4.35 19.86 -63.21
C LEU C 340 5.14 21.11 -62.86
N TRP C 341 5.96 21.56 -63.80
CA TRP C 341 6.74 22.76 -63.60
C TRP C 341 5.81 23.95 -63.35
N GLY C 342 4.77 24.05 -64.16
CA GLY C 342 3.80 25.13 -64.02
C GLY C 342 3.08 25.07 -62.67
N LEU C 343 2.72 23.87 -62.24
CA LEU C 343 2.06 23.70 -60.95
C LEU C 343 2.97 24.11 -59.82
N CYS C 344 4.24 23.75 -59.94
CA CYS C 344 5.20 24.08 -58.90
C CYS C 344 5.35 25.59 -58.82
N SER C 345 5.37 26.25 -59.98
CA SER C 345 5.45 27.70 -60.02
C SER C 345 4.22 28.30 -59.33
N LEU C 346 3.06 27.75 -59.64
CA LEU C 346 1.83 28.24 -59.02
C LEU C 346 1.86 28.06 -57.52
N ALA C 347 2.26 26.90 -57.06
CA ALA C 347 2.28 26.62 -55.65
C ALA C 347 3.22 27.59 -54.93
N ALA C 348 4.40 27.78 -55.52
CA ALA C 348 5.39 28.66 -54.90
C ALA C 348 4.87 30.08 -54.85
N ASP C 349 4.23 30.52 -55.91
CA ASP C 349 3.70 31.87 -55.95
C ASP C 349 2.65 32.03 -54.88
N GLY C 350 1.76 31.04 -54.79
CA GLY C 350 0.66 31.09 -53.82
C GLY C 350 1.17 31.20 -52.39
N ILE C 351 2.30 30.58 -52.10
CA ILE C 351 2.83 30.68 -50.76
C ILE C 351 3.34 32.07 -50.48
N TRP C 352 4.14 32.61 -51.40
CA TRP C 352 4.73 33.91 -51.19
C TRP C 352 3.71 35.04 -51.30
N ASN C 353 2.67 34.84 -52.10
CA ASN C 353 1.63 35.85 -52.26
C ASN C 353 0.39 35.56 -51.43
N GLN C 354 0.50 34.59 -50.53
CA GLN C 354 -0.62 34.25 -49.65
C GLN C 354 -1.92 34.02 -50.40
N LYS C 355 -1.90 33.09 -51.35
CA LYS C 355 -3.08 32.74 -52.12
C LYS C 355 -3.34 31.24 -52.08
N ILE C 356 -4.55 30.88 -51.67
CA ILE C 356 -4.97 29.49 -51.62
C ILE C 356 -5.98 29.20 -52.71
N LEU C 357 -6.87 30.15 -52.93
CA LEU C 357 -7.92 30.03 -53.92
C LEU C 357 -7.53 30.75 -55.20
N PHE C 358 -7.40 29.99 -56.28
CA PHE C 358 -6.92 30.53 -57.55
C PHE C 358 -8.04 30.61 -58.58
N GLU C 359 -7.98 31.60 -59.44
CA GLU C 359 -8.96 31.71 -60.52
C GLU C 359 -8.37 31.23 -61.83
N GLU C 360 -9.19 31.24 -62.86
CA GLU C 360 -8.75 30.81 -64.18
C GLU C 360 -7.62 31.69 -64.67
N SER C 361 -7.65 32.97 -64.30
CA SER C 361 -6.60 33.90 -64.69
C SER C 361 -5.27 33.58 -64.03
N ASP C 362 -5.29 32.95 -62.86
CA ASP C 362 -4.05 32.62 -62.17
C ASP C 362 -3.48 31.37 -62.80
N LEU C 363 -4.38 30.46 -63.17
CA LEU C 363 -3.95 29.23 -63.78
C LEU C 363 -3.28 29.56 -65.11
N ARG C 364 -3.89 30.45 -65.87
CA ARG C 364 -3.32 30.87 -67.15
C ARG C 364 -1.97 31.55 -66.95
N ASN C 365 -1.84 32.33 -65.90
CA ASN C 365 -0.59 33.03 -65.64
C ASN C 365 0.57 32.06 -65.46
N HIS C 366 0.27 30.86 -64.96
CA HIS C 366 1.31 29.86 -64.77
C HIS C 366 1.36 28.87 -65.93
N GLY C 367 0.62 29.19 -67.00
CA GLY C 367 0.60 28.37 -68.20
C GLY C 367 -0.29 27.14 -68.04
N LEU C 368 -1.19 27.19 -67.09
CA LEU C 368 -2.08 26.07 -66.79
C LEU C 368 -3.50 26.37 -67.24
N GLN C 369 -4.02 25.61 -68.20
CA GLN C 369 -5.36 25.87 -68.70
C GLN C 369 -6.01 24.66 -69.37
N LYS C 370 -7.31 24.54 -69.15
CA LYS C 370 -8.14 23.55 -69.84
C LYS C 370 -7.74 22.10 -69.60
N ALA C 371 -6.86 21.60 -70.46
CA ALA C 371 -6.55 20.16 -70.49
C ALA C 371 -5.88 19.67 -69.22
N ASP C 372 -4.93 20.43 -68.70
CA ASP C 372 -4.24 19.99 -67.51
C ASP C 372 -5.08 20.26 -66.30
N VAL C 373 -5.71 21.42 -66.28
CA VAL C 373 -6.58 21.75 -65.16
C VAL C 373 -7.59 20.63 -64.99
N SER C 374 -8.19 20.21 -66.11
CA SER C 374 -9.11 19.09 -66.08
C SER C 374 -8.42 17.82 -65.61
N ALA C 375 -7.20 17.59 -66.09
CA ALA C 375 -6.44 16.42 -65.72
C ALA C 375 -6.28 16.32 -64.21
N PHE C 376 -6.17 17.47 -63.54
CA PHE C 376 -5.96 17.45 -62.10
C PHE C 376 -7.26 17.52 -61.31
N LEU C 377 -8.38 17.45 -62.03
CA LEU C 377 -9.68 17.32 -61.40
C LEU C 377 -10.12 15.86 -61.51
N ARG C 378 -9.77 15.20 -62.63
CA ARG C 378 -10.05 13.78 -62.77
C ARG C 378 -9.09 13.02 -61.86
N MET C 379 -7.86 13.54 -61.76
CA MET C 379 -6.91 13.08 -60.77
C MET C 379 -7.19 13.89 -59.53
N ASN C 380 -7.16 13.28 -58.37
CA ASN C 380 -7.51 14.04 -57.19
C ASN C 380 -6.34 14.84 -56.66
N LEU C 381 -5.95 15.88 -57.39
CA LEU C 381 -4.84 16.74 -56.97
C LEU C 381 -5.37 18.12 -56.60
N PHE C 382 -6.35 18.60 -57.36
CA PHE C 382 -6.96 19.89 -57.12
C PHE C 382 -8.46 19.81 -56.93
N GLN C 383 -9.01 20.79 -56.23
CA GLN C 383 -10.44 20.91 -56.02
C GLN C 383 -10.93 22.18 -56.69
N LYS C 384 -12.23 22.22 -57.00
CA LYS C 384 -12.82 23.38 -57.68
C LYS C 384 -13.65 24.24 -56.75
N GLU C 385 -13.49 24.02 -55.44
CA GLU C 385 -14.20 24.82 -54.44
C GLU C 385 -15.64 25.05 -54.89
N VAL C 386 -16.38 23.97 -55.12
CA VAL C 386 -17.70 24.08 -55.70
C VAL C 386 -18.75 24.64 -54.74
N ASP C 387 -18.35 24.85 -53.49
CA ASP C 387 -19.28 25.34 -52.48
C ASP C 387 -19.52 26.83 -52.62
N CYS C 388 -20.29 27.19 -53.65
CA CYS C 388 -20.63 28.57 -53.98
C CYS C 388 -19.41 29.40 -54.37
N GLU C 389 -18.43 28.76 -55.01
CA GLU C 389 -17.21 29.44 -55.43
C GLU C 389 -16.77 28.97 -56.82
N LYS C 390 -15.94 29.78 -57.47
CA LYS C 390 -15.41 29.46 -58.79
C LYS C 390 -13.90 29.35 -58.77
N PHE C 391 -13.35 28.99 -57.62
CA PHE C 391 -11.91 28.97 -57.43
C PHE C 391 -11.34 27.56 -57.38
N TYR C 392 -10.07 27.44 -57.71
CA TYR C 392 -9.39 26.16 -57.63
C TYR C 392 -8.36 26.18 -56.51
N SER C 393 -8.15 25.02 -55.90
CA SER C 393 -7.22 24.92 -54.80
C SER C 393 -6.66 23.52 -54.64
N PHE C 394 -5.68 23.37 -53.79
CA PHE C 394 -5.07 22.07 -53.54
C PHE C 394 -5.96 21.25 -52.63
N ILE C 395 -5.93 19.93 -52.81
CA ILE C 395 -6.69 19.04 -51.93
C ILE C 395 -6.27 19.18 -50.47
N HIS C 396 -5.05 19.62 -50.24
CA HIS C 396 -4.59 19.87 -48.87
C HIS C 396 -3.44 20.86 -48.88
N MET C 397 -3.38 21.67 -47.84
CA MET C 397 -2.34 22.70 -47.75
C MET C 397 -0.94 22.10 -47.76
N THR C 398 -0.81 20.88 -47.25
CA THR C 398 0.48 20.21 -47.24
C THR C 398 0.93 19.95 -48.66
N PHE C 399 0.00 19.63 -49.55
CA PHE C 399 0.36 19.39 -50.93
C PHE C 399 0.82 20.67 -51.57
N GLN C 400 0.16 21.78 -51.27
CA GLN C 400 0.61 23.04 -51.83
C GLN C 400 2.05 23.30 -51.43
N GLU C 401 2.37 23.06 -50.16
CA GLU C 401 3.73 23.27 -49.70
C GLU C 401 4.68 22.29 -50.37
N PHE C 402 4.23 21.06 -50.62
CA PHE C 402 5.03 20.07 -51.31
C PHE C 402 5.44 20.56 -52.68
N PHE C 403 4.48 21.05 -53.45
CA PHE C 403 4.76 21.55 -54.78
C PHE C 403 5.68 22.76 -54.73
N ALA C 404 5.43 23.63 -53.74
CA ALA C 404 6.29 24.82 -53.62
C ALA C 404 7.70 24.38 -53.31
N ALA C 405 7.91 23.38 -52.48
CA ALA C 405 9.21 22.87 -52.18
C ALA C 405 9.88 22.33 -53.42
N MET C 406 9.05 21.66 -54.23
CA MET C 406 9.54 21.04 -55.46
C MET C 406 10.07 22.09 -56.42
N TYR C 407 9.40 23.23 -56.45
CA TYR C 407 9.76 24.32 -57.35
C TYR C 407 11.23 24.66 -57.29
N TYR C 408 11.75 24.75 -56.09
CA TYR C 408 13.11 25.21 -55.87
C TYR C 408 14.15 24.26 -56.46
N LEU C 409 13.78 23.02 -56.70
CA LEU C 409 14.75 22.04 -57.19
C LEU C 409 14.62 21.77 -58.68
N LEU C 410 13.73 22.48 -59.36
CA LEU C 410 13.52 22.24 -60.79
C LEU C 410 14.39 23.13 -61.65
N GLU C 411 14.69 22.66 -62.85
CA GLU C 411 15.47 23.44 -63.81
C GLU C 411 16.67 24.09 -63.14
N LEU C 427 7.89 32.77 -60.57
CA LEU C 427 9.24 33.03 -60.10
C LEU C 427 9.29 34.09 -59.02
N PRO C 428 8.74 33.83 -57.84
CA PRO C 428 8.78 34.70 -56.69
C PRO C 428 10.21 34.88 -56.17
N SER C 429 11.06 33.89 -56.44
CA SER C 429 12.46 33.97 -56.00
C SER C 429 13.31 32.84 -56.54
N ARG C 430 12.96 31.62 -56.14
CA ARG C 430 13.72 30.38 -56.39
C ARG C 430 14.98 30.36 -55.53
N ASP C 431 15.04 31.27 -54.57
CA ASP C 431 16.13 31.33 -53.62
C ASP C 431 15.83 30.52 -52.38
N VAL C 432 16.86 29.94 -51.80
CA VAL C 432 16.68 29.18 -50.58
C VAL C 432 16.91 30.04 -49.35
N THR C 433 17.78 31.03 -49.47
CA THR C 433 18.08 31.84 -48.31
C THR C 433 16.84 32.56 -47.85
N VAL C 434 16.14 33.20 -48.79
CA VAL C 434 14.93 33.92 -48.44
C VAL C 434 13.88 32.97 -47.87
N LEU C 435 13.86 31.75 -48.39
CA LEU C 435 12.91 30.77 -47.94
C LEU C 435 13.12 30.44 -46.48
N LEU C 436 14.38 30.19 -46.13
CA LEU C 436 14.73 29.84 -44.76
C LEU C 436 14.57 31.03 -43.82
N GLU C 437 14.89 32.22 -44.30
CA GLU C 437 14.78 33.41 -43.47
C GLU C 437 13.36 33.63 -43.01
N ASN C 438 12.40 33.29 -43.84
CA ASN C 438 11.01 33.49 -43.52
C ASN C 438 10.38 32.26 -42.88
N TYR C 439 11.21 31.29 -42.49
CA TYR C 439 10.73 30.07 -41.88
C TYR C 439 9.88 30.34 -40.65
N GLY C 440 10.28 31.32 -39.87
CA GLY C 440 9.57 31.60 -38.63
C GLY C 440 8.42 32.60 -38.81
N LYS C 441 8.08 32.93 -40.05
CA LYS C 441 7.09 33.97 -40.26
C LYS C 441 5.70 33.44 -40.55
N PHE C 442 4.75 33.88 -39.73
CA PHE C 442 3.34 33.59 -39.93
C PHE C 442 2.89 34.07 -41.29
N GLU C 443 3.35 35.26 -41.65
CA GLU C 443 2.95 35.93 -42.86
C GLU C 443 3.26 35.12 -44.11
N LYS C 444 4.14 34.14 -44.01
CA LYS C 444 4.48 33.31 -45.15
C LYS C 444 3.91 31.90 -44.98
N GLY C 445 3.14 31.70 -43.90
CA GLY C 445 2.54 30.40 -43.59
C GLY C 445 3.48 29.47 -42.85
N TYR C 446 4.56 30.01 -42.30
CA TYR C 446 5.59 29.28 -41.56
C TYR C 446 6.44 28.36 -42.44
N LEU C 447 5.96 27.99 -43.62
CA LEU C 447 6.78 27.24 -44.56
C LEU C 447 7.33 25.95 -43.96
N ILE C 448 6.60 25.37 -43.01
CA ILE C 448 7.11 24.20 -42.32
C ILE C 448 7.22 23.00 -43.22
N PHE C 449 6.21 22.74 -44.03
CA PHE C 449 6.28 21.58 -44.90
C PHE C 449 7.14 21.89 -46.09
N VAL C 450 7.18 23.15 -46.49
CA VAL C 450 8.00 23.49 -47.64
C VAL C 450 9.44 23.10 -47.33
N VAL C 451 9.91 23.46 -46.14
CA VAL C 451 11.26 23.12 -45.76
C VAL C 451 11.40 21.63 -45.45
N ARG C 452 10.46 21.08 -44.70
CA ARG C 452 10.57 19.65 -44.39
C ARG C 452 10.65 18.80 -45.65
N PHE C 453 9.83 19.12 -46.64
CA PHE C 453 9.88 18.38 -47.89
C PHE C 453 11.18 18.65 -48.58
N LEU C 454 11.64 19.89 -48.56
CA LEU C 454 12.90 20.22 -49.20
C LEU C 454 13.99 19.30 -48.66
N PHE C 455 13.99 19.06 -47.35
CA PHE C 455 14.99 18.18 -46.78
C PHE C 455 14.91 16.79 -47.37
N GLY C 456 13.71 16.25 -47.47
CA GLY C 456 13.52 14.92 -48.02
C GLY C 456 13.85 14.85 -49.51
N LEU C 457 13.49 15.88 -50.25
CA LEU C 457 13.70 15.93 -51.69
C LEU C 457 15.18 16.06 -52.02
N VAL C 458 15.90 16.81 -51.21
CA VAL C 458 17.32 16.99 -51.42
C VAL C 458 18.10 15.80 -50.91
N ASN C 459 18.26 14.81 -51.76
CA ASN C 459 18.94 13.58 -51.38
C ASN C 459 19.78 13.10 -52.54
N GLN C 460 20.77 12.29 -52.25
CA GLN C 460 21.59 11.69 -53.28
C GLN C 460 20.91 10.44 -53.77
N GLU C 461 20.11 9.84 -52.89
CA GLU C 461 19.38 8.63 -53.23
C GLU C 461 18.11 8.99 -53.98
N ARG C 462 18.31 9.50 -55.19
CA ARG C 462 17.23 9.95 -56.03
C ARG C 462 16.58 8.81 -56.77
N THR C 463 15.32 9.00 -57.14
CA THR C 463 14.61 8.03 -57.94
C THR C 463 14.18 8.63 -59.25
N SER C 464 13.43 7.86 -60.01
CA SER C 464 12.92 8.31 -61.29
C SER C 464 11.46 8.71 -61.15
N TYR C 465 10.75 8.71 -62.27
CA TYR C 465 9.32 9.03 -62.29
C TYR C 465 9.09 10.49 -61.96
N LEU C 466 9.30 11.36 -62.95
CA LEU C 466 9.19 12.83 -62.79
C LEU C 466 10.38 13.42 -62.03
N GLU C 467 10.89 12.67 -61.05
CA GLU C 467 11.96 13.13 -60.18
C GLU C 467 13.25 13.40 -60.95
N LYS C 468 13.36 12.80 -62.12
CA LYS C 468 14.52 12.97 -62.98
C LYS C 468 14.62 14.41 -63.48
N LYS C 469 13.52 15.15 -63.38
CA LYS C 469 13.43 16.53 -63.83
C LYS C 469 14.20 17.48 -62.92
N LEU C 470 14.48 17.04 -61.70
CA LEU C 470 15.13 17.90 -60.71
C LEU C 470 16.61 18.08 -61.03
N SER C 471 17.12 19.27 -60.70
CA SER C 471 18.51 19.62 -60.96
C SER C 471 19.42 19.29 -59.80
N CYS C 472 20.39 18.40 -60.06
CA CYS C 472 21.33 17.98 -59.03
C CYS C 472 22.25 19.12 -58.60
N LYS C 473 22.52 20.05 -59.52
CA LYS C 473 23.36 21.18 -59.20
C LYS C 473 22.73 21.98 -58.07
N ILE C 474 21.44 22.19 -58.17
CA ILE C 474 20.73 22.94 -57.15
C ILE C 474 20.67 22.11 -55.88
N SER C 475 20.33 20.84 -56.02
CA SER C 475 20.21 19.99 -54.85
C SER C 475 21.46 20.08 -53.99
N GLN C 476 22.63 20.05 -54.63
CA GLN C 476 23.88 20.16 -53.90
C GLN C 476 24.03 21.51 -53.21
N GLN C 477 23.58 22.58 -53.87
CA GLN C 477 23.67 23.92 -53.30
C GLN C 477 22.78 24.03 -52.08
N ILE C 478 21.59 23.43 -52.18
CA ILE C 478 20.63 23.49 -51.10
C ILE C 478 21.12 22.70 -49.91
N ARG C 479 21.64 21.52 -50.17
CA ARG C 479 22.12 20.67 -49.09
C ARG C 479 23.10 21.43 -48.20
N LEU C 480 24.04 22.12 -48.81
CA LEU C 480 25.02 22.85 -48.03
C LEU C 480 24.38 23.98 -47.23
N GLU C 481 23.44 24.69 -47.85
CA GLU C 481 22.79 25.78 -47.14
C GLU C 481 22.01 25.27 -45.95
N LEU C 482 21.40 24.10 -46.09
CA LEU C 482 20.63 23.54 -45.01
C LEU C 482 21.52 23.20 -43.81
N LEU C 483 22.73 22.70 -44.07
CA LEU C 483 23.61 22.38 -42.96
C LEU C 483 23.97 23.63 -42.16
N LYS C 484 24.25 24.72 -42.86
CA LYS C 484 24.58 25.97 -42.19
C LYS C 484 23.39 26.47 -41.39
N TRP C 485 22.21 26.32 -41.97
CA TRP C 485 20.98 26.72 -41.31
C TRP C 485 20.79 25.96 -40.01
N ILE C 486 21.01 24.65 -40.06
CA ILE C 486 20.87 23.84 -38.86
C ILE C 486 21.85 24.27 -37.79
N GLU C 487 23.10 24.48 -38.17
CA GLU C 487 24.08 24.88 -37.18
C GLU C 487 23.59 26.08 -36.41
N VAL C 488 22.98 27.03 -37.11
CA VAL C 488 22.48 28.22 -36.47
C VAL C 488 21.26 27.93 -35.61
N LYS C 489 20.30 27.18 -36.14
CA LYS C 489 19.06 26.93 -35.40
C LYS C 489 19.29 26.01 -34.21
N ALA C 490 20.34 25.22 -34.25
CA ALA C 490 20.66 24.33 -33.15
C ALA C 490 21.20 25.11 -31.94
N LYS C 491 21.60 26.35 -32.16
CA LYS C 491 22.19 27.16 -31.11
C LYS C 491 21.21 28.20 -30.60
N ALA C 492 20.33 27.76 -29.69
CA ALA C 492 19.24 28.54 -29.10
C ALA C 492 17.99 27.67 -29.10
N LYS C 493 17.63 27.20 -27.91
CA LYS C 493 16.48 26.32 -27.77
C LYS C 493 15.17 27.08 -27.95
N LYS C 494 14.21 26.44 -28.60
CA LYS C 494 12.89 27.00 -28.80
C LYS C 494 11.84 25.95 -28.49
N LEU C 495 10.72 26.33 -27.88
CA LEU C 495 9.70 25.33 -27.59
C LEU C 495 8.48 25.40 -28.49
N GLN C 496 7.97 26.60 -28.72
CA GLN C 496 6.75 26.78 -29.50
C GLN C 496 6.95 27.79 -30.61
N ILE C 497 8.12 27.78 -31.23
CA ILE C 497 8.38 28.74 -32.28
C ILE C 497 8.15 28.09 -33.64
N GLN C 498 9.19 27.53 -34.23
CA GLN C 498 9.08 26.90 -35.54
C GLN C 498 10.18 25.85 -35.67
N PRO C 499 11.45 26.18 -35.45
CA PRO C 499 12.47 25.28 -34.97
C PRO C 499 12.03 24.89 -33.57
N SER C 500 12.39 23.70 -33.13
CA SER C 500 12.00 23.27 -31.79
C SER C 500 12.80 22.05 -31.36
N GLN C 501 14.02 21.92 -31.86
CA GLN C 501 14.88 20.78 -31.58
C GLN C 501 14.32 19.48 -32.17
N LEU C 502 13.16 19.06 -31.72
CA LEU C 502 12.54 17.87 -32.26
C LEU C 502 12.22 18.08 -33.73
N GLU C 503 11.81 19.30 -34.07
CA GLU C 503 11.48 19.61 -35.44
C GLU C 503 12.70 19.47 -36.35
N LEU C 504 13.86 19.84 -35.84
CA LEU C 504 15.07 19.71 -36.64
C LEU C 504 15.33 18.23 -36.88
N PHE C 505 15.03 17.42 -35.87
CA PHE C 505 15.20 15.98 -36.02
C PHE C 505 14.27 15.45 -37.08
N TYR C 506 13.05 15.95 -37.12
CA TYR C 506 12.13 15.53 -38.16
C TYR C 506 12.69 15.84 -39.54
N CYS C 507 13.30 17.01 -39.68
CA CYS C 507 13.91 17.36 -40.96
C CYS C 507 15.06 16.41 -41.30
N LEU C 508 15.88 16.10 -40.31
CA LEU C 508 17.00 15.18 -40.54
C LEU C 508 16.49 13.79 -40.89
N TYR C 509 15.40 13.38 -40.25
CA TYR C 509 14.81 12.09 -40.55
C TYR C 509 14.39 12.01 -42.00
N GLU C 510 13.72 13.05 -42.48
CA GLU C 510 13.27 13.04 -43.86
C GLU C 510 14.44 12.92 -44.83
N MET C 511 15.53 13.60 -44.54
CA MET C 511 16.70 13.48 -45.40
C MET C 511 17.52 12.27 -45.02
N GLN C 512 17.09 11.10 -45.47
CA GLN C 512 17.73 9.85 -45.11
C GLN C 512 19.09 9.69 -45.77
N GLU C 513 20.04 10.49 -45.32
CA GLU C 513 21.41 10.44 -45.81
C GLU C 513 22.36 10.50 -44.62
N GLU C 514 23.11 9.43 -44.43
CA GLU C 514 23.95 9.32 -43.25
C GLU C 514 25.03 10.39 -43.20
N ASP C 515 25.65 10.69 -44.32
CA ASP C 515 26.71 11.68 -44.29
C ASP C 515 26.16 13.02 -43.84
N PHE C 516 25.01 13.39 -44.37
CA PHE C 516 24.40 14.66 -44.03
C PHE C 516 24.01 14.71 -42.58
N VAL C 517 23.27 13.69 -42.14
CA VAL C 517 22.74 13.69 -40.79
C VAL C 517 23.85 13.60 -39.77
N GLN C 518 24.81 12.72 -39.99
CA GLN C 518 25.89 12.56 -39.04
C GLN C 518 26.66 13.86 -38.89
N ARG C 519 26.79 14.62 -39.98
CA ARG C 519 27.44 15.92 -39.88
C ARG C 519 26.55 16.91 -39.14
N ALA C 520 25.26 16.91 -39.45
CA ALA C 520 24.34 17.83 -38.82
C ALA C 520 24.27 17.61 -37.31
N MET C 521 24.35 16.35 -36.90
CA MET C 521 24.22 16.03 -35.49
C MET C 521 25.39 16.54 -34.65
N ASP C 522 26.46 16.98 -35.29
CA ASP C 522 27.63 17.45 -34.57
C ASP C 522 27.37 18.79 -33.90
N TYR C 523 26.22 19.39 -34.19
CA TYR C 523 25.90 20.68 -33.62
C TYR C 523 24.95 20.59 -32.44
N PHE C 524 24.75 19.39 -31.92
CA PHE C 524 23.84 19.19 -30.79
C PHE C 524 24.50 18.53 -29.59
N PRO C 525 25.38 19.23 -28.86
CA PRO C 525 26.09 18.74 -27.70
C PRO C 525 25.12 18.42 -26.58
N LYS C 526 23.95 19.05 -26.64
CA LYS C 526 22.91 18.81 -25.67
C LYS C 526 21.61 18.61 -26.42
N ILE C 527 20.93 17.52 -26.13
CA ILE C 527 19.67 17.24 -26.78
C ILE C 527 18.54 17.19 -25.80
N GLU C 528 17.56 18.07 -25.97
CA GLU C 528 16.40 18.05 -25.11
C GLU C 528 15.14 17.87 -25.93
N ILE C 529 14.43 16.80 -25.66
CA ILE C 529 13.25 16.47 -26.43
C ILE C 529 12.05 16.19 -25.53
N ASN C 530 10.85 16.32 -26.10
CA ASN C 530 9.61 16.05 -25.38
C ASN C 530 8.73 15.13 -26.21
N LEU C 531 8.96 13.84 -26.12
CA LEU C 531 8.29 12.89 -26.98
C LEU C 531 6.84 12.69 -26.59
N SER C 532 5.96 12.59 -27.59
CA SER C 532 4.55 12.36 -27.36
C SER C 532 4.08 11.04 -27.96
N THR C 533 4.28 10.90 -29.27
CA THR C 533 3.78 9.73 -29.98
C THR C 533 4.88 8.84 -30.52
N ARG C 534 4.47 7.74 -31.15
CA ARG C 534 5.41 6.74 -31.66
C ARG C 534 6.30 7.35 -32.73
N MET C 535 5.73 8.27 -33.50
CA MET C 535 6.47 8.93 -34.56
C MET C 535 7.62 9.76 -34.00
N ASP C 536 7.48 10.23 -32.77
CA ASP C 536 8.51 11.07 -32.19
C ASP C 536 9.63 10.18 -31.69
N HIS C 537 9.25 9.02 -31.17
CA HIS C 537 10.23 8.09 -30.65
C HIS C 537 11.09 7.55 -31.78
N MET C 538 10.44 7.27 -32.90
CA MET C 538 11.15 6.76 -34.07
C MET C 538 12.14 7.77 -34.60
N VAL C 539 11.68 9.01 -34.77
CA VAL C 539 12.54 10.07 -35.28
C VAL C 539 13.70 10.36 -34.36
N SER C 540 13.42 10.43 -33.07
CA SER C 540 14.45 10.68 -32.09
C SER C 540 15.50 9.59 -32.11
N SER C 541 15.05 8.34 -32.16
CA SER C 541 15.98 7.22 -32.17
C SER C 541 16.92 7.31 -33.35
N PHE C 542 16.39 7.63 -34.52
CA PHE C 542 17.20 7.78 -35.71
C PHE C 542 18.28 8.84 -35.56
N CYS C 543 17.88 10.03 -35.14
CA CYS C 543 18.81 11.12 -35.05
C CYS C 543 19.88 10.88 -34.00
N ILE C 544 19.48 10.36 -32.86
CA ILE C 544 20.42 10.11 -31.79
C ILE C 544 21.40 9.01 -32.16
N GLU C 545 20.91 7.95 -32.78
CA GLU C 545 21.79 6.85 -33.17
C GLU C 545 22.94 7.33 -34.03
N ASN C 546 22.66 8.31 -34.89
CA ASN C 546 23.69 8.82 -35.80
C ASN C 546 24.45 10.01 -35.22
N CYS C 547 24.27 10.29 -33.95
CA CYS C 547 24.96 11.40 -33.30
C CYS C 547 26.19 10.93 -32.54
N HIS C 548 27.32 11.57 -32.80
CA HIS C 548 28.56 11.19 -32.15
C HIS C 548 29.12 12.31 -31.29
N ARG C 549 28.32 13.34 -31.04
CA ARG C 549 28.80 14.48 -30.28
C ARG C 549 27.83 14.98 -29.24
N VAL C 550 26.96 14.12 -28.72
CA VAL C 550 26.04 14.57 -27.68
C VAL C 550 26.53 14.13 -26.33
N GLU C 551 26.58 15.08 -25.39
CA GLU C 551 27.01 14.75 -24.05
C GLU C 551 25.83 14.66 -23.09
N SER C 552 24.82 15.50 -23.29
CA SER C 552 23.70 15.53 -22.36
C SER C 552 22.36 15.29 -23.02
N LEU C 553 21.67 14.25 -22.57
CA LEU C 553 20.35 13.90 -23.09
C LEU C 553 19.30 14.17 -22.04
N SER C 554 18.32 14.97 -22.39
CA SER C 554 17.23 15.29 -21.48
C SER C 554 15.90 14.88 -22.11
N LEU C 555 15.26 13.90 -21.51
CA LEU C 555 14.02 13.40 -22.08
C LEU C 555 12.79 13.79 -21.29
N GLY C 556 12.04 14.75 -21.81
CA GLY C 556 10.82 15.21 -21.20
C GLY C 556 9.66 14.36 -21.69
N PHE C 557 9.68 13.08 -21.35
CA PHE C 557 8.63 12.19 -21.82
C PHE C 557 7.29 12.74 -21.36
N LEU C 558 6.33 12.80 -22.27
CA LEU C 558 5.03 13.37 -21.93
C LEU C 558 4.00 12.31 -21.54
N HIS C 559 3.24 11.82 -22.52
CA HIS C 559 2.20 10.85 -22.23
C HIS C 559 2.02 9.83 -23.36
N ASN C 560 0.81 9.73 -23.90
CA ASN C 560 0.52 8.76 -24.95
C ASN C 560 0.42 9.44 -26.31
N SER C 601 4.17 3.97 -21.65
CA SER C 601 5.29 3.63 -20.78
C SER C 601 6.13 2.49 -21.35
N SER C 602 5.71 1.26 -21.08
CA SER C 602 6.48 0.07 -21.45
C SER C 602 6.34 -0.25 -22.94
N PHE C 603 6.83 0.65 -23.76
CA PHE C 603 6.83 0.49 -25.21
C PHE C 603 8.03 1.23 -25.74
N CYS C 604 8.54 2.14 -24.91
CA CYS C 604 9.59 3.05 -25.33
C CYS C 604 10.74 2.29 -25.98
N ARG C 605 11.33 1.36 -25.23
CA ARG C 605 12.37 0.50 -25.77
C ARG C 605 13.32 1.24 -26.68
N GLY C 606 13.13 1.07 -27.99
CA GLY C 606 13.96 1.67 -29.03
C GLY C 606 14.90 2.75 -28.52
N LEU C 607 14.34 3.86 -28.05
CA LEU C 607 15.18 4.97 -27.63
C LEU C 607 16.23 4.55 -26.64
N PHE C 608 15.85 3.77 -25.64
CA PHE C 608 16.79 3.37 -24.60
C PHE C 608 17.83 2.42 -25.20
N SER C 609 17.39 1.62 -26.17
CA SER C 609 18.30 0.70 -26.83
C SER C 609 19.35 1.49 -27.59
N VAL C 610 18.93 2.61 -28.16
CA VAL C 610 19.84 3.50 -28.87
C VAL C 610 20.75 4.25 -27.92
N LEU C 611 20.20 4.75 -26.82
CA LEU C 611 21.01 5.54 -25.90
C LEU C 611 22.16 4.72 -25.36
N SER C 612 21.92 3.45 -25.10
CA SER C 612 22.93 2.57 -24.52
C SER C 612 24.09 2.28 -25.47
N THR C 613 23.95 2.64 -26.74
CA THR C 613 25.02 2.38 -27.70
C THR C 613 25.76 3.66 -28.06
N SER C 614 25.37 4.77 -27.45
CA SER C 614 26.03 6.03 -27.71
C SER C 614 27.44 6.04 -27.15
N GLN C 615 28.36 6.64 -27.88
CA GLN C 615 29.74 6.67 -27.43
C GLN C 615 30.11 7.98 -26.76
N SER C 616 29.35 9.03 -27.03
CA SER C 616 29.66 10.33 -26.45
C SER C 616 28.74 10.70 -25.28
N LEU C 617 27.58 10.07 -25.20
CA LEU C 617 26.61 10.45 -24.18
C LEU C 617 27.20 10.26 -22.79
N THR C 618 27.12 11.31 -21.98
CA THR C 618 27.69 11.28 -20.65
C THR C 618 26.63 11.36 -19.56
N GLU C 619 25.66 12.25 -19.75
CA GLU C 619 24.66 12.48 -18.73
C GLU C 619 23.27 12.18 -19.24
N LEU C 620 22.54 11.35 -18.49
CA LEU C 620 21.18 10.99 -18.84
C LEU C 620 20.21 11.52 -17.81
N ASP C 621 19.43 12.52 -18.21
CA ASP C 621 18.49 13.16 -17.28
C ASP C 621 17.05 12.78 -17.58
N LEU C 622 16.49 11.98 -16.67
CA LEU C 622 15.14 11.47 -16.84
C LEU C 622 14.27 11.89 -15.66
N SER C 623 14.58 13.03 -15.07
CA SER C 623 13.83 13.51 -13.93
C SER C 623 12.49 14.13 -14.33
N ASP C 624 11.61 14.22 -13.34
CA ASP C 624 10.33 14.91 -13.49
C ASP C 624 9.45 14.40 -14.63
N ASN C 625 9.34 13.09 -14.75
CA ASN C 625 8.45 12.47 -15.71
C ASN C 625 7.98 11.12 -15.19
N SER C 626 6.96 10.55 -15.82
CA SER C 626 6.36 9.31 -15.34
C SER C 626 7.14 8.06 -15.69
N LEU C 627 8.39 8.00 -15.28
CA LEU C 627 9.19 6.81 -15.49
C LEU C 627 8.98 5.85 -14.34
N GLY C 628 7.79 5.28 -14.29
CA GLY C 628 7.43 4.40 -13.19
C GLY C 628 8.26 3.14 -13.27
N ASP C 629 8.15 2.29 -12.26
CA ASP C 629 8.99 1.11 -12.19
C ASP C 629 9.10 0.34 -13.52
N PRO C 630 8.00 0.06 -14.25
CA PRO C 630 8.02 -0.66 -15.52
C PRO C 630 8.99 0.00 -16.51
N GLY C 631 9.10 1.32 -16.48
CA GLY C 631 9.97 2.01 -17.39
C GLY C 631 11.40 1.93 -16.90
N MET C 632 11.54 1.94 -15.58
CA MET C 632 12.85 1.86 -14.97
C MET C 632 13.45 0.49 -15.21
N ARG C 633 12.61 -0.53 -15.21
CA ARG C 633 13.08 -1.89 -15.47
C ARG C 633 13.66 -1.97 -16.88
N VAL C 634 12.95 -1.41 -17.85
CA VAL C 634 13.42 -1.45 -19.22
C VAL C 634 14.73 -0.69 -19.36
N LEU C 635 14.79 0.47 -18.72
CA LEU C 635 15.99 1.27 -18.76
C LEU C 635 17.14 0.52 -18.12
N CYS C 636 16.88 -0.12 -16.99
CA CYS C 636 17.93 -0.86 -16.32
C CYS C 636 18.49 -1.95 -17.20
N GLU C 637 17.64 -2.60 -17.98
CA GLU C 637 18.15 -3.64 -18.87
C GLU C 637 19.13 -3.04 -19.88
N THR C 638 18.78 -1.88 -20.42
CA THR C 638 19.64 -1.22 -21.39
C THR C 638 20.89 -0.65 -20.73
N LEU C 639 20.78 -0.30 -19.46
CA LEU C 639 21.92 0.25 -18.72
C LEU C 639 22.96 -0.81 -18.37
N GLN C 640 22.68 -2.08 -18.66
CA GLN C 640 23.66 -3.10 -18.40
C GLN C 640 24.49 -3.39 -19.65
N HIS C 641 24.16 -2.72 -20.75
CA HIS C 641 24.91 -2.89 -21.97
C HIS C 641 26.37 -2.45 -21.74
N PRO C 642 27.36 -3.22 -22.18
CA PRO C 642 28.78 -2.93 -22.07
C PRO C 642 29.20 -1.54 -22.57
N GLY C 643 28.49 -1.01 -23.56
CA GLY C 643 28.86 0.27 -24.15
C GLY C 643 28.07 1.48 -23.65
N CYS C 644 27.35 1.33 -22.55
CA CYS C 644 26.51 2.43 -22.06
C CYS C 644 27.25 3.76 -21.96
N ASN C 645 28.39 3.75 -21.29
CA ASN C 645 29.20 4.95 -21.09
C ASN C 645 28.46 6.07 -20.37
N ILE C 646 27.53 5.74 -19.49
CA ILE C 646 26.81 6.77 -18.77
C ILE C 646 27.51 7.08 -17.46
N ARG C 647 27.84 8.35 -17.26
CA ARG C 647 28.53 8.75 -16.06
C ARG C 647 27.57 9.27 -15.01
N ARG C 648 26.52 9.96 -15.46
CA ARG C 648 25.56 10.50 -14.50
C ARG C 648 24.15 10.11 -14.88
N LEU C 649 23.39 9.66 -13.90
CA LEU C 649 22.00 9.31 -14.12
C LEU C 649 21.10 10.04 -13.14
N TRP C 650 20.24 10.92 -13.66
CA TRP C 650 19.37 11.71 -12.81
C TRP C 650 17.95 11.19 -12.84
N LEU C 651 17.48 10.68 -11.72
CA LEU C 651 16.15 10.11 -11.61
C LEU C 651 15.40 10.67 -10.42
N GLY C 652 15.06 11.95 -10.48
CA GLY C 652 14.45 12.64 -9.35
C GLY C 652 13.00 12.24 -9.18
N ARG C 653 12.10 13.22 -9.19
CA ARG C 653 10.69 12.92 -8.95
C ARG C 653 10.10 12.15 -10.13
N CYS C 654 10.45 10.88 -10.21
CA CYS C 654 10.06 10.01 -11.31
C CYS C 654 8.95 9.05 -10.90
N GLY C 655 8.58 9.11 -9.62
CA GLY C 655 7.52 8.26 -9.09
C GLY C 655 7.99 6.82 -8.92
N LEU C 656 9.27 6.62 -8.61
CA LEU C 656 9.80 5.28 -8.45
C LEU C 656 9.41 4.72 -7.10
N SER C 657 9.22 3.41 -7.06
CA SER C 657 8.93 2.74 -5.80
C SER C 657 10.11 1.89 -5.37
N HIS C 658 9.99 1.29 -4.20
CA HIS C 658 11.08 0.50 -3.63
C HIS C 658 11.48 -0.65 -4.53
N GLU C 659 10.55 -1.09 -5.37
CA GLU C 659 10.81 -2.23 -6.23
C GLU C 659 11.91 -1.95 -7.24
N CYS C 660 12.02 -0.70 -7.66
CA CYS C 660 12.97 -0.34 -8.71
C CYS C 660 14.41 -0.49 -8.25
N CYS C 661 14.61 -0.50 -6.93
CA CYS C 661 15.96 -0.58 -6.41
C CYS C 661 16.58 -1.92 -6.75
N PHE C 662 15.74 -2.92 -6.97
CA PHE C 662 16.25 -4.21 -7.36
C PHE C 662 16.95 -4.11 -8.70
N ASP C 663 16.27 -3.47 -9.64
CA ASP C 663 16.81 -3.35 -10.99
C ASP C 663 17.98 -2.39 -11.02
N ILE C 664 17.94 -1.36 -10.19
CA ILE C 664 19.04 -0.42 -10.13
C ILE C 664 20.28 -1.13 -9.57
N SER C 665 20.09 -1.94 -8.55
CA SER C 665 21.19 -2.70 -7.97
C SER C 665 21.84 -3.57 -9.03
N LEU C 666 21.02 -4.18 -9.88
CA LEU C 666 21.53 -5.02 -10.95
C LEU C 666 22.37 -4.21 -11.94
N VAL C 667 22.03 -2.95 -12.13
CA VAL C 667 22.84 -2.10 -12.99
C VAL C 667 24.16 -1.78 -12.31
N LEU C 668 24.10 -1.43 -11.04
CA LEU C 668 25.30 -1.07 -10.29
C LEU C 668 26.31 -2.20 -10.28
N SER C 669 25.81 -3.43 -10.20
CA SER C 669 26.66 -4.61 -10.09
C SER C 669 27.47 -4.91 -11.35
N SER C 670 27.10 -4.33 -12.49
CA SER C 670 27.83 -4.63 -13.72
C SER C 670 28.27 -3.37 -14.48
N ASN C 671 27.58 -2.26 -14.26
CA ASN C 671 27.91 -1.03 -14.96
C ASN C 671 28.98 -0.28 -14.20
N GLN C 672 30.19 -0.31 -14.72
CA GLN C 672 31.34 0.24 -14.03
C GLN C 672 31.64 1.67 -14.46
N LYS C 673 30.74 2.26 -15.24
CA LYS C 673 30.97 3.60 -15.74
C LYS C 673 30.23 4.65 -14.93
N LEU C 674 29.08 4.26 -14.37
CA LEU C 674 28.24 5.22 -13.62
C LEU C 674 28.96 5.76 -12.40
N VAL C 675 28.98 7.09 -12.27
CA VAL C 675 29.63 7.77 -11.16
C VAL C 675 28.65 8.43 -10.21
N GLU C 676 27.66 9.12 -10.76
CA GLU C 676 26.71 9.85 -9.92
C GLU C 676 25.28 9.44 -10.18
N LEU C 677 24.58 9.11 -9.10
CA LEU C 677 23.19 8.67 -9.19
C LEU C 677 22.28 9.45 -8.26
N ASP C 678 21.24 10.03 -8.82
CA ASP C 678 20.27 10.79 -8.03
C ASP C 678 18.91 10.13 -7.99
N LEU C 679 18.55 9.61 -6.82
CA LEU C 679 17.27 8.92 -6.65
C LEU C 679 16.34 9.69 -5.75
N SER C 680 16.59 10.99 -5.60
CA SER C 680 15.81 11.83 -4.71
C SER C 680 14.35 11.94 -5.17
N ASP C 681 13.49 12.30 -4.23
CA ASP C 681 12.08 12.51 -4.49
C ASP C 681 11.35 11.28 -5.02
N ASN C 682 11.68 10.12 -4.47
CA ASN C 682 10.97 8.89 -4.82
C ASN C 682 10.50 8.19 -3.55
N ALA C 683 9.81 7.07 -3.69
CA ALA C 683 9.30 6.35 -2.52
C ALA C 683 10.17 5.15 -2.20
N LEU C 684 11.48 5.37 -2.23
CA LEU C 684 12.42 4.29 -2.00
C LEU C 684 12.69 4.15 -0.53
N GLY C 685 11.71 3.62 0.19
CA GLY C 685 11.79 3.54 1.63
C GLY C 685 12.86 2.57 2.10
N ASP C 686 12.84 2.24 3.39
CA ASP C 686 13.89 1.45 3.99
C ASP C 686 14.17 0.15 3.25
N PHE C 687 13.12 -0.51 2.76
CA PHE C 687 13.34 -1.73 2.02
C PHE C 687 14.09 -1.44 0.72
N GLY C 688 13.62 -0.44 -0.01
CA GLY C 688 14.22 -0.07 -1.28
C GLY C 688 15.71 0.21 -1.12
N ILE C 689 16.06 1.02 -0.13
CA ILE C 689 17.46 1.34 0.07
C ILE C 689 18.25 0.13 0.49
N ARG C 690 17.64 -0.76 1.26
CA ARG C 690 18.35 -1.96 1.68
C ARG C 690 18.77 -2.76 0.46
N LEU C 691 17.92 -2.78 -0.58
CA LEU C 691 18.28 -3.48 -1.80
C LEU C 691 19.42 -2.75 -2.50
N LEU C 692 19.33 -1.43 -2.54
CA LEU C 692 20.34 -0.64 -3.23
C LEU C 692 21.69 -0.86 -2.57
N CYS C 693 21.69 -1.05 -1.26
CA CYS C 693 22.90 -1.28 -0.51
C CYS C 693 23.64 -2.51 -1.00
N VAL C 694 22.91 -3.45 -1.60
CA VAL C 694 23.56 -4.64 -2.10
C VAL C 694 24.38 -4.27 -3.31
N GLY C 695 23.78 -3.49 -4.20
CA GLY C 695 24.47 -3.04 -5.41
C GLY C 695 25.65 -2.15 -5.04
N LEU C 696 25.49 -1.35 -4.00
CA LEU C 696 26.55 -0.45 -3.56
C LEU C 696 27.72 -1.20 -2.95
N LYS C 697 27.43 -2.25 -2.18
CA LYS C 697 28.47 -3.06 -1.57
C LYS C 697 29.16 -3.93 -2.60
N HIS C 698 28.43 -4.30 -3.65
CA HIS C 698 28.94 -5.18 -4.68
C HIS C 698 30.24 -4.67 -5.28
N LEU C 699 31.15 -5.59 -5.55
CA LEU C 699 32.43 -5.23 -6.10
C LEU C 699 32.29 -4.59 -7.47
N LEU C 700 33.22 -3.70 -7.78
CA LEU C 700 33.28 -2.99 -9.04
C LEU C 700 32.20 -1.93 -9.16
N CYS C 701 31.49 -1.64 -8.08
CA CYS C 701 30.57 -0.52 -8.11
C CYS C 701 31.36 0.75 -7.88
N ASN C 702 31.43 1.58 -8.91
CA ASN C 702 32.29 2.75 -8.88
C ASN C 702 31.53 4.02 -8.54
N LEU C 703 30.28 3.87 -8.13
CA LEU C 703 29.47 5.04 -7.83
C LEU C 703 30.16 5.87 -6.75
N LYS C 704 30.29 7.16 -7.01
CA LYS C 704 30.95 8.04 -6.04
C LYS C 704 29.97 8.96 -5.35
N LYS C 705 28.94 9.37 -6.08
CA LYS C 705 27.99 10.33 -5.55
C LYS C 705 26.59 9.76 -5.55
N LEU C 706 25.96 9.73 -4.38
CA LEU C 706 24.61 9.19 -4.26
C LEU C 706 23.68 10.14 -3.52
N TRP C 707 22.63 10.58 -4.22
CA TRP C 707 21.66 11.48 -3.61
C TRP C 707 20.41 10.72 -3.23
N LEU C 708 20.03 10.79 -1.96
CA LEU C 708 18.86 10.11 -1.46
C LEU C 708 17.97 11.05 -0.68
N VAL C 709 17.73 12.23 -1.22
CA VAL C 709 16.96 13.24 -0.54
C VAL C 709 15.47 12.97 -0.66
N SER C 710 14.77 13.11 0.46
CA SER C 710 13.33 12.91 0.49
C SER C 710 12.94 11.55 -0.07
N CYS C 711 13.55 10.49 0.46
CA CYS C 711 13.30 9.15 -0.05
C CYS C 711 12.50 8.31 0.93
N CYS C 712 11.79 8.95 1.82
CA CYS C 712 10.94 8.24 2.77
C CYS C 712 11.72 7.21 3.58
N LEU C 713 12.93 7.58 3.99
CA LEU C 713 13.76 6.70 4.78
C LEU C 713 13.60 6.97 6.25
N THR C 714 13.87 5.96 7.08
CA THR C 714 13.90 6.18 8.51
C THR C 714 15.24 5.75 9.05
N SER C 715 15.48 6.03 10.33
CA SER C 715 16.74 5.68 10.98
C SER C 715 17.03 4.19 10.90
N ALA C 716 16.00 3.39 10.71
CA ALA C 716 16.16 1.94 10.65
C ALA C 716 17.12 1.53 9.54
N CYS C 717 17.09 2.25 8.42
CA CYS C 717 17.89 1.86 7.26
C CYS C 717 19.36 2.18 7.44
N CYS C 718 19.69 2.96 8.46
CA CYS C 718 21.06 3.37 8.66
C CYS C 718 21.93 2.19 8.99
N GLN C 719 21.32 1.10 9.45
CA GLN C 719 22.08 -0.08 9.79
C GLN C 719 22.73 -0.68 8.57
N ASP C 720 22.06 -0.58 7.43
CA ASP C 720 22.61 -1.15 6.20
C ASP C 720 23.46 -0.12 5.48
N LEU C 721 23.05 1.13 5.55
CA LEU C 721 23.76 2.18 4.83
C LEU C 721 25.12 2.40 5.47
N ALA C 722 25.19 2.33 6.78
CA ALA C 722 26.46 2.49 7.48
C ALA C 722 27.46 1.43 7.01
N SER C 723 26.96 0.24 6.73
CA SER C 723 27.80 -0.84 6.26
C SER C 723 28.33 -0.53 4.88
N VAL C 724 27.54 0.18 4.08
CA VAL C 724 27.97 0.58 2.75
C VAL C 724 29.14 1.53 2.87
N LEU C 725 29.06 2.47 3.79
CA LEU C 725 30.14 3.43 3.98
C LEU C 725 31.43 2.75 4.39
N SER C 726 31.32 1.76 5.26
CA SER C 726 32.48 0.99 5.69
C SER C 726 33.02 0.11 4.57
N THR C 727 32.11 -0.56 3.86
CA THR C 727 32.45 -1.55 2.85
C THR C 727 32.93 -0.96 1.54
N SER C 728 32.22 0.05 1.04
CA SER C 728 32.49 0.60 -0.27
C SER C 728 33.46 1.77 -0.22
N HIS C 729 34.63 1.57 -0.82
CA HIS C 729 35.66 2.60 -0.83
C HIS C 729 35.39 3.65 -1.89
N SER C 730 34.49 3.34 -2.81
CA SER C 730 34.22 4.22 -3.94
C SER C 730 33.21 5.31 -3.64
N LEU C 731 32.35 5.10 -2.65
CA LEU C 731 31.33 6.09 -2.34
C LEU C 731 31.87 7.17 -1.42
N THR C 732 31.83 8.41 -1.88
CA THR C 732 32.42 9.51 -1.11
C THR C 732 31.41 10.61 -0.79
N ARG C 733 30.33 10.67 -1.54
CA ARG C 733 29.34 11.72 -1.36
C ARG C 733 27.98 11.13 -1.07
N LEU C 734 27.46 11.38 0.12
CA LEU C 734 26.18 10.82 0.51
C LEU C 734 25.23 11.88 1.03
N TYR C 735 24.08 12.00 0.39
CA TYR C 735 23.10 12.99 0.80
C TYR C 735 21.79 12.32 1.20
N VAL C 736 21.49 12.33 2.49
CA VAL C 736 20.31 11.64 2.99
C VAL C 736 19.40 12.55 3.78
N GLY C 737 19.43 13.83 3.48
CA GLY C 737 18.58 14.78 4.19
C GLY C 737 17.13 14.61 3.79
N GLU C 738 16.24 15.29 4.51
CA GLU C 738 14.82 15.23 4.28
C GLU C 738 14.26 13.83 4.49
N ASN C 739 14.80 13.11 5.45
CA ASN C 739 14.29 11.80 5.79
C ASN C 739 14.12 11.70 7.30
N ALA C 740 13.56 10.60 7.78
CA ALA C 740 13.34 10.43 9.22
C ALA C 740 14.55 9.78 9.87
N LEU C 741 15.68 10.44 9.75
CA LEU C 741 16.92 9.95 10.33
C LEU C 741 17.31 10.78 11.52
N GLY C 742 16.72 10.45 12.66
CA GLY C 742 16.93 11.25 13.86
C GLY C 742 18.28 10.94 14.47
N ASP C 743 18.48 11.37 15.70
CA ASP C 743 19.77 11.24 16.36
C ASP C 743 20.28 9.81 16.33
N SER C 744 19.38 8.84 16.47
CA SER C 744 19.79 7.44 16.47
C SER C 744 20.27 6.99 15.11
N GLY C 745 19.71 7.57 14.05
CA GLY C 745 20.10 7.18 12.70
C GLY C 745 21.50 7.67 12.44
N VAL C 746 21.75 8.90 12.80
CA VAL C 746 23.04 9.52 12.61
C VAL C 746 24.10 8.81 13.42
N ALA C 747 23.76 8.46 14.66
CA ALA C 747 24.74 7.78 15.50
C ALA C 747 25.18 6.49 14.85
N ILE C 748 24.29 5.78 14.17
CA ILE C 748 24.65 4.56 13.50
C ILE C 748 25.63 4.84 12.36
N LEU C 749 25.29 5.83 11.54
CA LEU C 749 26.13 6.18 10.42
C LEU C 749 27.48 6.68 10.91
N CYS C 750 27.48 7.44 12.00
CA CYS C 750 28.69 7.99 12.57
C CYS C 750 29.59 6.89 13.09
N GLU C 751 29.01 5.87 13.70
CA GLU C 751 29.83 4.81 14.26
C GLU C 751 30.73 4.22 13.19
N LYS C 752 30.22 4.09 11.97
CA LYS C 752 31.04 3.55 10.89
C LYS C 752 31.82 4.65 10.17
N ALA C 753 31.22 5.82 10.00
CA ALA C 753 31.88 6.93 9.32
C ALA C 753 33.11 7.36 10.11
N LYS C 754 33.02 7.21 11.43
CA LYS C 754 34.11 7.51 12.34
C LYS C 754 35.38 6.77 11.96
N ASN C 755 35.23 5.55 11.45
CA ASN C 755 36.41 4.78 11.09
C ASN C 755 37.25 5.56 10.09
N PRO C 756 38.51 5.87 10.41
CA PRO C 756 39.39 6.72 9.65
C PRO C 756 39.71 6.17 8.27
N GLN C 757 39.34 4.91 8.02
CA GLN C 757 39.60 4.30 6.74
C GLN C 757 38.41 4.44 5.77
N CYS C 758 37.36 5.11 6.23
CA CYS C 758 36.22 5.40 5.36
C CYS C 758 36.56 6.61 4.50
N ASN C 759 36.08 6.62 3.25
CA ASN C 759 36.43 7.70 2.33
C ASN C 759 35.35 8.77 2.21
N LEU C 760 34.36 8.72 3.07
CA LEU C 760 33.26 9.67 3.00
C LEU C 760 33.73 11.12 3.13
N GLN C 761 33.37 11.93 2.15
CA GLN C 761 33.81 13.33 2.08
C GLN C 761 32.70 14.34 2.37
N LYS C 762 31.47 13.99 2.02
CA LYS C 762 30.36 14.91 2.21
C LYS C 762 29.14 14.24 2.83
N LEU C 763 28.53 14.90 3.81
CA LEU C 763 27.32 14.38 4.44
C LEU C 763 26.14 15.33 4.36
N GLY C 764 25.14 14.96 3.57
CA GLY C 764 23.95 15.79 3.41
C GLY C 764 22.91 15.53 4.51
N LEU C 765 23.34 15.66 5.77
CA LEU C 765 22.43 15.45 6.90
C LEU C 765 21.64 16.70 7.18
N VAL C 766 20.76 17.04 6.25
CA VAL C 766 20.07 18.32 6.27
C VAL C 766 18.86 18.25 7.18
N ASN C 767 17.68 18.09 6.60
CA ASN C 767 16.48 18.11 7.43
C ASN C 767 16.25 16.74 8.05
N SER C 768 17.15 16.36 8.93
CA SER C 768 17.13 15.06 9.56
C SER C 768 16.45 15.09 10.92
N GLY C 769 16.10 16.28 11.40
CA GLY C 769 15.43 16.44 12.68
C GLY C 769 16.35 16.15 13.85
N LEU C 770 17.62 16.50 13.71
CA LEU C 770 18.60 16.20 14.74
C LEU C 770 18.62 17.24 15.85
N THR C 771 19.04 16.79 17.02
CA THR C 771 19.18 17.68 18.17
C THR C 771 20.62 17.71 18.61
N SER C 772 20.90 18.41 19.70
CA SER C 772 22.26 18.51 20.22
C SER C 772 22.81 17.14 20.61
N VAL C 773 21.94 16.16 20.80
CA VAL C 773 22.38 14.82 21.18
C VAL C 773 23.27 14.20 20.13
N CYS C 774 22.95 14.42 18.86
CA CYS C 774 23.69 13.81 17.78
C CYS C 774 25.10 14.37 17.65
N CYS C 775 25.34 15.49 18.32
CA CYS C 775 26.61 16.17 18.16
C CYS C 775 27.74 15.38 18.78
N SER C 776 27.41 14.48 19.69
CA SER C 776 28.45 13.64 20.27
C SER C 776 29.02 12.74 19.20
N ALA C 777 28.11 12.11 18.46
CA ALA C 777 28.50 11.22 17.39
C ALA C 777 29.23 11.96 16.29
N LEU C 778 28.74 13.16 15.96
CA LEU C 778 29.35 13.95 14.90
C LEU C 778 30.75 14.41 15.31
N SER C 779 30.90 14.75 16.58
CA SER C 779 32.19 15.18 17.10
C SER C 779 33.23 14.10 16.93
N SER C 780 32.85 12.87 17.28
CA SER C 780 33.76 11.74 17.16
C SER C 780 34.21 11.53 15.73
N VAL C 781 33.29 11.74 14.78
CA VAL C 781 33.65 11.58 13.39
C VAL C 781 34.60 12.68 12.95
N LEU C 782 34.29 13.92 13.31
CA LEU C 782 35.10 15.06 12.90
C LEU C 782 36.53 14.97 13.40
N SER C 783 36.69 14.49 14.62
CA SER C 783 38.00 14.37 15.24
C SER C 783 38.76 13.12 14.78
N THR C 784 38.11 12.27 14.00
CA THR C 784 38.71 11.00 13.62
C THR C 784 38.91 10.86 12.12
N ASN C 785 37.84 11.09 11.36
CA ASN C 785 37.86 10.87 9.93
C ASN C 785 38.29 12.13 9.18
N GLN C 786 39.52 12.11 8.69
CA GLN C 786 40.11 13.28 8.07
C GLN C 786 39.71 13.45 6.61
N ASN C 787 38.87 12.54 6.12
CA ASN C 787 38.44 12.60 4.74
C ASN C 787 37.17 13.43 4.59
N LEU C 788 36.60 13.87 5.71
CA LEU C 788 35.37 14.66 5.66
C LEU C 788 35.66 16.13 5.49
N THR C 789 35.13 16.71 4.41
CA THR C 789 35.37 18.12 4.12
C THR C 789 34.11 18.99 4.13
N HIS C 790 32.95 18.41 3.87
CA HIS C 790 31.72 19.21 3.85
C HIS C 790 30.60 18.57 4.66
N LEU C 791 30.15 19.28 5.68
CA LEU C 791 29.11 18.75 6.55
C LEU C 791 27.91 19.68 6.57
N TYR C 792 26.76 19.14 6.16
CA TYR C 792 25.55 19.94 6.07
C TYR C 792 24.59 19.57 7.18
N LEU C 793 24.35 20.49 8.10
CA LEU C 793 23.45 20.22 9.21
C LEU C 793 22.24 21.14 9.20
N ARG C 794 22.10 21.90 8.13
CA ARG C 794 21.02 22.86 8.05
C ARG C 794 19.67 22.15 8.09
N GLY C 795 18.71 22.73 8.80
CA GLY C 795 17.38 22.15 8.89
C GLY C 795 17.16 21.41 10.21
N ASN C 796 18.24 21.14 10.91
CA ASN C 796 18.16 20.46 12.20
C ASN C 796 17.87 21.47 13.30
N THR C 797 17.76 21.03 14.55
CA THR C 797 17.54 21.96 15.65
C THR C 797 18.51 21.66 16.78
N LEU C 798 19.77 22.03 16.57
CA LEU C 798 20.85 21.75 17.51
C LEU C 798 20.88 22.72 18.68
N GLY C 799 20.53 23.97 18.44
CA GLY C 799 20.58 24.98 19.48
C GLY C 799 22.02 25.31 19.83
N ASP C 800 22.22 26.02 20.93
CA ASP C 800 23.55 26.42 21.33
C ASP C 800 24.32 25.25 21.91
N LYS C 801 23.61 24.34 22.55
CA LYS C 801 24.24 23.17 23.12
C LYS C 801 24.86 22.34 22.02
N GLY C 802 24.13 22.16 20.93
CA GLY C 802 24.65 21.39 19.82
C GLY C 802 25.87 22.06 19.24
N ILE C 803 25.85 23.38 19.14
CA ILE C 803 27.01 24.09 18.61
C ILE C 803 28.21 23.87 19.49
N LYS C 804 28.03 23.96 20.81
CA LYS C 804 29.16 23.77 21.70
C LYS C 804 29.75 22.39 21.53
N LEU C 805 28.90 21.37 21.48
CA LEU C 805 29.37 20.00 21.35
C LEU C 805 30.05 19.80 20.00
N LEU C 806 29.47 20.37 18.97
CA LEU C 806 30.00 20.24 17.64
C LEU C 806 31.35 20.93 17.58
N CYS C 807 31.45 22.09 18.23
CA CYS C 807 32.68 22.83 18.27
C CYS C 807 33.79 22.04 18.94
N GLU C 808 33.48 21.32 20.01
CA GLU C 808 34.53 20.54 20.66
C GLU C 808 35.19 19.61 19.64
N GLY C 809 34.37 19.00 18.79
CA GLY C 809 34.89 18.15 17.72
C GLY C 809 35.67 18.98 16.70
N LEU C 810 35.09 20.07 16.25
CA LEU C 810 35.68 20.91 15.22
C LEU C 810 37.00 21.53 15.65
N LEU C 811 37.12 21.82 16.94
CA LEU C 811 38.29 22.45 17.51
C LEU C 811 39.44 21.46 17.67
N HIS C 812 39.17 20.19 17.43
CA HIS C 812 40.18 19.16 17.51
C HIS C 812 41.18 19.37 16.38
N PRO C 813 42.50 19.23 16.63
CA PRO C 813 43.56 19.44 15.67
C PRO C 813 43.50 18.52 14.45
N ASP C 814 42.80 17.40 14.55
CA ASP C 814 42.72 16.49 13.40
C ASP C 814 41.45 16.71 12.59
N CYS C 815 40.68 17.74 12.91
CA CYS C 815 39.48 18.00 12.12
C CYS C 815 39.84 18.73 10.84
N LYS C 816 39.44 18.16 9.71
CA LYS C 816 39.80 18.74 8.41
C LYS C 816 38.59 19.34 7.71
N LEU C 817 37.48 19.48 8.42
CA LEU C 817 36.27 20.00 7.80
C LEU C 817 36.53 21.39 7.23
N GLN C 818 36.13 21.59 5.98
CA GLN C 818 36.34 22.86 5.33
C GLN C 818 35.07 23.69 5.33
N VAL C 819 33.95 23.03 5.06
CA VAL C 819 32.69 23.74 4.97
C VAL C 819 31.65 23.20 5.92
N LEU C 820 31.09 24.08 6.71
CA LEU C 820 30.02 23.73 7.62
C LEU C 820 28.78 24.56 7.33
N GLU C 821 27.67 23.88 7.07
CA GLU C 821 26.40 24.56 6.78
C GLU C 821 25.43 24.46 7.94
N LEU C 822 25.14 25.61 8.54
CA LEU C 822 24.25 25.72 9.70
C LEU C 822 23.15 26.73 9.46
N ASP C 823 22.19 26.38 8.62
CA ASP C 823 21.06 27.26 8.40
C ASP C 823 20.17 27.08 9.59
N ASN C 824 19.05 27.77 9.64
CA ASN C 824 18.19 27.71 10.82
C ASN C 824 18.39 26.40 11.58
N CYS C 825 19.20 26.46 12.62
CA CYS C 825 19.43 25.33 13.53
C CYS C 825 18.90 25.67 14.90
N ASN C 826 17.91 26.56 14.94
CA ASN C 826 17.34 27.03 16.18
C ASN C 826 18.41 27.59 17.10
N LEU C 827 19.32 28.38 16.53
CA LEU C 827 20.40 28.94 17.31
C LEU C 827 20.02 30.29 17.88
N THR C 828 20.70 30.65 18.96
CA THR C 828 20.52 31.95 19.58
C THR C 828 21.87 32.62 19.73
N SER C 829 21.86 33.86 20.19
CA SER C 829 23.08 34.61 20.41
C SER C 829 23.96 33.97 21.46
N HIS C 830 23.40 33.04 22.22
CA HIS C 830 24.14 32.37 23.27
C HIS C 830 25.28 31.54 22.71
N CYS C 831 25.17 31.17 21.44
CA CYS C 831 26.18 30.31 20.82
C CYS C 831 27.28 31.11 20.16
N CYS C 832 27.14 32.43 20.15
CA CYS C 832 28.10 33.24 19.41
C CYS C 832 29.49 33.17 20.02
N TRP C 833 29.56 32.93 21.32
CA TRP C 833 30.86 32.81 21.97
C TRP C 833 31.63 31.62 21.43
N ASP C 834 30.93 30.52 21.22
CA ASP C 834 31.56 29.29 20.79
C ASP C 834 31.88 29.36 19.30
N LEU C 835 31.00 30.01 18.54
CA LEU C 835 31.27 30.18 17.12
C LEU C 835 32.44 31.13 16.96
N SER C 836 32.49 32.15 17.82
CA SER C 836 33.59 33.10 17.80
C SER C 836 34.88 32.37 18.09
N THR C 837 34.86 31.51 19.08
CA THR C 837 36.02 30.72 19.43
C THR C 837 36.45 29.89 18.23
N LEU C 838 35.50 29.25 17.58
CA LEU C 838 35.81 28.44 16.41
C LEU C 838 36.50 29.26 15.34
N LEU C 839 35.96 30.44 15.05
CA LEU C 839 36.46 31.28 13.97
C LEU C 839 37.92 31.66 14.14
N THR C 840 38.37 31.85 15.38
CA THR C 840 39.76 32.23 15.62
C THR C 840 40.59 31.07 16.13
N SER C 841 40.03 29.87 16.11
CA SER C 841 40.74 28.70 16.63
C SER C 841 41.06 27.66 15.55
N SER C 842 40.07 27.32 14.72
CA SER C 842 40.28 26.28 13.72
C SER C 842 41.15 26.78 12.59
N GLN C 843 41.81 25.85 11.89
CA GLN C 843 42.66 26.21 10.78
C GLN C 843 42.17 25.65 9.45
N SER C 844 41.48 24.52 9.51
CA SER C 844 41.03 23.81 8.32
C SER C 844 39.71 24.35 7.78
N LEU C 845 39.00 25.12 8.60
CA LEU C 845 37.70 25.65 8.22
C LEU C 845 37.85 26.79 7.21
N ARG C 846 37.10 26.70 6.13
CA ARG C 846 37.15 27.68 5.06
C ARG C 846 35.87 28.49 4.97
N LYS C 847 34.75 27.85 5.31
CA LYS C 847 33.44 28.48 5.20
C LYS C 847 32.52 28.11 6.36
N LEU C 848 31.89 29.12 6.95
CA LEU C 848 30.92 28.88 8.01
C LEU C 848 29.59 29.51 7.63
N SER C 849 28.67 28.71 7.12
CA SER C 849 27.42 29.28 6.65
C SER C 849 26.38 29.31 7.73
N LEU C 850 26.06 30.50 8.20
CA LEU C 850 25.06 30.68 9.24
C LEU C 850 23.81 31.27 8.62
N GLY C 851 22.72 30.54 8.67
CA GLY C 851 21.51 30.99 7.98
C GLY C 851 20.51 31.63 8.92
N ASN C 852 19.24 31.32 8.69
CA ASN C 852 18.18 32.03 9.41
C ASN C 852 18.08 31.58 10.86
N ASN C 853 18.85 32.23 11.71
CA ASN C 853 18.84 31.94 13.12
C ASN C 853 19.10 33.22 13.91
N ASP C 854 18.72 33.23 15.18
CA ASP C 854 18.86 34.44 15.97
C ASP C 854 20.25 34.58 16.57
N LEU C 855 21.23 34.78 15.70
CA LEU C 855 22.61 35.01 16.14
C LEU C 855 22.71 36.29 16.94
N GLY C 856 21.93 37.29 16.57
CA GLY C 856 21.93 38.55 17.29
C GLY C 856 22.85 39.57 16.66
N ASP C 857 22.63 40.82 17.02
CA ASP C 857 23.43 41.92 16.52
C ASP C 857 24.80 41.88 17.18
N LEU C 858 24.80 41.60 18.48
CA LEU C 858 26.03 41.48 19.22
C LEU C 858 26.87 40.33 18.70
N GLY C 859 26.22 39.23 18.35
CA GLY C 859 26.92 38.07 17.83
C GLY C 859 27.71 38.44 16.59
N VAL C 860 27.07 39.14 15.66
CA VAL C 860 27.74 39.58 14.45
C VAL C 860 28.85 40.58 14.73
N MET C 861 28.58 41.55 15.60
CA MET C 861 29.61 42.52 15.91
C MET C 861 30.79 41.86 16.59
N MET C 862 30.51 40.85 17.41
CA MET C 862 31.56 40.08 18.04
C MET C 862 32.41 39.42 16.97
N PHE C 863 31.76 38.81 16.00
CA PHE C 863 32.45 38.13 14.92
C PHE C 863 33.33 39.10 14.17
N CYS C 864 32.82 40.28 13.91
CA CYS C 864 33.60 41.26 13.16
C CYS C 864 34.90 41.57 13.86
N GLU C 865 34.85 41.82 15.17
CA GLU C 865 36.07 42.17 15.89
C GLU C 865 37.08 41.03 15.91
N VAL C 866 36.60 39.81 16.12
CA VAL C 866 37.49 38.67 16.26
C VAL C 866 37.96 38.10 14.93
N LEU C 867 37.13 38.19 13.90
CA LEU C 867 37.48 37.63 12.59
C LEU C 867 38.62 38.42 11.97
N LYS C 868 38.83 39.62 12.45
CA LYS C 868 39.90 40.48 11.98
C LYS C 868 41.26 40.00 12.46
N GLN C 869 41.25 39.14 13.47
CA GLN C 869 42.50 38.71 14.10
C GLN C 869 43.13 37.55 13.35
N GLN C 870 43.59 37.83 12.12
CA GLN C 870 44.24 36.84 11.27
C GLN C 870 43.42 35.56 11.10
N SER C 871 42.16 35.71 10.74
CA SER C 871 41.30 34.56 10.51
C SER C 871 41.73 33.75 9.30
N CYS C 872 41.51 32.44 9.36
CA CYS C 872 41.83 31.55 8.25
C CYS C 872 40.63 31.37 7.33
N LEU C 873 39.50 31.97 7.70
CA LEU C 873 38.28 31.83 6.92
C LEU C 873 38.43 32.55 5.60
N LEU C 874 37.96 31.93 4.51
CA LEU C 874 38.06 32.57 3.21
C LEU C 874 36.71 32.99 2.67
N GLN C 875 35.68 32.27 3.09
CA GLN C 875 34.33 32.45 2.59
C GLN C 875 33.46 33.25 3.54
N ASN C 876 32.19 33.36 3.18
CA ASN C 876 31.28 34.22 3.91
C ASN C 876 30.80 33.58 5.18
N LEU C 877 29.96 34.29 5.91
CA LEU C 877 29.46 33.81 7.18
C LEU C 877 27.96 33.67 7.18
N GLY C 878 27.40 33.47 5.99
CA GLY C 878 25.96 33.39 5.88
C GLY C 878 25.34 34.73 6.26
N LEU C 879 24.64 34.76 7.37
CA LEU C 879 23.95 35.93 7.91
C LEU C 879 22.78 36.36 7.04
N SER C 880 22.28 35.44 6.22
CA SER C 880 21.11 35.73 5.43
C SER C 880 19.86 35.61 6.27
N GLU C 881 18.81 36.28 5.84
CA GLU C 881 17.53 36.23 6.55
C GLU C 881 17.72 36.58 8.02
N MET C 882 18.52 37.59 8.28
CA MET C 882 18.74 38.12 9.62
C MET C 882 18.51 39.62 9.61
N TYR C 883 18.00 40.14 10.71
CA TYR C 883 17.78 41.58 10.80
C TYR C 883 18.81 42.23 11.68
N PHE C 884 19.45 43.25 11.15
CA PHE C 884 20.48 43.95 11.88
C PHE C 884 20.17 45.43 11.95
N ASN C 885 20.63 46.07 13.02
CA ASN C 885 20.48 47.50 13.16
C ASN C 885 21.58 48.23 12.42
N TYR C 886 21.55 49.56 12.45
CA TYR C 886 22.51 50.35 11.70
C TYR C 886 23.94 50.10 12.10
N GLU C 887 24.21 50.14 13.39
CA GLU C 887 25.58 49.99 13.87
C GLU C 887 26.13 48.63 13.52
N THR C 888 25.26 47.63 13.58
CA THR C 888 25.64 46.27 13.26
C THR C 888 25.95 46.15 11.78
N LYS C 889 25.08 46.72 10.95
CA LYS C 889 25.27 46.71 9.52
C LYS C 889 26.53 47.47 9.14
N SER C 890 26.74 48.60 9.80
CA SER C 890 27.90 49.43 9.55
C SER C 890 29.17 48.68 9.91
N ALA C 891 29.16 48.00 11.05
CA ALA C 891 30.30 47.22 11.49
C ALA C 891 30.57 46.09 10.50
N LEU C 892 29.52 45.48 9.99
CA LEU C 892 29.66 44.39 9.05
C LEU C 892 30.23 44.89 7.73
N GLU C 893 29.74 46.03 7.26
CA GLU C 893 30.23 46.64 6.04
C GLU C 893 31.69 47.05 6.21
N THR C 894 32.02 47.52 7.40
CA THR C 894 33.39 47.92 7.68
C THR C 894 34.30 46.72 7.52
N LEU C 895 33.90 45.59 8.10
CA LEU C 895 34.67 44.36 7.97
C LEU C 895 34.90 44.02 6.51
N GLN C 896 33.86 44.14 5.71
CA GLN C 896 33.93 43.81 4.30
C GLN C 896 34.98 44.65 3.57
N GLU C 897 35.11 45.91 3.98
CA GLU C 897 36.06 46.82 3.35
C GLU C 897 37.47 46.68 3.92
N GLU C 898 37.58 46.49 5.23
CA GLU C 898 38.86 46.42 5.90
C GLU C 898 39.62 45.12 5.64
N LYS C 899 38.87 44.03 5.48
CA LYS C 899 39.47 42.72 5.29
C LYS C 899 39.04 42.07 3.97
N PRO C 900 39.58 42.53 2.83
CA PRO C 900 39.20 42.15 1.47
C PRO C 900 39.53 40.70 1.15
N GLU C 901 40.34 40.07 2.00
CA GLU C 901 40.66 38.66 1.80
C GLU C 901 39.39 37.83 1.98
N LEU C 902 38.44 38.38 2.72
CA LEU C 902 37.14 37.75 2.86
C LEU C 902 36.36 38.15 1.63
N THR C 903 36.60 37.43 0.55
CA THR C 903 36.04 37.78 -0.74
C THR C 903 34.56 38.03 -0.60
N VAL C 904 33.93 37.16 0.17
CA VAL C 904 32.52 37.31 0.47
C VAL C 904 32.30 37.26 1.98
N VAL C 905 31.36 38.08 2.44
CA VAL C 905 30.96 38.13 3.84
C VAL C 905 29.46 37.97 3.92
N PHE C 906 28.77 38.77 3.11
CA PHE C 906 27.32 38.75 2.93
C PHE C 906 26.50 39.41 4.02
N GLU C 907 26.06 40.63 3.75
CA GLU C 907 25.06 41.26 4.59
C GLU C 907 23.71 40.88 3.97
N PRO C 908 22.64 40.79 4.76
CA PRO C 908 21.28 40.46 4.35
C PRO C 908 20.57 41.59 3.61
N SER C 909 21.15 42.78 3.63
CA SER C 909 20.53 43.95 3.03
C SER C 909 20.50 43.87 1.50
N LYS D 7 -34.62 5.95 59.57
CA LYS D 7 -34.43 6.78 58.38
C LYS D 7 -32.99 6.70 57.89
N LYS D 8 -32.40 5.52 58.03
CA LYS D 8 -31.01 5.31 57.61
C LYS D 8 -30.94 4.18 56.60
N ASP D 9 -30.06 4.30 55.62
CA ASP D 9 -29.88 3.23 54.65
C ASP D 9 -28.77 2.29 55.11
N TYR D 10 -28.50 1.27 54.32
CA TYR D 10 -27.47 0.30 54.66
C TYR D 10 -26.26 0.43 53.75
N ARG D 11 -26.48 1.01 52.57
CA ARG D 11 -25.42 1.12 51.57
C ARG D 11 -24.24 1.91 52.09
N LYS D 12 -24.54 2.97 52.84
CA LYS D 12 -23.47 3.81 53.36
C LYS D 12 -22.68 3.09 54.42
N LYS D 13 -23.37 2.36 55.28
CA LYS D 13 -22.73 1.64 56.36
C LYS D 13 -21.77 0.60 55.81
N TYR D 14 -22.21 -0.05 54.74
CA TYR D 14 -21.40 -1.08 54.13
C TYR D 14 -20.19 -0.49 53.42
N ARG D 15 -20.39 0.57 52.64
CA ARG D 15 -19.26 1.16 51.93
C ARG D 15 -18.17 1.59 52.90
N LYS D 16 -18.57 2.15 54.05
CA LYS D 16 -17.59 2.54 55.05
C LYS D 16 -16.83 1.33 55.56
N TYR D 17 -17.56 0.27 55.86
CA TYR D 17 -16.97 -0.98 56.32
C TYR D 17 -15.95 -1.51 55.33
N VAL D 18 -16.32 -1.50 54.05
CA VAL D 18 -15.45 -2.00 53.01
C VAL D 18 -14.19 -1.15 52.93
N ARG D 19 -14.35 0.18 52.96
CA ARG D 19 -13.18 1.03 52.91
C ARG D 19 -12.28 0.75 54.10
N SER D 20 -12.88 0.50 55.25
CA SER D 20 -12.14 0.23 56.47
C SER D 20 -11.36 -1.07 56.43
N ARG D 21 -11.98 -2.14 55.94
CA ARG D 21 -11.32 -3.44 55.95
C ARG D 21 -10.23 -3.55 54.89
N PHE D 22 -10.38 -2.85 53.77
CA PHE D 22 -9.42 -2.96 52.67
C PHE D 22 -8.42 -1.81 52.63
N GLN D 23 -7.93 -1.39 53.78
CA GLN D 23 -6.95 -0.31 53.82
C GLN D 23 -5.53 -0.82 53.60
N CYS D 24 -5.35 -2.13 53.71
CA CYS D 24 -4.03 -2.71 53.56
C CYS D 24 -4.05 -3.94 52.66
N ILE D 25 -3.00 -4.08 51.87
CA ILE D 25 -2.80 -5.22 50.99
C ILE D 25 -2.60 -6.52 51.76
N GLU D 26 -1.85 -6.45 52.86
CA GLU D 26 -1.57 -7.63 53.67
C GLU D 26 -2.82 -8.22 54.30
N ASP D 27 -3.87 -7.41 54.44
CA ASP D 27 -5.14 -7.85 55.02
C ASP D 27 -4.98 -8.36 56.45
N ARG D 28 -4.12 -7.72 57.22
CA ARG D 28 -3.91 -8.15 58.60
C ARG D 28 -3.05 -7.17 59.38
N ASN D 29 -2.87 -7.47 60.67
CA ASN D 29 -1.94 -6.76 61.53
C ASN D 29 -0.60 -7.46 61.51
N ALA D 30 0.37 -6.97 62.30
CA ALA D 30 1.70 -7.54 62.33
C ALA D 30 2.33 -7.50 60.95
N ARG D 31 2.11 -6.40 60.26
CA ARG D 31 2.60 -6.22 58.91
C ARG D 31 4.06 -5.80 58.90
N LEU D 32 4.95 -6.76 59.13
CA LEU D 32 6.39 -6.50 59.13
C LEU D 32 6.73 -5.33 60.05
N GLY D 33 6.40 -5.46 61.34
CA GLY D 33 6.64 -4.38 62.29
C GLY D 33 5.45 -3.43 62.39
N GLU D 34 4.26 -3.93 62.07
CA GLU D 34 3.02 -3.15 62.12
C GLU D 34 3.08 -1.93 61.20
N SER D 35 3.69 -2.10 60.04
CA SER D 35 3.77 -1.03 59.05
C SER D 35 2.45 -0.94 58.31
N VAL D 36 2.28 0.10 57.51
CA VAL D 36 1.07 0.22 56.70
C VAL D 36 1.37 -0.31 55.30
N SER D 37 0.51 -1.19 54.80
CA SER D 37 0.74 -1.78 53.49
C SER D 37 0.69 -0.71 52.42
N LEU D 38 -0.23 0.23 52.60
CA LEU D 38 -0.44 1.32 51.68
C LEU D 38 -1.03 0.81 50.39
N ASN D 39 -2.29 1.13 50.15
CA ASN D 39 -2.94 0.68 48.93
C ASN D 39 -2.37 1.37 47.70
N LYS D 40 -1.66 2.48 47.92
CA LYS D 40 -1.01 3.18 46.83
C LYS D 40 0.17 2.36 46.31
N ARG D 41 0.57 1.34 47.09
CA ARG D 41 1.60 0.39 46.70
C ARG D 41 1.18 -0.40 45.48
N TYR D 42 -0.14 -0.50 45.27
CA TYR D 42 -0.67 -1.27 44.16
C TYR D 42 -0.11 -0.81 42.84
N THR D 43 0.39 -1.76 42.08
CA THR D 43 0.95 -1.50 40.76
C THR D 43 0.01 -2.06 39.71
N ARG D 44 -0.29 -1.25 38.70
CA ARG D 44 -1.24 -1.66 37.68
C ARG D 44 -0.79 -2.90 36.94
N LEU D 45 -1.68 -3.88 36.84
CA LEU D 45 -1.44 -5.10 36.10
C LEU D 45 -2.01 -4.98 34.70
N ARG D 46 -1.36 -5.60 33.74
CA ARG D 46 -1.87 -5.58 32.38
C ARG D 46 -3.09 -6.49 32.24
N LEU D 47 -4.16 -5.97 31.68
CA LEU D 47 -5.37 -6.74 31.48
C LEU D 47 -5.70 -6.84 30.01
N ILE D 48 -5.82 -8.06 29.50
CA ILE D 48 -6.12 -8.27 28.10
C ILE D 48 -7.43 -9.00 27.89
N LYS D 49 -8.33 -8.38 27.14
CA LYS D 49 -9.61 -9.00 26.82
C LYS D 49 -9.40 -10.19 25.90
N GLU D 50 -10.02 -11.32 26.24
CA GLU D 50 -9.91 -12.52 25.44
C GLU D 50 -9.76 -12.18 23.96
N SER D 75 -6.05 -2.87 22.30
CA SER D 75 -6.27 -1.95 23.41
C SER D 75 -6.45 -2.70 24.72
N PRO D 76 -5.95 -2.16 25.83
CA PRO D 76 -6.06 -2.69 27.18
C PRO D 76 -7.48 -2.56 27.69
N ILE D 77 -7.86 -3.40 28.63
CA ILE D 77 -9.19 -3.32 29.23
C ILE D 77 -9.09 -2.78 30.65
N LYS D 78 -9.99 -1.87 30.98
CA LYS D 78 -10.00 -1.24 32.29
C LYS D 78 -10.77 -2.08 33.30
N MET D 79 -10.57 -1.79 34.59
CA MET D 79 -11.34 -2.45 35.65
C MET D 79 -12.80 -2.03 35.56
N GLU D 80 -13.01 -0.86 34.97
CA GLU D 80 -14.33 -0.29 34.75
C GLU D 80 -14.86 -0.76 33.39
N LEU D 81 -16.18 -0.75 33.22
CA LEU D 81 -16.84 -1.14 31.98
C LEU D 81 -16.77 -2.64 31.69
N LEU D 82 -16.43 -3.44 32.69
CA LEU D 82 -16.28 -4.88 32.50
C LEU D 82 -17.60 -5.57 32.19
N PHE D 83 -18.69 -5.05 32.73
CA PHE D 83 -19.98 -5.71 32.58
C PHE D 83 -20.80 -5.04 31.49
N ASP D 84 -20.20 -4.08 30.79
CA ASP D 84 -20.93 -3.35 29.78
C ASP D 84 -21.35 -4.25 28.63
N PRO D 85 -22.46 -3.93 27.96
CA PRO D 85 -22.95 -4.57 26.76
C PRO D 85 -21.90 -4.58 25.66
N ASP D 86 -21.93 -5.61 24.83
CA ASP D 86 -20.96 -5.76 23.75
C ASP D 86 -21.30 -4.88 22.54
N ASP D 87 -20.57 -5.09 21.45
CA ASP D 87 -20.59 -4.20 20.28
C ASP D 87 -21.89 -4.18 19.49
N GLU D 88 -22.62 -5.30 19.45
CA GLU D 88 -23.84 -5.34 18.65
C GLU D 88 -24.95 -6.08 19.38
N HIS D 89 -26.17 -5.55 19.25
CA HIS D 89 -27.36 -6.03 19.96
C HIS D 89 -27.25 -5.74 21.46
N SER D 90 -26.21 -5.01 21.85
CA SER D 90 -26.01 -4.58 23.22
C SER D 90 -26.21 -5.71 24.21
N GLU D 91 -25.55 -6.84 24.00
CA GLU D 91 -25.73 -7.97 24.91
C GLU D 91 -24.97 -7.72 26.21
N PRO D 92 -25.67 -7.63 27.36
CA PRO D 92 -25.15 -7.31 28.69
C PRO D 92 -24.31 -8.45 29.23
N VAL D 93 -23.40 -8.14 30.14
CA VAL D 93 -22.58 -9.19 30.74
C VAL D 93 -22.85 -9.31 32.22
N HIS D 94 -23.25 -10.49 32.65
CA HIS D 94 -23.50 -10.73 34.07
C HIS D 94 -22.27 -11.31 34.72
N THR D 95 -21.56 -12.15 33.99
CA THR D 95 -20.42 -12.84 34.55
C THR D 95 -19.12 -12.50 33.85
N VAL D 96 -18.13 -12.12 34.64
CA VAL D 96 -16.81 -11.83 34.14
C VAL D 96 -15.81 -12.73 34.82
N VAL D 97 -15.04 -13.45 34.03
CA VAL D 97 -14.07 -14.37 34.59
C VAL D 97 -12.67 -13.96 34.25
N PHE D 98 -11.88 -13.77 35.29
CA PHE D 98 -10.49 -13.44 35.15
C PHE D 98 -9.65 -14.67 35.35
N GLN D 99 -8.59 -14.77 34.58
CA GLN D 99 -7.71 -15.90 34.76
C GLN D 99 -6.26 -15.48 34.81
N GLY D 100 -5.46 -16.24 35.53
CA GLY D 100 -4.03 -15.97 35.55
C GLY D 100 -3.27 -16.90 36.49
N ALA D 101 -1.97 -16.88 36.33
CA ALA D 101 -1.06 -17.70 37.11
C ALA D 101 -1.02 -17.24 38.57
N ALA D 102 -0.69 -18.17 39.45
CA ALA D 102 -0.50 -17.86 40.85
C ALA D 102 0.57 -16.81 40.98
N GLY D 103 0.33 -15.84 41.85
CA GLY D 103 1.31 -14.79 42.09
C GLY D 103 1.09 -13.58 41.21
N ILE D 104 0.20 -13.70 40.22
CA ILE D 104 -0.12 -12.59 39.32
C ILE D 104 -0.88 -11.48 40.03
N GLY D 105 -1.72 -11.84 40.97
CA GLY D 105 -2.47 -10.82 41.70
C GLY D 105 -3.96 -10.91 41.48
N LYS D 106 -4.47 -12.12 41.31
CA LYS D 106 -5.89 -12.28 41.11
C LYS D 106 -6.68 -11.70 42.29
N THR D 107 -6.22 -11.96 43.51
CA THR D 107 -6.94 -11.47 44.68
C THR D 107 -6.66 -10.00 44.93
N ILE D 108 -5.46 -9.52 44.62
CA ILE D 108 -5.19 -8.13 44.92
C ILE D 108 -6.03 -7.26 44.01
N LEU D 109 -6.27 -7.73 42.79
CA LEU D 109 -7.08 -6.97 41.87
C LEU D 109 -8.49 -6.86 42.41
N ALA D 110 -9.02 -7.97 42.92
CA ALA D 110 -10.36 -7.96 43.51
C ALA D 110 -10.42 -7.06 44.73
N ARG D 111 -9.37 -7.07 45.54
CA ARG D 111 -9.35 -6.23 46.73
C ARG D 111 -9.33 -4.76 46.34
N LYS D 112 -8.53 -4.43 45.32
CA LYS D 112 -8.45 -3.08 44.84
C LYS D 112 -9.81 -2.65 44.33
N MET D 113 -10.47 -3.56 43.62
CA MET D 113 -11.78 -3.29 43.07
C MET D 113 -12.78 -2.98 44.16
N MET D 114 -12.73 -3.77 45.24
CA MET D 114 -13.64 -3.56 46.36
C MET D 114 -13.47 -2.18 46.97
N LEU D 115 -12.22 -1.74 47.06
CA LEU D 115 -11.96 -0.44 47.64
C LEU D 115 -12.37 0.70 46.72
N ASP D 116 -12.03 0.61 45.45
CA ASP D 116 -12.36 1.70 44.52
C ASP D 116 -13.86 1.91 44.46
N TRP D 117 -14.60 0.81 44.54
CA TRP D 117 -16.05 0.91 44.59
C TRP D 117 -16.51 1.57 45.88
N ALA D 118 -15.99 1.09 47.01
CA ALA D 118 -16.39 1.61 48.30
C ALA D 118 -16.06 3.09 48.41
N SER D 119 -14.99 3.51 47.74
CA SER D 119 -14.57 4.91 47.69
C SER D 119 -15.44 5.74 46.75
N GLY D 120 -16.32 5.06 46.00
CA GLY D 120 -17.23 5.71 45.08
C GLY D 120 -16.58 6.10 43.76
N THR D 121 -15.53 5.39 43.34
CA THR D 121 -14.87 5.74 42.09
C THR D 121 -15.08 4.69 41.01
N LEU D 122 -15.36 3.46 41.40
CA LEU D 122 -15.50 2.36 40.45
C LEU D 122 -16.84 1.63 40.57
N TYR D 123 -17.61 1.59 39.47
CA TYR D 123 -18.94 0.99 39.45
C TYR D 123 -19.84 1.51 40.56
N GLN D 124 -19.63 2.76 40.96
CA GLN D 124 -20.37 3.32 42.08
C GLN D 124 -21.82 3.61 41.70
N ASP D 125 -22.06 3.69 40.40
CA ASP D 125 -23.39 3.92 39.88
C ASP D 125 -24.06 2.62 39.51
N ARG D 126 -23.24 1.61 39.18
CA ARG D 126 -23.75 0.35 38.66
C ARG D 126 -24.25 -0.59 39.75
N PHE D 127 -23.55 -0.66 40.88
CA PHE D 127 -23.95 -1.59 41.93
C PHE D 127 -24.12 -0.90 43.28
N ASP D 128 -25.12 -1.34 44.04
CA ASP D 128 -25.33 -0.83 45.38
C ASP D 128 -24.53 -1.60 46.41
N TYR D 129 -24.29 -2.88 46.16
CA TYR D 129 -23.48 -3.68 47.06
C TYR D 129 -22.54 -4.60 46.31
N LEU D 130 -21.34 -4.78 46.86
CA LEU D 130 -20.41 -5.78 46.38
C LEU D 130 -20.14 -6.77 47.48
N PHE D 131 -20.20 -8.05 47.19
CA PHE D 131 -19.92 -9.04 48.22
C PHE D 131 -18.73 -9.89 47.86
N TYR D 132 -17.66 -9.68 48.62
CA TYR D 132 -16.39 -10.34 48.38
C TYR D 132 -16.23 -11.58 49.23
N ILE D 133 -16.19 -12.73 48.58
CA ILE D 133 -16.13 -14.00 49.28
C ILE D 133 -14.86 -14.76 48.95
N HIS D 134 -14.08 -15.13 49.95
CA HIS D 134 -12.88 -15.92 49.70
C HIS D 134 -13.24 -17.37 49.46
N CYS D 135 -12.71 -17.94 48.39
CA CYS D 135 -12.98 -19.34 48.11
C CYS D 135 -12.39 -20.28 49.16
N ARG D 136 -11.27 -19.88 49.75
CA ARG D 136 -10.63 -20.72 50.74
C ARG D 136 -11.39 -20.74 52.06
N GLU D 137 -12.34 -19.83 52.23
CA GLU D 137 -13.07 -19.71 53.47
C GLU D 137 -14.46 -20.32 53.40
N VAL D 138 -14.80 -20.94 52.28
CA VAL D 138 -16.14 -21.50 52.16
C VAL D 138 -16.12 -23.01 52.08
N SER D 139 -16.97 -23.63 52.88
CA SER D 139 -17.12 -25.08 52.90
C SER D 139 -17.78 -25.60 51.64
N LEU D 140 -17.33 -26.74 51.19
CA LEU D 140 -17.94 -27.44 50.07
C LEU D 140 -18.70 -28.66 50.55
N VAL D 141 -18.62 -28.94 51.85
CA VAL D 141 -19.17 -30.17 52.39
C VAL D 141 -20.26 -29.94 53.43
N THR D 142 -20.30 -28.75 54.01
CA THR D 142 -21.34 -28.44 55.00
C THR D 142 -22.50 -27.74 54.31
N GLN D 143 -23.60 -27.56 55.05
CA GLN D 143 -24.80 -26.95 54.49
C GLN D 143 -25.08 -25.59 55.12
N ARG D 144 -25.53 -24.65 54.29
CA ARG D 144 -25.89 -23.33 54.78
C ARG D 144 -26.77 -22.57 53.79
N SER D 145 -27.49 -21.57 54.29
CA SER D 145 -28.24 -20.63 53.47
C SER D 145 -27.28 -19.66 52.85
N LEU D 146 -27.75 -18.78 51.97
CA LEU D 146 -26.82 -17.83 51.38
C LEU D 146 -26.52 -16.73 52.40
N GLY D 147 -25.79 -17.10 53.43
CA GLY D 147 -25.43 -16.21 54.52
C GLY D 147 -24.10 -15.56 54.22
N ASP D 148 -23.53 -15.90 53.08
CA ASP D 148 -22.24 -15.37 52.67
C ASP D 148 -22.33 -13.86 52.57
N LEU D 149 -23.51 -13.39 52.18
CA LEU D 149 -23.79 -11.97 52.05
C LEU D 149 -23.90 -11.32 53.42
N ILE D 150 -24.04 -12.14 54.46
CA ILE D 150 -24.11 -11.65 55.83
C ILE D 150 -22.71 -11.71 56.41
N MET D 151 -22.01 -12.81 56.17
CA MET D 151 -20.69 -12.98 56.75
C MET D 151 -19.75 -11.90 56.23
N SER D 152 -19.95 -11.50 54.98
CA SER D 152 -19.12 -10.49 54.34
C SER D 152 -19.66 -9.07 54.52
N CYS D 153 -20.75 -8.91 55.28
CA CYS D 153 -21.34 -7.60 55.46
C CYS D 153 -20.71 -6.87 56.63
N CYS D 154 -21.16 -5.65 56.89
CA CYS D 154 -20.64 -4.87 58.00
C CYS D 154 -20.95 -5.63 59.28
N PRO D 155 -20.46 -5.20 60.45
CA PRO D 155 -20.59 -5.87 61.73
C PRO D 155 -22.04 -6.17 62.10
N ASP D 156 -22.99 -5.44 61.54
CA ASP D 156 -24.40 -5.65 61.85
C ASP D 156 -24.79 -7.10 61.56
N PRO D 157 -25.13 -7.88 62.59
CA PRO D 157 -25.42 -9.30 62.51
C PRO D 157 -26.75 -9.59 61.83
N ASN D 158 -27.57 -8.55 61.65
CA ASN D 158 -28.89 -8.73 61.05
C ASN D 158 -29.17 -7.71 59.96
N PRO D 159 -28.42 -7.75 58.84
CA PRO D 159 -28.51 -6.84 57.72
C PRO D 159 -29.80 -7.09 56.96
N PRO D 160 -30.27 -6.09 56.20
CA PRO D 160 -31.49 -6.10 55.43
C PRO D 160 -31.37 -6.91 54.15
N ILE D 161 -31.05 -8.19 54.30
CA ILE D 161 -30.82 -9.06 53.17
C ILE D 161 -32.06 -9.18 52.32
N HIS D 162 -33.20 -9.26 53.00
CA HIS D 162 -34.49 -9.47 52.38
C HIS D 162 -35.07 -8.21 51.74
N LYS D 163 -34.37 -7.09 51.86
CA LYS D 163 -34.90 -5.84 51.32
C LYS D 163 -34.22 -5.50 50.00
N ILE D 164 -33.59 -4.33 49.93
CA ILE D 164 -32.92 -3.94 48.69
C ILE D 164 -31.75 -4.86 48.36
N VAL D 165 -31.11 -5.40 49.39
CA VAL D 165 -29.98 -6.29 49.21
C VAL D 165 -30.39 -7.55 48.46
N ARG D 166 -31.69 -7.86 48.49
CA ARG D 166 -32.23 -9.02 47.83
C ARG D 166 -32.40 -8.81 46.34
N LYS D 167 -32.50 -7.56 45.90
CA LYS D 167 -32.85 -7.23 44.53
C LYS D 167 -31.71 -7.56 43.55
N PRO D 168 -31.90 -8.53 42.64
CA PRO D 168 -30.93 -8.97 41.67
C PRO D 168 -30.57 -7.83 40.75
N SER D 169 -29.34 -7.86 40.23
CA SER D 169 -28.80 -6.88 39.29
C SER D 169 -28.28 -5.63 40.01
N ARG D 170 -28.65 -5.45 41.27
CA ARG D 170 -28.18 -4.29 42.01
C ARG D 170 -26.92 -4.62 42.78
N ILE D 171 -26.49 -5.87 42.69
CA ILE D 171 -25.31 -6.31 43.39
C ILE D 171 -24.37 -7.10 42.50
N LEU D 172 -23.11 -7.15 42.92
CA LEU D 172 -22.08 -7.95 42.27
C LEU D 172 -21.32 -8.78 43.28
N PHE D 173 -21.21 -10.06 43.00
CA PHE D 173 -20.48 -10.95 43.88
C PHE D 173 -19.08 -11.15 43.34
N LEU D 174 -18.10 -11.20 44.24
CA LEU D 174 -16.73 -11.41 43.84
C LEU D 174 -16.22 -12.70 44.46
N MET D 175 -15.91 -13.66 43.60
CA MET D 175 -15.47 -14.96 44.04
C MET D 175 -14.06 -15.25 43.56
N ASP D 176 -13.07 -14.96 44.39
CA ASP D 176 -11.70 -15.16 43.97
C ASP D 176 -11.11 -16.46 44.48
N GLY D 177 -10.31 -17.08 43.63
CA GLY D 177 -9.63 -18.32 43.99
C GLY D 177 -10.52 -19.53 43.76
N PHE D 178 -11.21 -19.57 42.64
CA PHE D 178 -12.06 -20.72 42.34
C PHE D 178 -11.26 -22.02 42.52
N ASP D 179 -10.02 -22.00 42.06
CA ASP D 179 -9.16 -23.17 42.15
C ASP D 179 -8.74 -23.48 43.58
N GLU D 180 -8.94 -22.53 44.48
CA GLU D 180 -8.56 -22.68 45.88
C GLU D 180 -9.69 -23.31 46.70
N LEU D 181 -10.83 -23.58 46.06
CA LEU D 181 -11.93 -24.18 46.78
C LEU D 181 -11.46 -25.52 47.32
N GLN D 182 -11.67 -25.75 48.61
CA GLN D 182 -11.21 -26.97 49.22
C GLN D 182 -12.29 -28.03 49.29
N GLY D 183 -11.96 -29.22 48.79
CA GLY D 183 -12.88 -30.34 48.80
C GLY D 183 -13.33 -30.67 47.39
N ALA D 184 -13.92 -31.86 47.22
CA ALA D 184 -14.38 -32.27 45.91
C ALA D 184 -15.50 -31.36 45.44
N PHE D 185 -15.53 -31.10 44.15
CA PHE D 185 -16.54 -30.25 43.54
C PHE D 185 -17.00 -30.86 42.23
N ASP D 186 -18.31 -30.88 42.01
CA ASP D 186 -18.87 -31.43 40.79
C ASP D 186 -19.64 -30.37 40.02
N GLU D 187 -19.80 -30.57 38.73
CA GLU D 187 -20.56 -29.67 37.88
C GLU D 187 -21.92 -30.26 37.57
N HIS D 188 -22.01 -31.59 37.58
CA HIS D 188 -23.22 -32.28 37.19
C HIS D 188 -24.17 -32.41 38.37
N ILE D 189 -24.72 -31.28 38.79
CA ILE D 189 -25.60 -31.23 39.94
C ILE D 189 -27.05 -31.06 39.54
N GLY D 190 -27.86 -32.07 39.83
CA GLY D 190 -29.29 -32.03 39.54
C GLY D 190 -30.01 -31.00 40.41
N PRO D 191 -29.94 -31.15 41.74
CA PRO D 191 -30.54 -30.28 42.73
C PRO D 191 -29.77 -28.97 42.83
N LEU D 192 -29.89 -28.15 41.80
CA LEU D 192 -29.14 -26.90 41.74
C LEU D 192 -29.53 -25.95 42.88
N CYS D 193 -30.80 -25.97 43.27
CA CYS D 193 -31.29 -25.19 44.41
C CYS D 193 -31.22 -23.68 44.25
N THR D 194 -32.39 -23.09 44.03
CA THR D 194 -32.55 -21.64 44.03
C THR D 194 -33.15 -21.23 45.36
N ASP D 195 -33.41 -19.93 45.53
CA ASP D 195 -34.00 -19.40 46.76
C ASP D 195 -32.97 -19.28 47.87
N TRP D 196 -32.41 -18.08 48.02
CA TRP D 196 -31.33 -17.81 48.97
C TRP D 196 -31.68 -18.15 50.41
N GLN D 197 -32.96 -18.22 50.70
CA GLN D 197 -33.43 -18.52 52.05
C GLN D 197 -33.21 -19.98 52.45
N LYS D 198 -33.04 -20.85 51.45
CA LYS D 198 -32.89 -22.27 51.71
C LYS D 198 -31.44 -22.66 51.93
N ALA D 199 -31.20 -23.43 52.99
CA ALA D 199 -29.86 -23.92 53.27
C ALA D 199 -29.58 -25.18 52.48
N GLU D 200 -28.38 -25.26 51.91
CA GLU D 200 -28.00 -26.44 51.15
C GLU D 200 -26.49 -26.63 51.20
N ARG D 201 -26.00 -27.73 50.63
CA ARG D 201 -24.57 -28.00 50.63
C ARG D 201 -23.81 -26.91 49.86
N GLY D 202 -22.62 -26.60 50.35
CA GLY D 202 -21.79 -25.54 49.79
C GLY D 202 -21.48 -25.70 48.29
N ASP D 203 -21.31 -26.93 47.82
CA ASP D 203 -20.94 -27.11 46.42
C ASP D 203 -22.12 -26.76 45.53
N ILE D 204 -23.29 -27.18 45.97
CA ILE D 204 -24.52 -26.88 45.27
C ILE D 204 -24.74 -25.38 45.27
N LEU D 205 -24.52 -24.77 46.42
CA LEU D 205 -24.72 -23.34 46.55
C LEU D 205 -23.82 -22.57 45.60
N LEU D 206 -22.55 -22.95 45.55
CA LEU D 206 -21.61 -22.26 44.66
C LEU D 206 -22.00 -22.48 43.21
N SER D 207 -22.42 -23.69 42.87
CA SER D 207 -22.82 -23.97 41.50
C SER D 207 -24.03 -23.14 41.12
N SER D 208 -24.99 -23.05 42.03
CA SER D 208 -26.22 -22.31 41.77
C SER D 208 -25.89 -20.84 41.53
N LEU D 209 -24.96 -20.30 42.32
CA LEU D 209 -24.55 -18.92 42.11
C LEU D 209 -23.82 -18.75 40.79
N ILE D 210 -22.92 -19.67 40.47
CA ILE D 210 -22.12 -19.58 39.26
C ILE D 210 -22.97 -19.69 38.00
N ARG D 211 -23.95 -20.59 38.02
CA ARG D 211 -24.83 -20.80 36.89
C ARG D 211 -25.91 -19.73 36.80
N LYS D 212 -25.89 -18.78 37.73
CA LYS D 212 -26.88 -17.71 37.78
C LYS D 212 -28.29 -18.25 37.96
N LYS D 213 -28.44 -19.29 38.79
CA LYS D 213 -29.76 -19.83 39.08
C LYS D 213 -30.27 -19.23 40.36
N LEU D 214 -29.34 -18.94 41.26
CA LEU D 214 -29.66 -18.30 42.51
C LEU D 214 -29.44 -16.81 42.38
N LEU D 215 -30.48 -16.04 42.64
CA LEU D 215 -30.43 -14.60 42.45
C LEU D 215 -29.97 -14.25 41.04
N PRO D 216 -30.71 -14.73 40.02
CA PRO D 216 -30.41 -14.57 38.62
C PRO D 216 -30.44 -13.10 38.28
N GLU D 217 -29.68 -12.73 37.27
CA GLU D 217 -29.54 -11.34 36.82
C GLU D 217 -28.60 -10.54 37.73
N ALA D 218 -28.13 -11.16 38.81
CA ALA D 218 -27.07 -10.55 39.61
C ALA D 218 -25.76 -10.73 38.88
N SER D 219 -24.80 -9.86 39.14
CA SER D 219 -23.52 -9.97 38.46
C SER D 219 -22.53 -10.79 39.28
N LEU D 220 -21.61 -11.45 38.60
CA LEU D 220 -20.59 -12.27 39.27
C LEU D 220 -19.22 -12.17 38.63
N LEU D 221 -18.22 -11.88 39.45
CA LEU D 221 -16.85 -11.82 39.00
C LEU D 221 -16.05 -12.95 39.63
N ILE D 222 -15.38 -13.74 38.80
CA ILE D 222 -14.61 -14.89 39.27
C ILE D 222 -13.15 -14.76 38.89
N THR D 223 -12.25 -15.09 39.80
CA THR D 223 -10.84 -15.12 39.44
C THR D 223 -10.29 -16.52 39.68
N THR D 224 -9.60 -17.08 38.69
CA THR D 224 -9.11 -18.45 38.82
C THR D 224 -7.83 -18.74 38.04
N ARG D 225 -7.07 -19.74 38.49
CA ARG D 225 -5.98 -20.24 37.68
C ARG D 225 -6.56 -20.99 36.48
N PRO D 226 -5.95 -20.88 35.29
CA PRO D 226 -6.34 -21.54 34.06
C PRO D 226 -6.59 -23.04 34.24
N VAL D 227 -5.86 -23.67 35.16
CA VAL D 227 -6.00 -25.10 35.37
C VAL D 227 -7.41 -25.49 35.82
N ALA D 228 -8.09 -24.60 36.51
CA ALA D 228 -9.40 -24.95 37.04
C ALA D 228 -10.50 -24.63 36.04
N LEU D 229 -10.14 -24.12 34.87
CA LEU D 229 -11.16 -23.80 33.88
C LEU D 229 -11.93 -25.05 33.49
N GLU D 230 -11.23 -26.18 33.48
CA GLU D 230 -11.87 -27.44 33.13
C GLU D 230 -13.15 -27.67 33.92
N LYS D 231 -13.15 -27.27 35.19
CA LYS D 231 -14.30 -27.52 36.05
C LYS D 231 -15.13 -26.28 36.27
N LEU D 232 -14.82 -25.21 35.54
CA LEU D 232 -15.57 -23.97 35.68
C LEU D 232 -16.35 -23.65 34.42
N GLN D 233 -15.74 -23.88 33.26
CA GLN D 233 -16.30 -23.46 31.99
C GLN D 233 -17.69 -24.04 31.75
N HIS D 234 -17.96 -25.18 32.36
CA HIS D 234 -19.23 -25.86 32.18
C HIS D 234 -20.36 -25.13 32.89
N LEU D 235 -19.99 -24.23 33.80
CA LEU D 235 -20.94 -23.55 34.65
C LEU D 235 -21.21 -22.11 34.24
N LEU D 236 -20.56 -21.62 33.19
CA LEU D 236 -20.59 -20.18 32.92
C LEU D 236 -21.66 -19.69 31.95
N ASP D 237 -22.14 -20.56 31.07
CA ASP D 237 -23.15 -20.18 30.07
C ASP D 237 -22.67 -19.14 29.06
N HIS D 238 -22.54 -17.88 29.49
CA HIS D 238 -22.11 -16.82 28.58
C HIS D 238 -21.21 -15.79 29.24
N PRO D 239 -20.01 -16.18 29.66
CA PRO D 239 -19.02 -15.39 30.36
C PRO D 239 -18.25 -14.43 29.47
N ARG D 240 -17.73 -13.38 30.08
CA ARG D 240 -16.73 -12.53 29.46
C ARG D 240 -15.38 -12.88 30.08
N HIS D 241 -14.35 -13.05 29.26
CA HIS D 241 -13.06 -13.46 29.81
C HIS D 241 -11.95 -12.42 29.65
N VAL D 242 -11.20 -12.22 30.73
CA VAL D 242 -10.04 -11.34 30.74
C VAL D 242 -8.84 -12.03 31.35
N GLU D 243 -7.69 -11.95 30.68
CA GLU D 243 -6.48 -12.54 31.22
C GLU D 243 -5.69 -11.50 32.00
N ILE D 244 -5.19 -11.89 33.16
CA ILE D 244 -4.39 -10.98 33.96
C ILE D 244 -2.92 -11.30 33.75
N LEU D 245 -2.18 -10.32 33.30
CA LEU D 245 -0.77 -10.50 33.02
C LEU D 245 0.06 -9.90 34.13
N GLY D 246 1.34 -10.22 34.15
CA GLY D 246 2.23 -9.72 35.18
C GLY D 246 2.77 -8.34 34.84
N PHE D 247 3.83 -7.96 35.53
CA PHE D 247 4.41 -6.64 35.41
C PHE D 247 5.27 -6.50 34.16
N SER D 248 5.27 -5.31 33.58
CA SER D 248 6.18 -4.96 32.50
C SER D 248 7.51 -4.56 33.10
N GLU D 249 8.53 -4.36 32.28
CA GLU D 249 9.83 -3.98 32.79
C GLU D 249 9.72 -2.72 33.62
N ALA D 250 8.96 -1.77 33.11
CA ALA D 250 8.78 -0.49 33.78
C ALA D 250 8.09 -0.68 35.12
N LYS D 251 7.09 -1.56 35.15
CA LYS D 251 6.35 -1.77 36.38
C LYS D 251 7.18 -2.53 37.39
N ARG D 252 8.05 -3.42 36.90
CA ARG D 252 8.92 -4.13 37.83
C ARG D 252 9.83 -3.15 38.53
N LYS D 253 10.34 -2.16 37.79
CA LYS D 253 11.18 -1.14 38.40
C LYS D 253 10.38 -0.34 39.41
N GLU D 254 9.14 0.01 39.07
CA GLU D 254 8.33 0.79 39.99
C GLU D 254 8.11 0.03 41.28
N TYR D 255 7.88 -1.27 41.17
CA TYR D 255 7.66 -2.06 42.36
C TYR D 255 8.84 -1.94 43.31
N PHE D 256 10.05 -2.10 42.79
CA PHE D 256 11.24 -2.03 43.64
C PHE D 256 11.37 -0.68 44.32
N PHE D 257 11.13 0.38 43.58
CA PHE D 257 11.26 1.73 44.10
C PHE D 257 10.10 2.14 44.98
N LYS D 258 8.96 1.49 44.82
CA LYS D 258 7.84 1.77 45.71
C LYS D 258 7.95 0.91 46.96
N TYR D 259 8.53 -0.28 46.81
CA TYR D 259 8.72 -1.19 47.93
C TYR D 259 9.76 -0.65 48.90
N PHE D 260 10.90 -0.22 48.37
CA PHE D 260 11.97 0.31 49.20
C PHE D 260 11.88 1.83 49.29
N SER D 261 11.43 2.32 50.44
CA SER D 261 11.20 3.75 50.63
C SER D 261 12.50 4.54 50.57
N ASP D 262 13.60 3.89 50.88
CA ASP D 262 14.90 4.52 50.78
C ASP D 262 15.46 4.29 49.40
N GLU D 263 15.49 5.32 48.58
CA GLU D 263 15.90 5.20 47.19
C GLU D 263 17.25 4.52 47.09
N ALA D 264 18.14 4.76 48.05
CA ALA D 264 19.47 4.15 47.98
C ALA D 264 19.35 2.64 47.99
N GLN D 265 18.39 2.13 48.75
CA GLN D 265 18.15 0.71 48.85
C GLN D 265 17.45 0.22 47.59
N ALA D 266 16.54 1.04 47.10
CA ALA D 266 15.80 0.68 45.89
C ALA D 266 16.77 0.55 44.72
N ARG D 267 17.76 1.44 44.67
CA ARG D 267 18.73 1.39 43.61
C ARG D 267 19.58 0.14 43.72
N ALA D 268 20.02 -0.19 44.93
CA ALA D 268 20.82 -1.39 45.11
C ALA D 268 20.01 -2.61 44.71
N ALA D 269 18.77 -2.67 45.15
CA ALA D 269 17.91 -3.81 44.85
C ALA D 269 17.66 -3.92 43.37
N PHE D 270 17.45 -2.79 42.72
CA PHE D 270 17.17 -2.81 41.30
C PHE D 270 18.41 -3.20 40.51
N SER D 271 19.57 -2.69 40.91
CA SER D 271 20.78 -3.08 40.22
C SER D 271 20.99 -4.58 40.32
N LEU D 272 20.73 -5.14 41.50
CA LEU D 272 20.93 -6.57 41.72
C LEU D 272 20.00 -7.41 40.85
N ILE D 273 18.74 -6.99 40.73
CA ILE D 273 17.83 -7.77 39.90
C ILE D 273 18.21 -7.65 38.43
N GLN D 274 18.71 -6.49 38.02
CA GLN D 274 19.11 -6.32 36.63
C GLN D 274 20.29 -7.21 36.29
N GLU D 275 21.20 -7.40 37.23
CA GLU D 275 22.33 -8.29 37.01
C GLU D 275 21.84 -9.73 36.86
N ASN D 276 20.89 -10.12 37.71
CA ASN D 276 20.32 -11.46 37.63
C ASN D 276 19.14 -11.46 36.67
N GLU D 277 19.46 -11.47 35.38
CA GLU D 277 18.46 -11.38 34.33
C GLU D 277 17.40 -12.48 34.42
N VAL D 278 17.82 -13.68 34.80
CA VAL D 278 16.89 -14.80 34.88
C VAL D 278 15.83 -14.56 35.94
N LEU D 279 16.26 -14.08 37.09
CA LEU D 279 15.34 -13.77 38.16
C LEU D 279 14.48 -12.58 37.77
N PHE D 280 15.06 -11.62 37.07
CA PHE D 280 14.30 -10.47 36.61
C PHE D 280 13.13 -10.94 35.78
N THR D 281 13.39 -11.86 34.86
CA THR D 281 12.32 -12.41 34.04
C THR D 281 11.24 -13.02 34.91
N MET D 282 11.62 -13.83 35.90
CA MET D 282 10.64 -14.46 36.78
C MET D 282 9.85 -13.43 37.58
N CYS D 283 10.46 -12.29 37.85
CA CYS D 283 9.81 -11.24 38.64
C CYS D 283 8.64 -10.60 37.93
N PHE D 284 8.32 -11.04 36.72
CA PHE D 284 7.12 -10.55 36.06
C PHE D 284 5.91 -10.89 36.91
N ILE D 285 6.06 -11.92 37.73
CA ILE D 285 5.03 -12.32 38.67
C ILE D 285 5.24 -11.57 39.98
N PRO D 286 4.32 -10.69 40.38
CA PRO D 286 4.35 -9.87 41.56
C PRO D 286 4.77 -10.63 42.82
N LEU D 287 4.28 -11.85 42.95
CA LEU D 287 4.69 -12.63 44.12
C LEU D 287 6.19 -12.84 44.12
N VAL D 288 6.76 -13.07 42.94
CA VAL D 288 8.18 -13.34 42.86
C VAL D 288 8.97 -12.12 43.24
N CYS D 289 8.58 -10.96 42.71
CA CYS D 289 9.34 -9.77 43.03
C CYS D 289 9.16 -9.41 44.50
N TRP D 290 8.00 -9.74 45.07
CA TRP D 290 7.77 -9.53 46.48
C TRP D 290 8.71 -10.38 47.31
N ILE D 291 8.83 -11.65 46.95
CA ILE D 291 9.71 -12.55 47.69
C ILE D 291 11.14 -12.03 47.63
N VAL D 292 11.56 -11.62 46.45
CA VAL D 292 12.92 -11.11 46.29
C VAL D 292 13.12 -9.84 47.09
N CYS D 293 12.18 -8.92 47.01
CA CYS D 293 12.30 -7.67 47.73
C CYS D 293 12.32 -7.91 49.23
N THR D 294 11.49 -8.82 49.69
CA THR D 294 11.42 -9.15 51.10
C THR D 294 12.74 -9.72 51.58
N GLY D 295 13.29 -10.63 50.79
CA GLY D 295 14.58 -11.24 51.11
C GLY D 295 15.66 -10.18 51.20
N LEU D 296 15.71 -9.31 50.19
CA LEU D 296 16.70 -8.24 50.16
C LEU D 296 16.54 -7.31 51.34
N LYS D 297 15.29 -6.96 51.67
CA LYS D 297 15.06 -6.09 52.80
C LYS D 297 15.68 -6.68 54.04
N GLN D 298 15.48 -7.98 54.25
CA GLN D 298 16.09 -8.61 55.40
C GLN D 298 17.61 -8.54 55.34
N GLN D 299 18.16 -8.79 54.15
CA GLN D 299 19.60 -8.75 53.98
C GLN D 299 20.15 -7.36 54.27
N MET D 300 19.39 -6.34 53.88
CA MET D 300 19.78 -4.96 54.17
C MET D 300 19.79 -4.69 55.66
N GLU D 301 18.73 -5.12 56.33
CA GLU D 301 18.58 -4.91 57.77
C GLU D 301 19.68 -5.61 58.55
N SER D 302 20.09 -6.78 58.08
CA SER D 302 21.09 -7.58 58.74
C SER D 302 22.52 -7.18 58.39
N GLY D 303 22.68 -6.20 57.51
CA GLY D 303 24.00 -5.74 57.11
C GLY D 303 24.73 -6.71 56.18
N LYS D 304 23.98 -7.39 55.32
CA LYS D 304 24.56 -8.36 54.41
C LYS D 304 24.89 -7.73 53.07
N SER D 305 25.64 -8.48 52.25
CA SER D 305 26.08 -8.02 50.92
C SER D 305 24.96 -7.99 49.88
N LEU D 306 23.81 -8.55 50.25
CA LEU D 306 22.63 -8.59 49.39
C LEU D 306 22.80 -9.51 48.18
N ALA D 307 23.60 -10.55 48.31
CA ALA D 307 23.78 -11.46 47.19
C ALA D 307 22.47 -12.17 46.85
N GLN D 308 22.20 -12.29 45.55
CA GLN D 308 21.03 -12.98 45.04
C GLN D 308 21.37 -13.76 43.79
N THR D 309 21.54 -15.07 43.95
CA THR D 309 22.02 -15.93 42.87
C THR D 309 20.98 -16.94 42.40
N SER D 310 19.72 -16.72 42.75
CA SER D 310 18.66 -17.65 42.35
C SER D 310 18.51 -17.70 40.83
N LYS D 311 18.27 -18.90 40.30
CA LYS D 311 18.08 -19.09 38.86
C LYS D 311 16.70 -19.64 38.53
N THR D 312 16.12 -20.38 39.47
CA THR D 312 14.87 -21.08 39.25
C THR D 312 13.85 -20.67 40.31
N THR D 313 12.60 -21.08 40.12
CA THR D 313 11.55 -20.77 41.07
C THR D 313 11.87 -21.42 42.41
N THR D 314 12.36 -22.66 42.34
CA THR D 314 12.72 -23.36 43.55
C THR D 314 13.83 -22.63 44.27
N ALA D 315 14.83 -22.19 43.51
CA ALA D 315 15.95 -21.49 44.11
C ALA D 315 15.46 -20.29 44.89
N VAL D 316 14.46 -19.61 44.36
CA VAL D 316 13.91 -18.43 45.02
C VAL D 316 13.25 -18.80 46.34
N TYR D 317 12.45 -19.86 46.33
CA TYR D 317 11.77 -20.30 47.54
C TYR D 317 12.74 -20.84 48.57
N VAL D 318 13.78 -21.53 48.11
CA VAL D 318 14.79 -22.04 49.02
C VAL D 318 15.55 -20.89 49.62
N PHE D 319 15.93 -19.93 48.78
CA PHE D 319 16.64 -18.75 49.22
C PHE D 319 15.85 -18.04 50.29
N PHE D 320 14.58 -17.80 50.03
CA PHE D 320 13.73 -17.10 50.98
C PHE D 320 13.66 -17.84 52.29
N LEU D 321 13.32 -19.12 52.25
CA LEU D 321 13.18 -19.87 53.48
C LEU D 321 14.50 -19.92 54.23
N SER D 322 15.59 -20.11 53.51
CA SER D 322 16.89 -20.15 54.12
C SER D 322 17.20 -18.86 54.84
N SER D 323 17.00 -17.74 54.15
CA SER D 323 17.29 -16.45 54.75
C SER D 323 16.44 -16.19 55.98
N LEU D 324 15.16 -16.56 55.92
CA LEU D 324 14.26 -16.30 57.03
C LEU D 324 14.47 -17.24 58.21
N LEU D 325 14.66 -18.53 57.95
CA LEU D 325 14.70 -19.52 59.02
C LEU D 325 16.10 -19.91 59.48
N GLN D 326 17.08 -19.91 58.60
CA GLN D 326 18.40 -20.38 58.99
C GLN D 326 19.03 -19.62 60.17
N PRO D 327 18.87 -18.29 60.29
CA PRO D 327 19.39 -17.50 61.38
C PRO D 327 18.91 -18.03 62.73
N LEU D 336 15.90 -25.48 64.52
CA LEU D 336 15.25 -24.88 63.35
C LEU D 336 14.59 -25.96 62.52
N CYS D 337 15.38 -27.00 62.21
CA CYS D 337 14.89 -28.13 61.44
C CYS D 337 13.86 -28.90 62.25
N ALA D 338 13.90 -28.71 63.56
CA ALA D 338 12.97 -29.33 64.49
C ALA D 338 11.56 -28.90 64.18
N HIS D 339 11.41 -27.67 63.68
CA HIS D 339 10.10 -27.14 63.40
C HIS D 339 9.82 -27.22 61.91
N LEU D 340 10.88 -27.20 61.11
CA LEU D 340 10.74 -27.29 59.67
C LEU D 340 10.13 -28.61 59.27
N TRP D 341 10.56 -29.67 59.92
CA TRP D 341 10.01 -30.98 59.64
C TRP D 341 8.52 -30.99 59.93
N GLY D 342 8.14 -30.42 61.08
CA GLY D 342 6.74 -30.35 61.46
C GLY D 342 5.93 -29.52 60.47
N LEU D 343 6.52 -28.42 59.99
CA LEU D 343 5.82 -27.56 59.03
C LEU D 343 5.59 -28.31 57.74
N CYS D 344 6.58 -29.05 57.30
CA CYS D 344 6.47 -29.79 56.06
C CYS D 344 5.39 -30.84 56.18
N SER D 345 5.32 -31.48 57.35
CA SER D 345 4.29 -32.47 57.61
C SER D 345 2.92 -31.82 57.55
N LEU D 346 2.79 -30.66 58.18
CA LEU D 346 1.54 -29.92 58.17
C LEU D 346 1.13 -29.57 56.76
N ALA D 347 2.06 -29.04 56.00
CA ALA D 347 1.74 -28.63 54.64
C ALA D 347 1.27 -29.81 53.82
N ALA D 348 1.98 -30.93 53.94
CA ALA D 348 1.64 -32.11 53.17
C ALA D 348 0.26 -32.63 53.56
N ASP D 349 -0.03 -32.60 54.86
CA ASP D 349 -1.32 -33.07 55.33
C ASP D 349 -2.42 -32.19 54.77
N GLY D 350 -2.22 -30.89 54.84
CA GLY D 350 -3.23 -29.94 54.38
C GLY D 350 -3.53 -30.13 52.90
N ILE D 351 -2.54 -30.47 52.12
CA ILE D 351 -2.80 -30.67 50.70
C ILE D 351 -3.64 -31.92 50.49
N TRP D 352 -3.25 -33.02 51.12
CA TRP D 352 -3.96 -34.27 50.92
C TRP D 352 -5.34 -34.27 51.55
N ASN D 353 -5.50 -33.51 52.63
CA ASN D 353 -6.78 -33.44 53.32
C ASN D 353 -7.55 -32.17 52.98
N GLN D 354 -7.11 -31.44 51.97
CA GLN D 354 -7.80 -30.24 51.53
C GLN D 354 -8.08 -29.24 52.66
N LYS D 355 -7.02 -28.80 53.33
CA LYS D 355 -7.13 -27.82 54.39
C LYS D 355 -6.17 -26.65 54.17
N ILE D 356 -6.70 -25.45 54.19
CA ILE D 356 -5.89 -24.24 54.09
C ILE D 356 -5.82 -23.54 55.43
N LEU D 357 -6.94 -23.50 56.14
CA LEU D 357 -7.03 -22.83 57.42
C LEU D 357 -6.89 -23.81 58.57
N PHE D 358 -5.83 -23.65 59.36
CA PHE D 358 -5.50 -24.59 60.43
C PHE D 358 -5.79 -23.99 61.80
N GLU D 359 -6.19 -24.83 62.75
CA GLU D 359 -6.41 -24.35 64.12
C GLU D 359 -5.24 -24.71 65.01
N GLU D 360 -5.31 -24.28 66.26
CA GLU D 360 -4.25 -24.55 67.21
C GLU D 360 -4.11 -26.05 67.41
N SER D 361 -5.22 -26.79 67.31
CA SER D 361 -5.19 -28.23 67.45
C SER D 361 -4.45 -28.90 66.30
N ASP D 362 -4.44 -28.27 65.12
CA ASP D 362 -3.75 -28.87 63.98
C ASP D 362 -2.28 -28.61 64.14
N LEU D 363 -1.95 -27.44 64.64
CA LEU D 363 -0.56 -27.09 64.84
C LEU D 363 0.04 -28.04 65.87
N ARG D 364 -0.69 -28.29 66.94
CA ARG D 364 -0.21 -29.20 67.97
C ARG D 364 -0.04 -30.61 67.42
N ASN D 365 -0.97 -31.02 66.55
CA ASN D 365 -0.89 -32.35 65.98
C ASN D 365 0.41 -32.56 65.22
N HIS D 366 0.96 -31.50 64.65
CA HIS D 366 2.21 -31.59 63.92
C HIS D 366 3.40 -31.21 64.77
N GLY D 367 3.17 -31.04 66.08
CA GLY D 367 4.23 -30.71 67.03
C GLY D 367 4.61 -29.25 66.98
N LEU D 368 3.72 -28.42 66.46
CA LEU D 368 3.96 -27.00 66.31
C LEU D 368 3.12 -26.21 67.31
N GLN D 369 3.78 -25.50 68.23
CA GLN D 369 3.04 -24.76 69.23
C GLN D 369 3.83 -23.61 69.86
N LYS D 370 3.12 -22.53 70.13
CA LYS D 370 3.65 -21.40 70.88
C LYS D 370 4.88 -20.73 70.27
N ALA D 371 6.06 -21.20 70.65
CA ALA D 371 7.31 -20.51 70.32
C ALA D 371 7.58 -20.46 68.82
N ASP D 372 7.36 -21.57 68.13
CA ASP D 372 7.64 -21.60 66.72
C ASP D 372 6.52 -20.94 65.96
N VAL D 373 5.31 -21.21 66.37
CA VAL D 373 4.17 -20.61 65.72
C VAL D 373 4.34 -19.09 65.74
N SER D 374 4.72 -18.56 66.90
CA SER D 374 5.00 -17.13 67.02
C SER D 374 6.17 -16.75 66.11
N ALA D 375 7.22 -17.56 66.12
CA ALA D 375 8.38 -17.27 65.30
C ALA D 375 8.00 -17.11 63.84
N PHE D 376 6.99 -17.86 63.38
CA PHE D 376 6.59 -17.80 61.99
C PHE D 376 5.52 -16.76 61.71
N LEU D 377 5.18 -15.99 62.74
CA LEU D 377 4.33 -14.82 62.57
C LEU D 377 5.23 -13.60 62.55
N ARG D 378 6.28 -13.66 63.36
CA ARG D 378 7.30 -12.60 63.35
C ARG D 378 8.04 -12.67 62.03
N MET D 379 8.35 -13.90 61.62
CA MET D 379 8.86 -14.14 60.28
C MET D 379 7.64 -14.24 59.40
N ASN D 380 7.65 -13.61 58.25
CA ASN D 380 6.45 -13.63 57.44
C ASN D 380 6.31 -14.92 56.65
N LEU D 381 6.02 -16.01 57.34
CA LEU D 381 5.81 -17.30 56.70
C LEU D 381 4.36 -17.71 56.80
N PHE D 382 3.76 -17.41 57.94
CA PHE D 382 2.36 -17.73 58.21
C PHE D 382 1.54 -16.51 58.60
N GLN D 383 0.24 -16.61 58.36
CA GLN D 383 -0.70 -15.57 58.74
C GLN D 383 -1.68 -16.13 59.77
N LYS D 384 -2.30 -15.24 60.54
CA LYS D 384 -3.23 -15.65 61.58
C LYS D 384 -4.69 -15.38 61.18
N GLU D 385 -4.91 -15.13 59.89
CA GLU D 385 -6.25 -14.89 59.38
C GLU D 385 -7.04 -14.00 60.33
N VAL D 386 -6.51 -12.84 60.64
CA VAL D 386 -7.09 -12.00 61.68
C VAL D 386 -8.43 -11.39 61.26
N ASP D 387 -8.84 -11.60 60.02
CA ASP D 387 -10.09 -11.04 59.52
C ASP D 387 -11.29 -11.85 60.01
N CYS D 388 -11.60 -11.68 61.29
CA CYS D 388 -12.70 -12.37 61.95
C CYS D 388 -12.53 -13.88 62.02
N GLU D 389 -11.28 -14.34 62.13
CA GLU D 389 -10.99 -15.76 62.19
C GLU D 389 -9.91 -16.07 63.23
N LYS D 390 -9.86 -17.32 63.68
CA LYS D 390 -8.87 -17.78 64.65
C LYS D 390 -7.93 -18.81 64.04
N PHE D 391 -7.86 -18.82 62.72
CA PHE D 391 -7.11 -19.83 61.99
C PHE D 391 -5.76 -19.35 61.50
N TYR D 392 -4.85 -20.28 61.29
CA TYR D 392 -3.55 -19.96 60.74
C TYR D 392 -3.42 -20.54 59.35
N SER D 393 -2.65 -19.85 58.52
CA SER D 393 -2.47 -20.30 57.14
C SER D 393 -1.17 -19.81 56.55
N PHE D 394 -0.84 -20.31 55.39
CA PHE D 394 0.38 -19.90 54.71
C PHE D 394 0.18 -18.55 54.06
N ILE D 395 1.26 -17.78 53.95
CA ILE D 395 1.16 -16.48 53.27
C ILE D 395 0.73 -16.63 51.82
N HIS D 396 0.96 -17.80 51.24
CA HIS D 396 0.52 -18.08 49.88
C HIS D 396 0.43 -19.57 49.63
N MET D 397 -0.52 -19.97 48.79
CA MET D 397 -0.70 -21.38 48.46
C MET D 397 0.54 -22.00 47.83
N THR D 398 1.31 -21.18 47.11
CA THR D 398 2.53 -21.68 46.49
C THR D 398 3.51 -22.11 47.58
N PHE D 399 3.53 -21.36 48.68
CA PHE D 399 4.42 -21.72 49.78
C PHE D 399 3.95 -22.99 50.44
N GLN D 400 2.64 -23.15 50.60
CA GLN D 400 2.15 -24.39 51.18
C GLN D 400 2.59 -25.58 50.35
N GLU D 401 2.48 -25.46 49.03
CA GLU D 401 2.89 -26.57 48.18
C GLU D 401 4.40 -26.77 48.23
N PHE D 402 5.15 -25.69 48.39
CA PHE D 402 6.59 -25.77 48.53
C PHE D 402 6.98 -26.60 49.73
N PHE D 403 6.38 -26.31 50.88
CA PHE D 403 6.68 -27.08 52.08
C PHE D 403 6.24 -28.53 51.91
N ALA D 404 5.09 -28.73 51.27
CA ALA D 404 4.61 -30.09 51.07
C ALA D 404 5.57 -30.85 50.20
N ALA D 405 6.15 -30.23 49.20
CA ALA D 405 7.11 -30.88 48.34
C ALA D 405 8.34 -31.31 49.13
N MET D 406 8.77 -30.40 50.02
CA MET D 406 9.95 -30.67 50.84
C MET D 406 9.75 -31.90 51.68
N TYR D 407 8.54 -32.10 52.16
CA TYR D 407 8.21 -33.24 53.01
C TYR D 407 8.74 -34.56 52.46
N TYR D 408 8.61 -34.75 51.16
CA TYR D 408 8.94 -36.03 50.56
C TYR D 408 10.43 -36.27 50.50
N LEU D 409 11.20 -35.23 50.78
CA LEU D 409 12.64 -35.33 50.73
C LEU D 409 13.29 -35.30 52.11
N LEU D 410 12.49 -35.40 53.16
CA LEU D 410 13.04 -35.32 54.52
C LEU D 410 13.27 -36.68 55.12
N GLU D 411 14.22 -36.75 56.05
CA GLU D 411 14.49 -37.98 56.79
C GLU D 411 14.47 -39.19 55.87
N LEU D 427 1.91 -37.71 58.26
CA LEU D 427 2.31 -38.78 57.36
C LEU D 427 1.14 -39.30 56.52
N PRO D 428 0.61 -38.48 55.61
CA PRO D 428 -0.43 -38.85 54.67
C PRO D 428 0.05 -39.92 53.70
N SER D 429 1.36 -39.98 53.47
CA SER D 429 1.93 -40.97 52.57
C SER D 429 3.45 -41.01 52.59
N ARG D 430 4.05 -39.89 52.19
CA ARG D 430 5.49 -39.74 51.96
C ARG D 430 5.90 -40.50 50.70
N ASP D 431 4.90 -40.91 49.92
CA ASP D 431 5.13 -41.56 48.65
C ASP D 431 5.03 -40.57 47.51
N VAL D 432 5.73 -40.83 46.43
CA VAL D 432 5.67 -39.96 45.28
C VAL D 432 4.87 -40.59 44.15
N THR D 433 4.74 -41.90 44.15
CA THR D 433 3.93 -42.51 43.10
C THR D 433 2.51 -42.00 43.22
N VAL D 434 1.98 -42.04 44.44
CA VAL D 434 0.64 -41.53 44.68
C VAL D 434 0.54 -40.05 44.38
N LEU D 435 1.60 -39.33 44.66
CA LEU D 435 1.63 -37.89 44.45
C LEU D 435 1.44 -37.58 42.99
N LEU D 436 2.19 -38.28 42.15
CA LEU D 436 2.12 -38.07 40.71
C LEU D 436 0.80 -38.56 40.14
N GLU D 437 0.27 -39.65 40.68
CA GLU D 437 -1.00 -40.18 40.21
C GLU D 437 -2.12 -39.16 40.37
N ASN D 438 -2.04 -38.37 41.43
CA ASN D 438 -3.07 -37.39 41.72
C ASN D 438 -2.73 -36.02 41.14
N TYR D 439 -1.71 -35.96 40.29
CA TYR D 439 -1.27 -34.71 39.69
C TYR D 439 -2.39 -34.02 38.95
N GLY D 440 -3.21 -34.79 38.27
CA GLY D 440 -4.26 -34.18 37.47
C GLY D 440 -5.57 -34.00 38.22
N LYS D 441 -5.56 -34.19 39.53
CA LYS D 441 -6.81 -34.15 40.27
C LYS D 441 -7.09 -32.82 40.94
N PHE D 442 -8.23 -32.24 40.60
CA PHE D 442 -8.73 -31.04 41.24
C PHE D 442 -8.85 -31.24 42.73
N GLU D 443 -9.35 -32.40 43.10
CA GLU D 443 -9.64 -32.74 44.47
C GLU D 443 -8.43 -32.62 45.38
N LYS D 444 -7.23 -32.66 44.81
CA LYS D 444 -6.03 -32.54 45.62
C LYS D 444 -5.31 -31.22 45.34
N GLY D 445 -5.99 -30.34 44.59
CA GLY D 445 -5.45 -29.02 44.28
C GLY D 445 -4.49 -29.01 43.09
N TYR D 446 -4.52 -30.08 42.29
CA TYR D 446 -3.66 -30.26 41.12
C TYR D 446 -2.18 -30.47 41.45
N LEU D 447 -1.75 -30.07 42.64
CA LEU D 447 -0.40 -30.39 43.08
C LEU D 447 0.66 -29.87 42.10
N ILE D 448 0.36 -28.77 41.41
CA ILE D 448 1.26 -28.29 40.38
C ILE D 448 2.58 -27.82 40.94
N PHE D 449 2.53 -27.07 42.03
CA PHE D 449 3.77 -26.56 42.59
C PHE D 449 4.44 -27.62 43.41
N VAL D 450 3.66 -28.51 43.98
CA VAL D 450 4.28 -29.55 44.78
C VAL D 450 5.24 -30.32 43.89
N VAL D 451 4.77 -30.69 42.69
CA VAL D 451 5.61 -31.40 41.76
C VAL D 451 6.69 -30.50 41.16
N ARG D 452 6.32 -29.31 40.73
CA ARG D 452 7.32 -28.42 40.14
C ARG D 452 8.47 -28.18 41.10
N PHE D 453 8.16 -27.94 42.37
CA PHE D 453 9.21 -27.75 43.36
C PHE D 453 9.97 -29.02 43.57
N LEU D 454 9.27 -30.14 43.59
CA LEU D 454 9.95 -31.41 43.78
C LEU D 454 11.03 -31.57 42.72
N PHE D 455 10.72 -31.21 41.48
CA PHE D 455 11.72 -31.29 40.42
C PHE D 455 12.94 -30.45 40.74
N GLY D 456 12.73 -29.23 41.16
CA GLY D 456 13.85 -28.35 41.49
C GLY D 456 14.64 -28.83 42.70
N LEU D 457 13.92 -29.32 43.70
CA LEU D 457 14.51 -29.79 44.95
C LEU D 457 15.31 -31.07 44.75
N VAL D 458 14.83 -31.94 43.88
CA VAL D 458 15.53 -33.18 43.60
C VAL D 458 16.67 -32.93 42.65
N ASN D 459 17.82 -32.58 43.20
CA ASN D 459 18.98 -32.24 42.41
C ASN D 459 20.25 -32.74 43.07
N GLN D 460 21.28 -32.94 42.27
CA GLN D 460 22.58 -33.34 42.79
C GLN D 460 23.30 -32.11 43.30
N GLU D 461 22.98 -30.96 42.70
CA GLU D 461 23.59 -29.71 43.09
C GLU D 461 22.86 -29.12 44.29
N ARG D 462 22.96 -29.84 45.40
CA ARG D 462 22.32 -29.44 46.63
C ARG D 462 23.19 -28.42 47.35
N THR D 463 22.55 -27.49 48.03
CA THR D 463 23.27 -26.50 48.83
C THR D 463 23.09 -26.76 50.30
N SER D 464 23.55 -25.84 51.11
CA SER D 464 23.45 -25.95 52.56
C SER D 464 22.32 -25.08 53.06
N TYR D 465 22.34 -24.78 54.34
CA TYR D 465 21.35 -23.92 54.97
C TYR D 465 19.99 -24.62 55.00
N LEU D 466 19.80 -25.48 56.01
CA LEU D 466 18.57 -26.28 56.14
C LEU D 466 18.51 -27.41 55.11
N GLU D 467 18.98 -27.15 53.90
CA GLU D 467 18.91 -28.09 52.79
C GLU D 467 19.69 -29.36 53.09
N LYS D 468 20.64 -29.27 54.02
CA LYS D 468 21.43 -30.42 54.41
C LYS D 468 20.57 -31.49 55.09
N LYS D 469 19.37 -31.10 55.50
CA LYS D 469 18.43 -31.99 56.16
C LYS D 469 17.77 -32.96 55.17
N LEU D 470 17.89 -32.65 53.89
CA LEU D 470 17.27 -33.45 52.84
C LEU D 470 17.98 -34.79 52.70
N SER D 471 17.22 -35.85 52.45
CA SER D 471 17.78 -37.19 52.31
C SER D 471 18.11 -37.54 50.86
N CYS D 472 19.39 -37.78 50.60
CA CYS D 472 19.86 -38.09 49.25
C CYS D 472 19.28 -39.38 48.71
N LYS D 473 19.12 -40.37 49.57
CA LYS D 473 18.64 -41.67 49.14
C LYS D 473 17.27 -41.58 48.48
N ILE D 474 16.35 -40.90 49.14
CA ILE D 474 15.01 -40.78 48.62
C ILE D 474 14.99 -39.88 47.40
N SER D 475 15.85 -38.87 47.41
CA SER D 475 15.92 -37.95 46.29
C SER D 475 16.29 -38.71 45.02
N GLN D 476 17.24 -39.63 45.14
CA GLN D 476 17.65 -40.42 43.99
C GLN D 476 16.52 -41.32 43.51
N GLN D 477 15.76 -41.90 44.44
CA GLN D 477 14.66 -42.76 44.05
C GLN D 477 13.59 -41.96 43.33
N ILE D 478 13.33 -40.77 43.82
CA ILE D 478 12.35 -39.89 43.21
C ILE D 478 12.80 -39.44 41.84
N ARG D 479 14.07 -39.07 41.72
CA ARG D 479 14.58 -38.59 40.46
C ARG D 479 14.26 -39.60 39.36
N LEU D 480 14.49 -40.88 39.65
CA LEU D 480 14.19 -41.92 38.68
C LEU D 480 12.71 -42.02 38.37
N GLU D 481 11.87 -41.93 39.40
CA GLU D 481 10.44 -42.03 39.19
C GLU D 481 9.92 -40.90 38.33
N LEU D 482 10.51 -39.71 38.48
CA LEU D 482 10.09 -38.58 37.70
C LEU D 482 10.36 -38.79 36.22
N LEU D 483 11.47 -39.45 35.89
CA LEU D 483 11.78 -39.69 34.49
C LEU D 483 10.75 -40.60 33.84
N LYS D 484 10.37 -41.64 34.55
CA LYS D 484 9.37 -42.57 34.03
C LYS D 484 8.04 -41.85 33.84
N TRP D 485 7.71 -40.99 34.79
CA TRP D 485 6.49 -40.21 34.72
C TRP D 485 6.48 -39.33 33.49
N ILE D 486 7.59 -38.65 33.23
CA ILE D 486 7.69 -37.79 32.06
C ILE D 486 7.47 -38.57 30.79
N GLU D 487 8.11 -39.71 30.66
CA GLU D 487 7.94 -40.48 29.43
C GLU D 487 6.46 -40.73 29.16
N VAL D 488 5.75 -41.12 30.20
CA VAL D 488 4.34 -41.42 30.07
C VAL D 488 3.51 -40.20 29.71
N LYS D 489 3.77 -39.08 30.38
CA LYS D 489 2.98 -37.88 30.12
C LYS D 489 3.36 -37.22 28.80
N ALA D 490 4.61 -37.35 28.40
CA ALA D 490 5.07 -36.73 27.16
C ALA D 490 4.34 -37.33 25.96
N LYS D 491 4.10 -38.64 25.99
CA LYS D 491 3.47 -39.33 24.86
C LYS D 491 1.95 -39.18 24.87
N ALA D 492 1.47 -37.95 24.96
CA ALA D 492 0.04 -37.65 24.96
C ALA D 492 -0.17 -36.15 25.05
N LYS D 493 -0.55 -35.53 23.94
CA LYS D 493 -0.72 -34.09 23.94
C LYS D 493 -1.93 -33.67 24.77
N LYS D 494 -1.73 -32.65 25.58
CA LYS D 494 -2.79 -32.08 26.40
C LYS D 494 -2.64 -30.56 26.39
N LEU D 495 -3.76 -29.85 26.26
CA LEU D 495 -3.64 -28.38 26.19
C LEU D 495 -4.03 -27.67 27.48
N GLN D 496 -5.13 -28.09 28.08
CA GLN D 496 -5.68 -27.44 29.26
C GLN D 496 -5.86 -28.41 30.39
N ILE D 497 -4.99 -29.41 30.49
CA ILE D 497 -5.13 -30.37 31.56
C ILE D 497 -4.23 -29.99 32.72
N GLN D 498 -3.00 -30.46 32.72
CA GLN D 498 -2.06 -30.17 33.81
C GLN D 498 -0.63 -30.26 33.30
N PRO D 499 -0.20 -31.38 32.70
CA PRO D 499 0.95 -31.46 31.84
C PRO D 499 0.51 -30.81 30.54
N SER D 500 1.46 -30.29 29.77
CA SER D 500 1.10 -29.60 28.52
C SER D 500 2.30 -29.30 27.65
N GLN D 501 3.28 -30.20 27.63
CA GLN D 501 4.54 -29.97 26.92
C GLN D 501 5.31 -28.83 27.56
N LEU D 502 4.81 -27.61 27.43
CA LEU D 502 5.45 -26.46 28.03
C LEU D 502 5.57 -26.65 29.52
N GLU D 503 4.52 -27.15 30.15
CA GLU D 503 4.57 -27.37 31.59
C GLU D 503 5.63 -28.40 31.96
N LEU D 504 5.82 -29.40 31.11
CA LEU D 504 6.83 -30.41 31.39
C LEU D 504 8.19 -29.75 31.28
N PHE D 505 8.31 -28.82 30.34
CA PHE D 505 9.55 -28.10 30.15
C PHE D 505 9.84 -27.23 31.36
N TYR D 506 8.80 -26.64 31.93
CA TYR D 506 8.99 -25.86 33.15
C TYR D 506 9.57 -26.73 34.25
N CYS D 507 9.07 -27.95 34.37
CA CYS D 507 9.60 -28.87 35.37
C CYS D 507 11.07 -29.21 35.10
N LEU D 508 11.39 -29.46 33.84
CA LEU D 508 12.77 -29.77 33.49
C LEU D 508 13.67 -28.57 33.73
N TYR D 509 13.15 -27.39 33.46
CA TYR D 509 13.90 -26.16 33.68
C TYR D 509 14.27 -26.05 35.15
N GLU D 510 13.32 -26.29 36.03
CA GLU D 510 13.61 -26.18 37.45
C GLU D 510 14.70 -27.14 37.87
N MET D 511 14.66 -28.36 37.35
CA MET D 511 15.71 -29.31 37.66
C MET D 511 16.87 -29.10 36.70
N GLN D 512 17.64 -28.05 36.92
CA GLN D 512 18.70 -27.68 35.98
C GLN D 512 19.90 -28.59 36.05
N GLU D 513 19.71 -29.83 35.62
CA GLU D 513 20.77 -30.82 35.55
C GLU D 513 20.82 -31.38 34.15
N GLU D 514 21.94 -31.21 33.49
CA GLU D 514 22.05 -31.59 32.10
C GLU D 514 21.85 -33.08 31.89
N ASP D 515 22.35 -33.91 32.78
CA ASP D 515 22.22 -35.34 32.59
C ASP D 515 20.76 -35.74 32.59
N PHE D 516 20.04 -35.28 33.59
CA PHE D 516 18.63 -35.60 33.75
C PHE D 516 17.81 -35.07 32.60
N VAL D 517 17.98 -33.79 32.29
CA VAL D 517 17.17 -33.14 31.28
C VAL D 517 17.45 -33.70 29.91
N GLN D 518 18.71 -33.87 29.57
CA GLN D 518 19.05 -34.38 28.26
C GLN D 518 18.45 -35.75 28.06
N ARG D 519 18.41 -36.55 29.13
CA ARG D 519 17.76 -37.84 29.06
C ARG D 519 16.25 -37.70 28.91
N ALA D 520 15.65 -36.81 29.70
CA ALA D 520 14.21 -36.63 29.67
C ALA D 520 13.73 -36.18 28.29
N MET D 521 14.52 -35.33 27.64
CA MET D 521 14.14 -34.77 26.36
C MET D 521 14.11 -35.81 25.24
N ASP D 522 14.61 -37.02 25.51
CA ASP D 522 14.63 -38.07 24.50
C ASP D 522 13.23 -38.61 24.24
N TYR D 523 12.26 -38.19 25.04
CA TYR D 523 10.90 -38.66 24.90
C TYR D 523 10.03 -37.66 24.15
N PHE D 524 10.66 -36.67 23.52
CA PHE D 524 9.92 -35.66 22.79
C PHE D 524 10.35 -35.55 21.33
N PRO D 525 10.04 -36.54 20.48
CA PRO D 525 10.37 -36.59 19.07
C PRO D 525 9.66 -35.48 18.33
N LYS D 526 8.58 -35.01 18.92
CA LYS D 526 7.80 -33.92 18.39
C LYS D 526 7.50 -32.94 19.50
N ILE D 527 7.86 -31.69 19.29
CA ILE D 527 7.64 -30.67 20.30
C ILE D 527 6.70 -29.61 19.80
N GLU D 528 5.62 -29.39 20.52
CA GLU D 528 4.70 -28.33 20.17
C GLU D 528 4.45 -27.42 21.35
N ILE D 529 4.71 -26.14 21.15
CA ILE D 529 4.60 -25.15 22.21
C ILE D 529 3.83 -23.91 21.78
N ASN D 530 3.28 -23.20 22.77
CA ASN D 530 2.56 -21.96 22.54
C ASN D 530 3.08 -20.87 23.47
N LEU D 531 4.13 -20.18 23.04
CA LEU D 531 4.80 -19.22 23.90
C LEU D 531 4.00 -17.95 24.06
N SER D 532 3.97 -17.43 25.28
CA SER D 532 3.27 -16.19 25.58
C SER D 532 4.23 -15.12 26.05
N THR D 533 4.95 -15.42 27.12
CA THR D 533 5.83 -14.44 27.74
C THR D 533 7.31 -14.81 27.67
N ARG D 534 8.14 -13.92 28.20
CA ARG D 534 9.59 -14.10 28.14
C ARG D 534 10.00 -15.35 28.89
N MET D 535 9.28 -15.65 29.96
CA MET D 535 9.57 -16.82 30.77
C MET D 535 9.36 -18.09 29.98
N ASP D 536 8.48 -18.06 28.99
CA ASP D 536 8.18 -19.26 28.23
C ASP D 536 9.27 -19.47 27.21
N HIS D 537 9.77 -18.36 26.67
CA HIS D 537 10.82 -18.41 25.67
C HIS D 537 12.09 -18.93 26.31
N MET D 538 12.38 -18.48 27.52
CA MET D 538 13.58 -18.90 28.22
C MET D 538 13.53 -20.39 28.53
N VAL D 539 12.40 -20.86 29.03
CA VAL D 539 12.25 -22.26 29.38
C VAL D 539 12.32 -23.16 28.16
N SER D 540 11.63 -22.78 27.09
CA SER D 540 11.65 -23.58 25.90
C SER D 540 13.03 -23.62 25.30
N SER D 541 13.75 -22.50 25.31
CA SER D 541 15.08 -22.47 24.75
C SER D 541 15.99 -23.45 25.48
N PHE D 542 15.88 -23.46 26.81
CA PHE D 542 16.66 -24.37 27.63
C PHE D 542 16.40 -25.83 27.29
N CYS D 543 15.14 -26.21 27.26
CA CYS D 543 14.80 -27.60 27.01
C CYS D 543 15.14 -28.04 25.60
N ILE D 544 14.88 -27.19 24.63
CA ILE D 544 15.17 -27.54 23.26
C ILE D 544 16.65 -27.67 23.03
N GLU D 545 17.43 -26.73 23.57
CA GLU D 545 18.86 -26.77 23.41
C GLU D 545 19.44 -28.11 23.86
N ASN D 546 18.87 -28.66 24.93
CA ASN D 546 19.38 -29.91 25.49
C ASN D 546 18.69 -31.15 24.93
N CYS D 547 17.90 -30.97 23.88
CA CYS D 547 17.21 -32.09 23.24
C CYS D 547 17.97 -32.57 22.01
N HIS D 548 18.29 -33.85 21.98
CA HIS D 548 19.06 -34.40 20.86
C HIS D 548 18.24 -35.33 19.99
N ARG D 549 16.95 -35.41 20.24
CA ARG D 549 16.10 -36.33 19.49
C ARG D 549 14.77 -35.75 19.06
N VAL D 550 14.70 -34.45 18.80
CA VAL D 550 13.45 -33.88 18.31
C VAL D 550 13.52 -33.72 16.81
N GLU D 551 12.53 -34.26 16.12
CA GLU D 551 12.51 -34.17 14.68
C GLU D 551 11.61 -33.04 14.20
N SER D 552 10.50 -32.83 14.90
CA SER D 552 9.52 -31.84 14.45
C SER D 552 9.20 -30.81 15.52
N LEU D 553 9.42 -29.54 15.18
CA LEU D 553 9.14 -28.42 16.07
C LEU D 553 7.99 -27.61 15.55
N SER D 554 6.98 -27.41 16.38
CA SER D 554 5.83 -26.60 16.02
C SER D 554 5.66 -25.45 17.00
N LEU D 555 5.84 -24.23 16.51
CA LEU D 555 5.75 -23.07 17.38
C LEU D 555 4.51 -22.25 17.14
N GLY D 556 3.53 -22.40 18.02
CA GLY D 556 2.28 -21.67 17.93
C GLY D 556 2.37 -20.37 18.70
N PHE D 557 3.27 -19.49 18.25
CA PHE D 557 3.52 -18.23 18.93
C PHE D 557 2.22 -17.46 19.12
N LEU D 558 2.01 -16.90 20.30
CA LEU D 558 0.77 -16.19 20.59
C LEU D 558 0.89 -14.68 20.38
N HIS D 559 1.39 -13.95 21.38
CA HIS D 559 1.49 -12.50 21.27
C HIS D 559 2.54 -11.86 22.19
N ASN D 560 2.13 -11.39 23.36
CA ASN D 560 3.04 -10.69 24.27
C ASN D 560 2.95 -11.23 25.69
N SER D 601 7.40 -9.57 18.94
CA SER D 601 7.96 -10.03 17.68
C SER D 601 9.49 -10.04 17.72
N SER D 602 10.08 -8.90 17.40
CA SER D 602 11.54 -8.78 17.29
C SER D 602 12.23 -8.73 18.64
N PHE D 603 12.12 -9.83 19.38
CA PHE D 603 12.73 -9.97 20.68
C PHE D 603 13.03 -11.43 20.86
N CYS D 604 12.34 -12.24 20.09
CA CYS D 604 12.37 -13.69 20.27
C CYS D 604 13.80 -14.19 20.29
N ARG D 605 14.53 -13.92 19.21
CA ARG D 605 15.95 -14.26 19.14
C ARG D 605 16.24 -15.62 19.76
N GLY D 606 16.73 -15.60 21.00
CA GLY D 606 17.12 -16.79 21.74
C GLY D 606 16.64 -18.10 21.13
N LEU D 607 15.32 -18.30 21.09
CA LEU D 607 14.79 -19.56 20.59
C LEU D 607 15.30 -19.90 19.20
N PHE D 608 15.34 -18.90 18.32
CA PHE D 608 15.76 -19.12 16.96
C PHE D 608 17.23 -19.47 16.92
N SER D 609 17.98 -18.86 17.82
CA SER D 609 19.41 -19.13 17.92
C SER D 609 19.62 -20.57 18.37
N VAL D 610 18.73 -21.06 19.21
CA VAL D 610 18.78 -22.43 19.67
C VAL D 610 18.33 -23.41 18.59
N LEU D 611 17.26 -23.08 17.88
CA LEU D 611 16.73 -23.99 16.89
C LEU D 611 17.76 -24.29 15.81
N SER D 612 18.50 -23.28 15.41
CA SER D 612 19.49 -23.42 14.34
C SER D 612 20.72 -24.22 14.74
N THR D 613 20.84 -24.55 16.03
CA THR D 613 21.99 -25.33 16.47
C THR D 613 21.60 -26.76 16.78
N SER D 614 20.33 -27.11 16.55
CA SER D 614 19.86 -28.46 16.80
C SER D 614 20.43 -29.41 15.77
N GLN D 615 20.76 -30.60 16.21
CA GLN D 615 21.36 -31.58 15.33
C GLN D 615 20.34 -32.56 14.77
N SER D 616 19.20 -32.67 15.44
CA SER D 616 18.20 -33.64 15.01
C SER D 616 16.97 -32.99 14.40
N LEU D 617 16.77 -31.70 14.66
CA LEU D 617 15.57 -31.05 14.15
C LEU D 617 15.55 -31.07 12.64
N THR D 618 14.47 -31.58 12.08
CA THR D 618 14.35 -31.73 10.65
C THR D 618 13.27 -30.84 10.07
N GLU D 619 12.14 -30.78 10.76
CA GLU D 619 11.00 -30.04 10.25
C GLU D 619 10.59 -28.90 11.17
N LEU D 620 10.57 -27.69 10.62
CA LEU D 620 10.21 -26.51 11.37
C LEU D 620 8.90 -25.92 10.87
N ASP D 621 7.87 -25.99 11.70
CA ASP D 621 6.56 -25.51 11.31
C ASP D 621 6.18 -24.23 12.04
N LEU D 622 6.17 -23.14 11.29
CA LEU D 622 5.89 -21.83 11.83
C LEU D 622 4.69 -21.21 11.15
N SER D 623 3.77 -22.05 10.70
CA SER D 623 2.57 -21.57 10.01
C SER D 623 1.52 -21.01 10.96
N ASP D 624 0.61 -20.23 10.39
CA ASP D 624 -0.55 -19.72 11.11
C ASP D 624 -0.22 -18.94 12.37
N ASN D 625 0.76 -18.06 12.27
CA ASN D 625 1.08 -17.17 13.38
C ASN D 625 1.64 -15.86 12.86
N SER D 626 1.72 -14.87 13.74
CA SER D 626 2.14 -13.52 13.34
C SER D 626 3.64 -13.37 13.16
N LEU D 627 4.21 -14.19 12.30
CA LEU D 627 5.63 -14.08 11.99
C LEU D 627 5.80 -13.07 10.89
N GLY D 628 5.54 -11.82 11.20
CA GLY D 628 5.58 -10.77 10.20
C GLY D 628 7.00 -10.58 9.72
N ASP D 629 7.17 -9.76 8.71
CA ASP D 629 8.47 -9.60 8.09
C ASP D 629 9.64 -9.47 9.08
N PRO D 630 9.58 -8.62 10.13
CA PRO D 630 10.61 -8.46 11.12
C PRO D 630 11.02 -9.78 11.76
N GLY D 631 10.05 -10.67 11.93
CA GLY D 631 10.32 -11.96 12.54
C GLY D 631 10.95 -12.88 11.51
N MET D 632 10.54 -12.71 10.27
CA MET D 632 11.06 -13.53 9.19
C MET D 632 12.52 -13.19 8.96
N ARG D 633 12.87 -11.93 9.16
CA ARG D 633 14.26 -11.53 9.02
C ARG D 633 15.12 -12.21 10.06
N VAL D 634 14.65 -12.24 11.32
CA VAL D 634 15.39 -12.89 12.39
C VAL D 634 15.55 -14.37 12.09
N LEU D 635 14.47 -14.99 11.66
CA LEU D 635 14.51 -16.38 11.30
C LEU D 635 15.49 -16.61 10.16
N CYS D 636 15.43 -15.77 9.14
CA CYS D 636 16.34 -15.95 8.04
C CYS D 636 17.80 -15.87 8.47
N GLU D 637 18.10 -14.98 9.40
CA GLU D 637 19.49 -14.86 9.85
C GLU D 637 19.96 -16.15 10.52
N THR D 638 19.13 -16.74 11.38
CA THR D 638 19.55 -17.94 12.07
C THR D 638 19.63 -19.11 11.09
N LEU D 639 18.79 -19.08 10.07
CA LEU D 639 18.75 -20.13 9.06
C LEU D 639 19.98 -20.16 8.16
N GLN D 640 20.85 -19.17 8.28
CA GLN D 640 22.07 -19.19 7.50
C GLN D 640 23.20 -19.86 8.26
N HIS D 641 22.92 -20.26 9.50
CA HIS D 641 23.92 -20.94 10.30
C HIS D 641 24.27 -22.28 9.63
N PRO D 642 25.55 -22.62 9.49
CA PRO D 642 26.05 -23.86 8.90
C PRO D 642 25.43 -25.14 9.46
N GLY D 643 25.01 -25.13 10.72
CA GLY D 643 24.50 -26.34 11.36
C GLY D 643 22.97 -26.42 11.44
N CYS D 644 22.27 -25.59 10.69
CA CYS D 644 20.81 -25.58 10.78
C CYS D 644 20.18 -26.96 10.68
N ASN D 645 20.52 -27.69 9.63
CA ASN D 645 20.00 -29.03 9.39
C ASN D 645 18.49 -29.08 9.18
N ILE D 646 17.89 -27.97 8.75
CA ILE D 646 16.46 -27.95 8.51
C ILE D 646 16.15 -28.41 7.11
N ARG D 647 15.30 -29.42 7.00
CA ARG D 647 14.94 -29.96 5.70
C ARG D 647 13.62 -29.39 5.22
N ARG D 648 12.70 -29.14 6.14
CA ARG D 648 11.40 -28.61 5.77
C ARG D 648 11.06 -27.37 6.55
N LEU D 649 10.59 -26.36 5.85
CA LEU D 649 10.17 -25.12 6.49
C LEU D 649 8.78 -24.72 6.04
N TRP D 650 7.84 -24.70 6.98
CA TRP D 650 6.46 -24.37 6.66
C TRP D 650 6.14 -22.96 7.12
N LEU D 651 5.83 -22.09 6.17
CA LEU D 651 5.52 -20.70 6.47
C LEU D 651 4.25 -20.26 5.76
N GLY D 652 3.12 -20.82 6.17
CA GLY D 652 1.86 -20.55 5.50
C GLY D 652 1.33 -19.18 5.89
N ARG D 653 0.05 -19.09 6.22
CA ARG D 653 -0.56 -17.80 6.47
C ARG D 653 0.08 -17.09 7.64
N CYS D 654 1.23 -16.48 7.37
CA CYS D 654 2.03 -15.80 8.39
C CYS D 654 2.01 -14.30 8.20
N GLY D 655 1.33 -13.85 7.15
CA GLY D 655 1.23 -12.43 6.85
C GLY D 655 2.53 -11.87 6.28
N LEU D 656 3.27 -12.70 5.55
CA LEU D 656 4.54 -12.24 4.99
C LEU D 656 4.29 -11.34 3.80
N SER D 657 5.14 -10.34 3.63
CA SER D 657 5.03 -9.49 2.46
C SER D 657 6.14 -9.76 1.47
N HIS D 658 6.10 -9.04 0.36
CA HIS D 658 7.03 -9.26 -0.73
C HIS D 658 8.48 -9.07 -0.33
N GLU D 659 8.72 -8.22 0.65
CA GLU D 659 10.08 -7.93 1.07
C GLU D 659 10.74 -9.10 1.76
N CYS D 660 9.94 -10.04 2.25
CA CYS D 660 10.49 -11.15 3.00
C CYS D 660 11.24 -12.08 2.07
N CYS D 661 10.93 -12.01 0.78
CA CYS D 661 11.54 -12.90 -0.18
C CYS D 661 13.00 -12.55 -0.34
N PHE D 662 13.37 -11.32 0.01
CA PHE D 662 14.75 -10.93 -0.05
C PHE D 662 15.56 -11.76 0.92
N ASP D 663 15.06 -11.83 2.15
CA ASP D 663 15.75 -12.54 3.20
C ASP D 663 15.69 -14.04 2.97
N ILE D 664 14.60 -14.52 2.41
CA ILE D 664 14.47 -15.93 2.11
C ILE D 664 15.48 -16.31 1.04
N SER D 665 15.61 -15.48 0.02
CA SER D 665 16.57 -15.73 -1.05
C SER D 665 17.97 -15.86 -0.48
N LEU D 666 18.30 -15.00 0.49
CA LEU D 666 19.60 -15.05 1.13
C LEU D 666 19.80 -16.37 1.88
N VAL D 667 18.73 -16.94 2.41
CA VAL D 667 18.85 -18.25 3.04
C VAL D 667 19.08 -19.32 2.01
N LEU D 668 18.32 -19.27 0.92
CA LEU D 668 18.43 -20.28 -0.13
C LEU D 668 19.83 -20.32 -0.71
N SER D 669 20.46 -19.15 -0.81
CA SER D 669 21.77 -19.03 -1.43
C SER D 669 22.90 -19.68 -0.63
N SER D 670 22.66 -19.96 0.65
CA SER D 670 23.74 -20.54 1.47
C SER D 670 23.31 -21.81 2.22
N ASN D 671 22.01 -21.95 2.47
CA ASN D 671 21.52 -23.10 3.20
C ASN D 671 21.26 -24.23 2.24
N GLN D 672 22.12 -25.22 2.26
CA GLN D 672 22.08 -26.30 1.29
C GLN D 672 21.32 -27.51 1.83
N LYS D 673 20.67 -27.35 2.98
CA LYS D 673 19.98 -28.46 3.60
C LYS D 673 18.49 -28.42 3.31
N LEU D 674 17.93 -27.22 3.17
CA LEU D 674 16.50 -27.07 2.98
C LEU D 674 16.02 -27.73 1.69
N VAL D 675 14.98 -28.55 1.80
CA VAL D 675 14.41 -29.28 0.67
C VAL D 675 13.02 -28.78 0.30
N GLU D 676 12.17 -28.58 1.29
CA GLU D 676 10.79 -28.19 1.01
C GLU D 676 10.41 -26.89 1.69
N LEU D 677 9.89 -25.95 0.90
CA LEU D 677 9.50 -24.65 1.41
C LEU D 677 8.07 -24.28 1.04
N ASP D 678 7.27 -23.97 2.04
CA ASP D 678 5.88 -23.58 1.81
C ASP D 678 5.62 -22.13 2.15
N LEU D 679 5.37 -21.32 1.14
CA LEU D 679 5.13 -19.89 1.33
C LEU D 679 3.69 -19.51 1.03
N SER D 680 2.80 -20.49 1.05
CA SER D 680 1.41 -20.28 0.70
C SER D 680 0.71 -19.29 1.61
N ASP D 681 -0.35 -18.69 1.09
CA ASP D 681 -1.20 -17.78 1.85
C ASP D 681 -0.47 -16.55 2.40
N ASN D 682 0.41 -15.99 1.59
CA ASN D 682 1.09 -14.75 1.97
C ASN D 682 0.88 -13.71 0.87
N ALA D 683 1.41 -12.51 1.06
CA ALA D 683 1.24 -11.44 0.08
C ALA D 683 2.48 -11.30 -0.77
N LEU D 684 3.02 -12.41 -1.21
CA LEU D 684 4.26 -12.41 -1.95
C LEU D 684 3.97 -12.24 -3.43
N GLY D 685 3.60 -11.02 -3.78
CA GLY D 685 3.16 -10.74 -5.14
C GLY D 685 4.30 -10.86 -6.13
N ASP D 686 4.04 -10.45 -7.36
CA ASP D 686 4.97 -10.65 -8.46
C ASP D 686 6.39 -10.19 -8.14
N PHE D 687 6.52 -9.07 -7.44
CA PHE D 687 7.84 -8.60 -7.07
C PHE D 687 8.52 -9.59 -6.13
N GLY D 688 7.77 -10.04 -5.13
CA GLY D 688 8.31 -10.92 -4.11
C GLY D 688 8.85 -12.19 -4.73
N ILE D 689 8.06 -12.80 -5.61
CA ILE D 689 8.49 -14.04 -6.24
C ILE D 689 9.68 -13.79 -7.14
N ARG D 690 9.73 -12.63 -7.79
CA ARG D 690 10.85 -12.34 -8.64
C ARG D 690 12.15 -12.37 -7.83
N LEU D 691 12.09 -11.91 -6.59
CA LEU D 691 13.27 -11.95 -5.73
C LEU D 691 13.61 -13.39 -5.38
N LEU D 692 12.58 -14.17 -5.06
CA LEU D 692 12.79 -15.55 -4.68
C LEU D 692 13.45 -16.32 -5.80
N CYS D 693 13.10 -15.96 -7.03
CA CYS D 693 13.65 -16.60 -8.21
C CYS D 693 15.17 -16.46 -8.25
N VAL D 694 15.70 -15.43 -7.61
CA VAL D 694 17.13 -15.25 -7.60
C VAL D 694 17.75 -16.32 -6.73
N GLY D 695 17.16 -16.53 -5.55
CA GLY D 695 17.64 -17.56 -4.64
C GLY D 695 17.46 -18.94 -5.25
N LEU D 696 16.40 -19.13 -6.00
CA LEU D 696 16.12 -20.42 -6.63
C LEU D 696 17.10 -20.72 -7.77
N LYS D 697 17.46 -19.68 -8.53
CA LYS D 697 18.41 -19.85 -9.62
C LYS D 697 19.83 -20.00 -9.09
N HIS D 698 20.10 -19.42 -7.93
CA HIS D 698 21.42 -19.43 -7.33
C HIS D 698 21.96 -20.85 -7.17
N LEU D 699 23.24 -20.99 -7.42
CA LEU D 699 23.88 -22.29 -7.33
C LEU D 699 23.81 -22.82 -5.91
N LEU D 700 23.78 -24.15 -5.82
CA LEU D 700 23.73 -24.85 -4.54
C LEU D 700 22.38 -24.73 -3.85
N CYS D 701 21.37 -24.21 -4.55
CA CYS D 701 20.05 -24.23 -3.98
C CYS D 701 19.43 -25.58 -4.24
N ASN D 702 19.22 -26.34 -3.18
CA ASN D 702 18.79 -27.71 -3.30
C ASN D 702 17.31 -27.89 -3.06
N LEU D 703 16.59 -26.78 -3.06
CA LEU D 703 15.16 -26.84 -2.81
C LEU D 703 14.50 -27.69 -3.88
N LYS D 704 13.69 -28.67 -3.47
CA LYS D 704 13.04 -29.55 -4.42
C LYS D 704 11.56 -29.28 -4.52
N LYS D 705 10.96 -28.88 -3.41
CA LYS D 705 9.52 -28.68 -3.34
C LYS D 705 9.19 -27.26 -2.94
N LEU D 706 8.44 -26.57 -3.78
CA LEU D 706 8.05 -25.19 -3.49
C LEU D 706 6.57 -24.95 -3.67
N TRP D 707 5.90 -24.53 -2.59
CA TRP D 707 4.47 -24.26 -2.64
C TRP D 707 4.21 -22.77 -2.69
N LEU D 708 3.59 -22.30 -3.77
CA LEU D 708 3.28 -20.90 -3.94
C LEU D 708 1.79 -20.68 -4.11
N VAL D 709 1.00 -21.44 -3.38
CA VAL D 709 -0.45 -21.36 -3.48
C VAL D 709 -0.99 -20.09 -2.85
N SER D 710 -1.91 -19.44 -3.55
CA SER D 710 -2.55 -18.22 -3.06
C SER D 710 -1.54 -17.18 -2.64
N CYS D 711 -0.62 -16.85 -3.54
CA CYS D 711 0.43 -15.90 -3.23
C CYS D 711 0.25 -14.58 -3.95
N CYS D 712 -0.97 -14.30 -4.36
CA CYS D 712 -1.28 -13.03 -5.02
C CYS D 712 -0.40 -12.79 -6.23
N LEU D 713 -0.18 -13.84 -7.01
CA LEU D 713 0.65 -13.72 -8.21
C LEU D 713 -0.20 -13.52 -9.45
N THR D 714 0.39 -12.90 -10.46
CA THR D 714 -0.24 -12.81 -11.77
C THR D 714 0.66 -13.42 -12.81
N SER D 715 0.16 -13.51 -14.03
CA SER D 715 0.93 -14.12 -15.12
C SER D 715 2.22 -13.38 -15.38
N ALA D 716 2.29 -12.12 -14.98
CA ALA D 716 3.49 -11.33 -15.24
C ALA D 716 4.72 -11.97 -14.63
N CYS D 717 4.58 -12.57 -13.46
CA CYS D 717 5.74 -13.09 -12.73
C CYS D 717 6.21 -14.42 -13.26
N CYS D 718 5.40 -15.06 -14.07
CA CYS D 718 5.71 -16.41 -14.49
C CYS D 718 6.88 -16.40 -15.44
N GLN D 719 7.22 -15.22 -15.95
CA GLN D 719 8.32 -15.09 -16.86
C GLN D 719 9.63 -15.41 -16.16
N ASP D 720 9.72 -15.07 -14.89
CA ASP D 720 10.93 -15.34 -14.14
C ASP D 720 10.89 -16.74 -13.58
N LEU D 721 9.70 -17.20 -13.23
CA LEU D 721 9.57 -18.53 -12.67
C LEU D 721 9.88 -19.57 -13.74
N ALA D 722 9.48 -19.29 -14.98
CA ALA D 722 9.76 -20.18 -16.08
C ALA D 722 11.26 -20.39 -16.24
N SER D 723 12.02 -19.33 -15.98
CA SER D 723 13.47 -19.40 -16.07
C SER D 723 14.02 -20.27 -14.97
N VAL D 724 13.35 -20.27 -13.81
CA VAL D 724 13.76 -21.11 -12.71
C VAL D 724 13.61 -22.56 -13.09
N LEU D 725 12.50 -22.91 -13.72
CA LEU D 725 12.27 -24.30 -14.14
C LEU D 725 13.35 -24.77 -15.12
N SER D 726 13.73 -23.89 -16.04
CA SER D 726 14.77 -24.20 -17.00
C SER D 726 16.14 -24.27 -16.35
N THR D 727 16.43 -23.29 -15.49
CA THR D 727 17.73 -23.10 -14.88
C THR D 727 18.04 -24.06 -13.74
N SER D 728 17.08 -24.23 -12.83
CA SER D 728 17.31 -25.02 -11.64
C SER D 728 16.95 -26.47 -11.82
N HIS D 729 17.95 -27.34 -11.73
CA HIS D 729 17.75 -28.76 -11.91
C HIS D 729 17.20 -29.41 -10.64
N SER D 730 17.29 -28.69 -9.53
CA SER D 730 16.90 -29.24 -8.24
C SER D 730 15.42 -29.11 -7.95
N LEU D 731 14.75 -28.15 -8.58
CA LEU D 731 13.33 -27.95 -8.30
C LEU D 731 12.48 -28.90 -9.15
N THR D 732 11.69 -29.74 -8.50
CA THR D 732 10.90 -30.74 -9.21
C THR D 732 9.41 -30.66 -8.90
N ARG D 733 9.08 -30.07 -7.76
CA ARG D 733 7.69 -30.00 -7.32
C ARG D 733 7.24 -28.57 -7.19
N LEU D 734 6.44 -28.10 -8.14
CA LEU D 734 6.02 -26.72 -8.13
C LEU D 734 4.51 -26.61 -8.05
N TYR D 735 4.02 -25.86 -7.08
CA TYR D 735 2.58 -25.67 -6.93
C TYR D 735 2.26 -24.19 -6.98
N VAL D 736 1.42 -23.79 -7.93
CA VAL D 736 1.15 -22.37 -8.13
C VAL D 736 -0.33 -22.05 -8.30
N GLY D 737 -1.18 -22.90 -7.77
CA GLY D 737 -2.62 -22.67 -7.94
C GLY D 737 -3.10 -21.51 -7.10
N GLU D 738 -4.35 -21.12 -7.33
CA GLU D 738 -4.98 -20.00 -6.63
C GLU D 738 -4.26 -18.68 -6.90
N ASN D 739 -3.75 -18.53 -8.11
CA ASN D 739 -3.10 -17.29 -8.54
C ASN D 739 -3.66 -16.89 -9.90
N ALA D 740 -3.46 -15.64 -10.29
CA ALA D 740 -4.00 -15.15 -11.57
C ALA D 740 -3.08 -15.51 -12.72
N LEU D 741 -2.84 -16.80 -12.86
CA LEU D 741 -2.00 -17.31 -13.94
C LEU D 741 -2.86 -17.76 -15.10
N GLY D 742 -3.30 -16.83 -15.93
CA GLY D 742 -4.22 -17.17 -16.99
C GLY D 742 -3.50 -17.90 -18.11
N ASP D 743 -4.20 -18.13 -19.21
CA ASP D 743 -3.68 -18.92 -20.30
C ASP D 743 -2.31 -18.44 -20.76
N SER D 744 -2.11 -17.13 -20.75
CA SER D 744 -0.85 -16.56 -21.19
C SER D 744 0.28 -16.91 -20.23
N GLY D 745 -0.05 -17.05 -18.95
CA GLY D 745 0.96 -17.38 -17.96
C GLY D 745 1.39 -18.82 -18.14
N VAL D 746 0.42 -19.65 -18.43
CA VAL D 746 0.68 -21.07 -18.62
C VAL D 746 1.53 -21.28 -19.84
N ALA D 747 1.23 -20.60 -20.93
CA ALA D 747 2.00 -20.75 -22.14
C ALA D 747 3.48 -20.43 -21.90
N ILE D 748 3.73 -19.41 -21.07
CA ILE D 748 5.11 -19.05 -20.77
C ILE D 748 5.80 -20.15 -19.98
N LEU D 749 5.14 -20.66 -18.95
CA LEU D 749 5.72 -21.71 -18.15
C LEU D 749 5.91 -22.96 -18.98
N CYS D 750 4.94 -23.24 -19.85
CA CYS D 750 5.01 -24.41 -20.71
C CYS D 750 6.15 -24.32 -21.69
N GLU D 751 6.40 -23.13 -22.22
CA GLU D 751 7.46 -23.00 -23.21
C GLU D 751 8.78 -23.49 -22.63
N LYS D 752 9.01 -23.22 -21.35
CA LYS D 752 10.25 -23.66 -20.74
C LYS D 752 10.13 -25.08 -20.16
N ALA D 753 8.97 -25.41 -19.60
CA ALA D 753 8.74 -26.74 -19.03
C ALA D 753 8.77 -27.79 -20.13
N LYS D 754 8.39 -27.38 -21.33
CA LYS D 754 8.41 -28.24 -22.50
C LYS D 754 9.81 -28.79 -22.75
N ASN D 755 10.83 -28.02 -22.40
CA ASN D 755 12.19 -28.46 -22.63
C ASN D 755 12.42 -29.79 -21.91
N PRO D 756 12.78 -30.85 -22.62
CA PRO D 756 12.89 -32.21 -22.12
C PRO D 756 13.97 -32.35 -21.05
N GLN D 757 14.79 -31.33 -20.89
CA GLN D 757 15.85 -31.36 -19.90
C GLN D 757 15.41 -30.71 -18.59
N CYS D 758 14.17 -30.25 -18.54
CA CYS D 758 13.60 -29.69 -17.32
C CYS D 758 13.17 -30.85 -16.43
N ASN D 759 13.39 -30.74 -15.12
CA ASN D 759 13.13 -31.85 -14.22
C ASN D 759 11.78 -31.78 -13.51
N LEU D 760 10.92 -30.86 -13.92
CA LEU D 760 9.62 -30.74 -13.27
C LEU D 760 8.87 -32.05 -13.27
N GLN D 761 8.45 -32.49 -12.08
CA GLN D 761 7.74 -33.75 -11.91
C GLN D 761 6.28 -33.56 -11.55
N LYS D 762 5.99 -32.56 -10.73
CA LYS D 762 4.61 -32.30 -10.33
C LYS D 762 4.28 -30.84 -10.57
N LEU D 763 3.15 -30.59 -11.23
CA LEU D 763 2.73 -29.23 -11.48
C LEU D 763 1.36 -28.91 -10.90
N GLY D 764 1.35 -28.09 -9.87
CA GLY D 764 0.13 -27.68 -9.19
C GLY D 764 -0.52 -26.47 -9.87
N LEU D 765 -0.87 -26.64 -11.12
CA LEU D 765 -1.49 -25.57 -11.90
C LEU D 765 -2.99 -25.64 -11.72
N VAL D 766 -3.43 -25.37 -10.50
CA VAL D 766 -4.78 -25.71 -10.09
C VAL D 766 -5.78 -24.60 -10.44
N ASN D 767 -6.15 -23.78 -9.47
CA ASN D 767 -7.16 -22.78 -9.71
C ASN D 767 -6.58 -21.56 -10.39
N SER D 768 -6.16 -21.76 -11.63
CA SER D 768 -5.49 -20.73 -12.39
C SER D 768 -6.45 -19.99 -13.32
N GLY D 769 -7.70 -20.44 -13.37
CA GLY D 769 -8.72 -19.78 -14.20
C GLY D 769 -8.47 -20.00 -15.68
N LEU D 770 -7.98 -21.18 -16.04
CA LEU D 770 -7.61 -21.46 -17.41
C LEU D 770 -8.76 -21.92 -18.28
N THR D 771 -8.62 -21.69 -19.57
CA THR D 771 -9.59 -22.15 -20.55
C THR D 771 -8.96 -23.20 -21.44
N SER D 772 -9.73 -23.71 -22.39
CA SER D 772 -9.23 -24.74 -23.30
C SER D 772 -8.03 -24.26 -24.10
N VAL D 773 -7.84 -22.96 -24.18
CA VAL D 773 -6.72 -22.41 -24.94
C VAL D 773 -5.38 -22.87 -24.38
N CYS D 774 -5.29 -22.95 -23.06
CA CYS D 774 -4.03 -23.30 -22.41
C CYS D 774 -3.67 -24.75 -22.64
N CYS D 775 -4.63 -25.54 -23.10
CA CYS D 775 -4.42 -26.96 -23.24
C CYS D 775 -3.48 -27.27 -24.38
N SER D 776 -3.32 -26.33 -25.29
CA SER D 776 -2.39 -26.53 -26.38
C SER D 776 -0.97 -26.54 -25.84
N ALA D 777 -0.68 -25.57 -25.00
CA ALA D 777 0.64 -25.45 -24.40
C ALA D 777 0.92 -26.65 -23.50
N LEU D 778 -0.10 -27.09 -22.77
CA LEU D 778 0.04 -28.23 -21.88
C LEU D 778 0.26 -29.50 -22.66
N SER D 779 -0.40 -29.62 -23.82
CA SER D 779 -0.25 -30.79 -24.66
C SER D 779 1.19 -30.95 -25.09
N SER D 780 1.81 -29.85 -25.49
CA SER D 780 3.21 -29.89 -25.92
C SER D 780 4.12 -30.34 -24.80
N VAL D 781 3.86 -29.85 -23.58
CA VAL D 781 4.69 -30.25 -22.46
C VAL D 781 4.51 -31.73 -22.17
N LEU D 782 3.27 -32.20 -22.20
CA LEU D 782 2.99 -33.60 -21.91
C LEU D 782 3.69 -34.55 -22.87
N SER D 783 3.70 -34.21 -24.14
CA SER D 783 4.33 -35.06 -25.14
C SER D 783 5.85 -34.92 -25.17
N THR D 784 6.37 -33.81 -24.66
CA THR D 784 7.81 -33.57 -24.74
C THR D 784 8.56 -33.88 -23.45
N ASN D 785 8.03 -33.43 -22.32
CA ASN D 785 8.73 -33.57 -21.05
C ASN D 785 8.30 -34.84 -20.33
N GLN D 786 9.17 -35.84 -20.36
CA GLN D 786 8.86 -37.16 -19.83
C GLN D 786 9.07 -37.24 -18.33
N ASN D 787 9.49 -36.13 -17.72
CA ASN D 787 9.71 -36.12 -16.29
C ASN D 787 8.46 -35.76 -15.51
N LEU D 788 7.41 -35.32 -16.22
CA LEU D 788 6.20 -34.90 -15.54
C LEU D 788 5.30 -36.09 -15.26
N THR D 789 4.98 -36.30 -13.99
CA THR D 789 4.17 -37.46 -13.60
C THR D 789 2.83 -37.08 -12.99
N HIS D 790 2.73 -35.88 -12.42
CA HIS D 790 1.47 -35.46 -11.81
C HIS D 790 1.06 -34.08 -12.26
N LEU D 791 -0.15 -33.96 -12.80
CA LEU D 791 -0.64 -32.69 -13.28
C LEU D 791 -2.00 -32.38 -12.70
N TYR D 792 -2.10 -31.26 -12.00
CA TYR D 792 -3.33 -30.87 -11.33
C TYR D 792 -3.96 -29.69 -12.03
N LEU D 793 -5.13 -29.90 -12.63
CA LEU D 793 -5.80 -28.82 -13.35
C LEU D 793 -7.16 -28.46 -12.75
N ARG D 794 -7.44 -29.01 -11.59
CA ARG D 794 -8.75 -28.78 -10.99
C ARG D 794 -8.98 -27.32 -10.69
N GLY D 795 -10.19 -26.85 -10.88
CA GLY D 795 -10.51 -25.45 -10.60
C GLY D 795 -10.56 -24.60 -11.86
N ASN D 796 -10.03 -25.14 -12.96
CA ASN D 796 -10.05 -24.43 -14.23
C ASN D 796 -11.39 -24.63 -14.89
N THR D 797 -11.59 -24.03 -16.06
CA THR D 797 -12.83 -24.25 -16.81
C THR D 797 -12.48 -24.57 -18.24
N LEU D 798 -12.16 -25.82 -18.49
CA LEU D 798 -11.56 -26.21 -19.76
C LEU D 798 -12.60 -26.76 -20.73
N GLY D 799 -13.63 -27.37 -20.18
CA GLY D 799 -14.70 -27.93 -21.00
C GLY D 799 -14.24 -29.13 -21.78
N ASP D 800 -15.04 -29.55 -22.76
CA ASP D 800 -14.74 -30.72 -23.55
C ASP D 800 -13.60 -30.44 -24.51
N LYS D 801 -13.60 -29.23 -25.07
CA LYS D 801 -12.54 -28.85 -25.99
C LYS D 801 -11.20 -28.98 -25.31
N GLY D 802 -11.11 -28.52 -24.07
CA GLY D 802 -9.88 -28.62 -23.32
C GLY D 802 -9.49 -30.07 -23.13
N ILE D 803 -10.45 -30.93 -22.79
CA ILE D 803 -10.15 -32.33 -22.61
C ILE D 803 -9.63 -32.94 -23.90
N LYS D 804 -10.26 -32.61 -25.02
CA LYS D 804 -9.82 -33.16 -26.29
C LYS D 804 -8.38 -32.77 -26.58
N LEU D 805 -8.05 -31.51 -26.36
CA LEU D 805 -6.69 -31.03 -26.62
C LEU D 805 -5.69 -31.72 -25.70
N LEU D 806 -6.06 -31.89 -24.44
CA LEU D 806 -5.17 -32.55 -23.51
C LEU D 806 -5.00 -34.00 -23.92
N CYS D 807 -6.09 -34.62 -24.37
CA CYS D 807 -6.04 -36.01 -24.77
C CYS D 807 -5.05 -36.19 -25.91
N GLU D 808 -5.06 -35.28 -26.88
CA GLU D 808 -4.12 -35.43 -27.98
C GLU D 808 -2.70 -35.53 -27.46
N GLY D 809 -2.36 -34.71 -26.47
CA GLY D 809 -1.05 -34.78 -25.83
C GLY D 809 -0.88 -36.08 -25.05
N LEU D 810 -1.89 -36.42 -24.25
CA LEU D 810 -1.85 -37.58 -23.37
C LEU D 810 -1.80 -38.90 -24.14
N LEU D 811 -2.34 -38.87 -25.36
CA LEU D 811 -2.39 -40.05 -26.21
C LEU D 811 -1.08 -40.25 -26.95
N HIS D 812 -0.18 -39.30 -26.80
CA HIS D 812 1.14 -39.39 -27.42
C HIS D 812 1.92 -40.51 -26.72
N PRO D 813 2.63 -41.35 -27.47
CA PRO D 813 3.39 -42.48 -26.97
C PRO D 813 4.48 -42.11 -25.97
N ASP D 814 4.93 -40.85 -26.00
CA ASP D 814 5.98 -40.44 -25.08
C ASP D 814 5.47 -39.70 -23.86
N CYS D 815 4.15 -39.67 -23.65
CA CYS D 815 3.62 -39.01 -22.48
C CYS D 815 3.68 -39.94 -21.27
N LYS D 816 4.31 -39.49 -20.20
CA LYS D 816 4.53 -40.36 -19.04
C LYS D 816 3.65 -39.98 -17.85
N LEU D 817 2.69 -39.10 -18.06
CA LEU D 817 1.87 -38.64 -16.96
C LEU D 817 1.16 -39.81 -16.30
N GLN D 818 1.24 -39.89 -14.98
CA GLN D 818 0.62 -40.97 -14.26
C GLN D 818 -0.69 -40.53 -13.62
N VAL D 819 -0.69 -39.32 -13.07
CA VAL D 819 -1.87 -38.83 -12.38
C VAL D 819 -2.39 -37.55 -12.96
N LEU D 820 -3.65 -37.58 -13.35
CA LEU D 820 -4.30 -36.39 -13.85
C LEU D 820 -5.47 -36.03 -12.96
N GLU D 821 -5.46 -34.81 -12.43
CA GLU D 821 -6.50 -34.36 -11.52
C GLU D 821 -7.40 -33.30 -12.16
N LEU D 822 -8.65 -33.69 -12.37
CA LEU D 822 -9.64 -32.86 -13.04
C LEU D 822 -10.93 -32.73 -12.25
N ASP D 823 -10.88 -31.94 -11.18
CA ASP D 823 -12.09 -31.67 -10.42
C ASP D 823 -12.86 -30.68 -11.24
N ASN D 824 -14.01 -30.25 -10.78
CA ASN D 824 -14.82 -29.34 -11.56
C ASN D 824 -13.99 -28.52 -12.53
N CYS D 825 -13.95 -28.97 -13.78
CA CYS D 825 -13.27 -28.27 -14.87
C CYS D 825 -14.30 -27.80 -15.88
N ASN D 826 -15.53 -27.65 -15.42
CA ASN D 826 -16.66 -27.27 -16.26
C ASN D 826 -16.85 -28.25 -17.41
N LEU D 827 -16.75 -29.54 -17.09
CA LEU D 827 -16.88 -30.57 -18.10
C LEU D 827 -18.31 -31.02 -18.25
N THR D 828 -18.61 -31.56 -19.41
CA THR D 828 -19.92 -32.11 -19.70
C THR D 828 -19.77 -33.52 -20.24
N SER D 829 -20.89 -34.19 -20.44
CA SER D 829 -20.91 -35.55 -20.97
C SER D 829 -20.33 -35.61 -22.37
N HIS D 830 -20.21 -34.47 -23.02
CA HIS D 830 -19.70 -34.41 -24.37
C HIS D 830 -18.25 -34.90 -24.43
N CYS D 831 -17.55 -34.80 -23.31
CA CYS D 831 -16.14 -35.15 -23.27
C CYS D 831 -15.92 -36.61 -22.92
N CYS D 832 -16.99 -37.33 -22.61
CA CYS D 832 -16.83 -38.70 -22.14
C CYS D 832 -16.25 -39.59 -23.22
N TRP D 833 -16.50 -39.26 -24.48
CA TRP D 833 -15.97 -40.04 -25.57
C TRP D 833 -14.45 -39.97 -25.59
N ASP D 834 -13.91 -38.78 -25.33
CA ASP D 834 -12.47 -38.58 -25.39
C ASP D 834 -11.82 -39.15 -24.16
N LEU D 835 -12.49 -39.03 -23.01
CA LEU D 835 -11.97 -39.60 -21.80
C LEU D 835 -12.00 -41.12 -21.91
N SER D 836 -13.06 -41.63 -22.53
CA SER D 836 -13.20 -43.07 -22.73
C SER D 836 -12.05 -43.55 -23.60
N THR D 837 -11.76 -42.80 -24.65
CA THR D 837 -10.68 -43.13 -25.55
C THR D 837 -9.37 -43.17 -24.76
N LEU D 838 -9.15 -42.16 -23.93
CA LEU D 838 -7.94 -42.09 -23.14
C LEU D 838 -7.78 -43.33 -22.27
N LEU D 839 -8.86 -43.73 -21.60
CA LEU D 839 -8.79 -44.83 -20.65
C LEU D 839 -8.33 -46.13 -21.28
N THR D 840 -8.67 -46.37 -22.54
CA THR D 840 -8.26 -47.60 -23.19
C THR D 840 -7.14 -47.38 -24.19
N SER D 841 -6.55 -46.19 -24.18
CA SER D 841 -5.50 -45.87 -25.13
C SER D 841 -4.15 -45.63 -24.46
N SER D 842 -4.15 -44.85 -23.37
CA SER D 842 -2.90 -44.51 -22.70
C SER D 842 -2.35 -45.71 -21.95
N GLN D 843 -1.04 -45.72 -21.73
CA GLN D 843 -0.41 -46.82 -21.02
C GLN D 843 0.23 -46.38 -19.70
N SER D 844 0.65 -45.12 -19.66
CA SER D 844 1.37 -44.59 -18.51
C SER D 844 0.44 -44.04 -17.42
N LEU D 845 -0.82 -43.86 -17.76
CA LEU D 845 -1.81 -43.32 -16.84
C LEU D 845 -2.11 -44.32 -15.72
N ARG D 846 -2.16 -43.83 -14.49
CA ARG D 846 -2.45 -44.68 -13.36
C ARG D 846 -3.70 -44.23 -12.62
N LYS D 847 -3.95 -42.92 -12.61
CA LYS D 847 -5.09 -42.35 -11.92
C LYS D 847 -5.74 -41.25 -12.72
N LEU D 848 -7.08 -41.24 -12.75
CA LEU D 848 -7.81 -40.18 -13.42
C LEU D 848 -8.86 -39.63 -12.49
N SER D 849 -8.56 -38.53 -11.84
CA SER D 849 -9.49 -38.04 -10.84
C SER D 849 -10.48 -37.06 -11.43
N LEU D 850 -11.73 -37.51 -11.52
CA LEU D 850 -12.79 -36.67 -12.08
C LEU D 850 -13.72 -36.22 -10.97
N GLY D 851 -13.76 -34.93 -10.72
CA GLY D 851 -14.52 -34.44 -9.58
C GLY D 851 -15.88 -33.89 -9.96
N ASN D 852 -16.26 -32.79 -9.35
CA ASN D 852 -17.61 -32.29 -9.49
C ASN D 852 -17.84 -31.67 -10.86
N ASN D 853 -18.19 -32.51 -11.82
CA ASN D 853 -18.48 -32.06 -13.16
C ASN D 853 -19.59 -32.91 -13.74
N ASP D 854 -20.31 -32.38 -14.73
CA ASP D 854 -21.44 -33.09 -15.28
C ASP D 854 -21.04 -34.09 -16.35
N LEU D 855 -20.31 -35.11 -15.94
CA LEU D 855 -19.90 -36.19 -16.83
C LEU D 855 -21.11 -36.95 -17.37
N GLY D 856 -22.14 -37.08 -16.56
CA GLY D 856 -23.34 -37.76 -16.99
C GLY D 856 -23.35 -39.22 -16.58
N ASP D 857 -24.53 -39.80 -16.58
CA ASP D 857 -24.73 -41.19 -16.23
C ASP D 857 -24.21 -42.08 -17.35
N LEU D 858 -24.49 -41.66 -18.58
CA LEU D 858 -24.03 -42.39 -19.74
C LEU D 858 -22.53 -42.40 -19.80
N GLY D 859 -21.91 -41.28 -19.46
CA GLY D 859 -20.46 -41.18 -19.48
C GLY D 859 -19.85 -42.25 -18.59
N VAL D 860 -20.36 -42.36 -17.37
CA VAL D 860 -19.85 -43.36 -16.45
C VAL D 860 -20.12 -44.77 -16.92
N MET D 861 -21.31 -45.03 -17.43
CA MET D 861 -21.61 -46.38 -17.90
C MET D 861 -20.69 -46.74 -19.06
N MET D 862 -20.40 -45.77 -19.92
CA MET D 862 -19.45 -46.00 -21.00
C MET D 862 -18.09 -46.36 -20.42
N PHE D 863 -17.65 -45.61 -19.42
CA PHE D 863 -16.36 -45.88 -18.80
C PHE D 863 -16.31 -47.28 -18.26
N CYS D 864 -17.39 -47.70 -17.63
CA CYS D 864 -17.43 -49.03 -17.04
C CYS D 864 -17.19 -50.10 -18.10
N GLU D 865 -17.88 -49.99 -19.23
CA GLU D 865 -17.74 -50.99 -20.28
C GLU D 865 -16.34 -51.04 -20.88
N VAL D 866 -15.75 -49.87 -21.10
CA VAL D 866 -14.46 -49.79 -21.75
C VAL D 866 -13.29 -50.03 -20.80
N LEU D 867 -13.42 -49.61 -19.55
CA LEU D 867 -12.34 -49.73 -18.58
C LEU D 867 -12.03 -51.20 -18.31
N LYS D 868 -13.01 -52.05 -18.59
CA LYS D 868 -12.88 -53.47 -18.39
C LYS D 868 -11.92 -54.10 -19.40
N GLN D 869 -11.66 -53.40 -20.48
CA GLN D 869 -10.87 -53.96 -21.57
C GLN D 869 -9.37 -53.82 -21.31
N GLN D 870 -8.89 -54.50 -20.28
CA GLN D 870 -7.47 -54.51 -19.92
C GLN D 870 -6.87 -53.11 -19.74
N SER D 871 -7.53 -52.25 -19.00
CA SER D 871 -7.02 -50.92 -18.74
C SER D 871 -5.79 -50.95 -17.83
N CYS D 872 -4.89 -50.01 -18.03
CA CYS D 872 -3.70 -49.88 -17.18
C CYS D 872 -4.00 -49.09 -15.91
N LEU D 873 -5.20 -48.52 -15.85
CA LEU D 873 -5.56 -47.70 -14.71
C LEU D 873 -5.54 -48.55 -13.45
N LEU D 874 -4.93 -48.05 -12.38
CA LEU D 874 -4.88 -48.79 -11.13
C LEU D 874 -5.72 -48.12 -10.06
N GLN D 875 -5.84 -46.80 -10.17
CA GLN D 875 -6.52 -45.99 -9.18
C GLN D 875 -7.93 -45.65 -9.59
N ASN D 876 -8.59 -44.83 -8.78
CA ASN D 876 -10.00 -44.55 -8.96
C ASN D 876 -10.24 -43.57 -10.08
N LEU D 877 -11.53 -43.28 -10.30
CA LEU D 877 -11.92 -42.39 -11.37
C LEU D 877 -12.64 -41.18 -10.83
N GLY D 878 -12.38 -40.83 -9.58
CA GLY D 878 -13.08 -39.72 -8.97
C GLY D 878 -14.56 -40.06 -8.85
N LEU D 879 -15.38 -39.33 -9.61
CA LEU D 879 -16.82 -39.48 -9.64
C LEU D 879 -17.47 -39.02 -8.35
N SER D 880 -16.76 -38.22 -7.58
CA SER D 880 -17.33 -37.66 -6.38
C SER D 880 -18.21 -36.47 -6.72
N GLU D 881 -19.13 -36.16 -5.82
CA GLU D 881 -20.01 -35.02 -5.99
C GLU D 881 -20.72 -35.08 -7.34
N MET D 882 -21.15 -36.28 -7.72
CA MET D 882 -21.92 -36.49 -8.93
C MET D 882 -23.18 -37.26 -8.59
N TYR D 883 -24.26 -36.99 -9.30
CA TYR D 883 -25.48 -37.73 -9.08
C TYR D 883 -25.69 -38.78 -10.14
N PHE D 884 -25.93 -40.00 -9.70
CA PHE D 884 -26.15 -41.09 -10.62
C PHE D 884 -27.46 -41.79 -10.33
N ASN D 885 -28.06 -42.35 -11.35
CA ASN D 885 -29.28 -43.11 -11.18
C ASN D 885 -28.96 -44.54 -10.74
N TYR D 886 -29.99 -45.33 -10.51
CA TYR D 886 -29.79 -46.70 -10.02
C TYR D 886 -28.96 -47.55 -10.96
N GLU D 887 -29.32 -47.56 -12.23
CA GLU D 887 -28.64 -48.42 -13.19
C GLU D 887 -27.18 -48.04 -13.30
N THR D 888 -26.91 -46.75 -13.25
CA THR D 888 -25.55 -46.25 -13.33
C THR D 888 -24.76 -46.69 -12.11
N LYS D 889 -25.37 -46.53 -10.94
CA LYS D 889 -24.74 -46.93 -9.70
C LYS D 889 -24.51 -48.43 -9.69
N SER D 890 -25.48 -49.18 -10.16
CA SER D 890 -25.39 -50.63 -10.21
C SER D 890 -24.24 -51.05 -11.12
N ALA D 891 -24.16 -50.41 -12.28
CA ALA D 891 -23.10 -50.70 -13.23
C ALA D 891 -21.74 -50.38 -12.63
N LEU D 892 -21.68 -49.29 -11.88
CA LEU D 892 -20.43 -48.87 -11.26
C LEU D 892 -20.03 -49.87 -10.18
N GLU D 893 -20.99 -50.29 -9.37
CA GLU D 893 -20.73 -51.26 -8.32
C GLU D 893 -20.29 -52.58 -8.93
N THR D 894 -20.90 -52.93 -10.06
CA THR D 894 -20.56 -54.16 -10.75
C THR D 894 -19.09 -54.11 -11.16
N LEU D 895 -18.69 -53.00 -11.75
CA LEU D 895 -17.30 -52.80 -12.15
C LEU D 895 -16.36 -53.04 -10.98
N GLN D 896 -16.73 -52.48 -9.82
CA GLN D 896 -15.91 -52.57 -8.63
C GLN D 896 -15.66 -54.02 -8.22
N GLU D 897 -16.65 -54.88 -8.42
CA GLU D 897 -16.51 -56.29 -8.06
C GLU D 897 -15.89 -57.13 -9.17
N GLU D 898 -16.25 -56.84 -10.42
CA GLU D 898 -15.75 -57.61 -11.55
C GLU D 898 -14.27 -57.41 -11.80
N LYS D 899 -13.78 -56.20 -11.56
CA LYS D 899 -12.39 -55.87 -11.81
C LYS D 899 -11.69 -55.37 -10.55
N PRO D 900 -11.32 -56.26 -9.62
CA PRO D 900 -10.77 -56.00 -8.30
C PRO D 900 -9.39 -55.36 -8.38
N GLU D 901 -8.75 -55.42 -9.54
CA GLU D 901 -7.45 -54.78 -9.72
C GLU D 901 -7.61 -53.27 -9.56
N LEU D 902 -8.83 -52.78 -9.80
CA LEU D 902 -9.13 -51.39 -9.56
C LEU D 902 -9.42 -51.28 -8.08
N THR D 903 -8.35 -51.26 -7.29
CA THR D 903 -8.45 -51.30 -5.85
C THR D 903 -9.46 -50.29 -5.39
N VAL D 904 -9.41 -49.11 -5.99
CA VAL D 904 -10.34 -48.07 -5.71
C VAL D 904 -11.01 -47.60 -7.00
N VAL D 905 -12.31 -47.35 -6.92
CA VAL D 905 -13.09 -46.83 -8.04
C VAL D 905 -13.84 -45.58 -7.59
N PHE D 906 -14.52 -45.72 -6.46
CA PHE D 906 -15.24 -44.66 -5.77
C PHE D 906 -16.58 -44.26 -6.36
N GLU D 907 -17.65 -44.74 -5.74
CA GLU D 907 -18.97 -44.23 -6.04
C GLU D 907 -19.22 -43.08 -5.06
N PRO D 908 -20.01 -42.08 -5.42
CA PRO D 908 -20.37 -40.92 -4.61
C PRO D 908 -21.33 -41.22 -3.47
N SER D 909 -21.92 -42.40 -3.48
CA SER D 909 -22.92 -42.78 -2.49
C SER D 909 -22.32 -42.99 -1.11
C10 7YN E . 1.14 16.15 -42.74
C20 7YN E . 4.71 19.03 -36.37
C22 7YN E . 4.91 18.52 -35.11
C24 7YN E . 6.13 17.69 -34.66
C01 7YN E . 2.12 15.55 -41.68
C02 7YN E . 2.45 15.95 -40.37
C03 7YN E . 2.73 14.42 -42.28
C04 7YN E . 3.39 15.18 -39.61
C05 7YN E . 3.66 13.65 -41.53
C06 7YN E . 4.00 14.04 -40.21
C07 7YN E . 3.97 15.32 -38.17
C08 7YN E . 4.48 13.94 -37.83
C09 7YN E . 4.97 13.42 -39.18
C11 7YN E . 0.86 14.99 -43.68
C12 7YN E . 2.18 14.24 -43.70
C14 7YN E . 2.56 18.18 -39.13
C19 7YN E . 3.52 19.69 -36.36
C23 7YN E . 3.83 18.90 -34.35
C25 7YN E . 5.63 16.34 -34.14
C27 7YN E . 6.93 18.44 -33.57
N13 7YN E . 1.81 17.13 -39.79
N15 7YN E . 1.86 19.34 -38.57
O16 7YN E . 3.74 18.10 -39.02
O18 7YN E . 3.73 21.17 -38.66
O21 7YN E . 2.99 19.61 -35.13
O26 7YN E . 6.97 17.48 -35.76
O28 7YN E . 1.90 21.67 -37.39
S17 7YN E . 2.75 20.55 -37.77
PG ATP F . -7.41 21.16 -42.60
O1G ATP F . -5.99 21.45 -42.39
O2G ATP F . -8.13 21.10 -41.17
O3G ATP F . -8.04 22.36 -43.45
PB ATP F . -7.13 18.54 -42.46
O1B ATP F . -5.73 18.75 -42.02
O2B ATP F . -8.05 18.49 -41.15
O3B ATP F . -7.59 19.78 -43.41
PA ATP F . -8.73 16.78 -43.68
O1A ATP F . -9.16 17.62 -44.82
O2A ATP F . -9.72 17.01 -42.44
O3A ATP F . -7.21 17.13 -43.26
O5' ATP F . -8.86 15.22 -44.06
C5' ATP F . -8.18 14.87 -45.28
C4' ATP F . -8.47 13.38 -45.59
O4' ATP F . -8.12 12.60 -44.43
C3' ATP F . -9.98 13.15 -45.85
O3' ATP F . -10.24 13.08 -47.27
C2' ATP F . -10.25 11.77 -45.23
O2' ATP F . -10.10 10.75 -46.21
C1' ATP F . -9.18 11.65 -44.11
N9 ATP F . -9.77 11.94 -42.79
C8 ATP F . -9.28 12.81 -41.86
N7 ATP F . -9.78 12.56 -40.69
C5 ATP F . -10.65 11.54 -40.78
C6 ATP F . -11.49 10.85 -39.86
N6 ATP F . -11.51 11.20 -38.53
N1 ATP F . -12.26 9.83 -40.32
C2 ATP F . -12.25 9.48 -41.61
N3 ATP F . -11.48 10.10 -42.51
C4 ATP F . -10.66 11.12 -42.14
C10 7YN G . 4.17 -18.81 41.47
C20 7YN G . 1.72 -22.18 34.74
C22 7YN G . 1.79 -21.76 33.44
C24 7YN G . 2.90 -22.06 32.43
C01 7YN G . 4.78 -18.97 40.05
C02 7YN G . 4.18 -19.23 38.78
C03 7YN G . 6.17 -18.80 40.17
C04 7YN G . 5.03 -19.30 37.63
C05 7YN G . 7.01 -18.90 39.04
C06 7YN G . 6.43 -19.13 37.76
C07 7YN G . 4.75 -19.55 36.11
C08 7YN G . 5.96 -18.98 35.39
C09 7YN G . 7.10 -19.27 36.38
C11 7YN G . 5.23 -18.01 42.22
C12 7YN G . 6.51 -18.55 41.65
C14 7YN G . 2.11 -20.51 37.95
C19 7YN G . 0.56 -21.70 35.28
C23 7YN G . 0.65 -20.99 33.20
C25 7YN G . 3.47 -20.73 31.91
C27 7YN G . 2.41 -22.95 31.29
N13 7YN G . 2.72 -19.39 38.68
N15 7YN G . 0.64 -20.65 37.88
O16 7YN G . 2.79 -21.29 37.38
O18 7YN G . 0.33 -23.25 37.53
O21 7YN G . -0.07 -20.99 34.34
O26 7YN G . 3.94 -22.75 33.12
O28 7YN G . -1.49 -21.94 37.07
S17 7YN G . -0.03 -21.94 36.98
PG ATP H . -4.29 -15.59 45.38
O1G ATP H . -3.79 -16.78 44.68
O2G ATP H . -5.19 -14.74 44.35
O3G ATP H . -5.22 -16.08 46.59
PB ATP H . -2.23 -14.11 44.71
O1B ATP H . -1.75 -15.21 43.85
O2B ATP H . -3.14 -13.14 43.82
O3B ATP H . -3.08 -14.70 45.95
PA ATP H . -1.34 -11.99 46.09
O1A ATP H . -1.78 -12.39 47.45
O2A ATP H . -2.53 -11.20 45.37
O3A ATP H . -0.92 -13.30 45.22
O5' ATP H . -0.11 -10.96 46.20
C5' ATP H . 0.99 -11.46 47.01
C4' ATP H . 2.06 -10.36 47.12
O4' ATP H . 2.42 -9.92 45.78
C3' ATP H . 1.51 -9.11 47.86
O3' ATP H . 1.93 -9.11 49.23
C2' ATP H . 2.16 -7.93 47.13
O2' ATP H . 3.37 -7.57 47.79
C1' ATP H . 2.45 -8.47 45.72
N9 ATP H . 1.45 -7.95 44.76
C8 ATP H . 0.71 -8.71 43.88
N7 ATP H . 0.20 -7.95 42.95
C5 ATP H . 0.55 -6.67 43.18
C6 ATP H . 0.28 -5.42 42.53
N6 ATP H . -0.48 -5.37 41.39
N1 ATP H . 0.80 -4.29 43.06
C2 ATP H . 1.54 -4.31 44.18
N3 ATP H . 1.81 -5.46 44.82
C4 ATP H . 1.35 -6.65 44.35
#